data_8K6H
#
_entry.id   8K6H
#
_cell.length_a   78.136
_cell.length_b   81.066
_cell.length_c   81.065
_cell.angle_alpha   70.51
_cell.angle_beta   76.37
_cell.angle_gamma   65.26
#
_symmetry.space_group_name_H-M   'P 1'
#
loop_
_entity.id
_entity.type
_entity.pdbx_description
1 polymer 'Cyanate hydratase'
2 non-polymer 'SULFATE ION'
3 non-polymer 'cyanic acid'
4 water water
#
_entity_poly.entity_id   1
_entity_poly.type   'polypeptide(L)'
_entity_poly.pdbx_seq_one_letter_code
;GSHMMIQSQINRNIRLDLADAILLSKAKKDLSFAEIADGTGLAEAFVTAALLGQQALPADAARLVGAKLDLDEDSILLLQ
MIPLRGCIDDRIPTDPTMYRFYEMLQVYGTTLKALVHEKFGDGIISAINFKLDVKKVADPEGGERAVITLDGKYLPTKPF
;
_entity_poly.pdbx_strand_id   A,B,C,D,E,F,G,H,I,J
#
# COMPACT_ATOMS: atom_id res chain seq x y z
N MET A 5 -1.08 -26.69 -26.31
CA MET A 5 -1.43 -25.29 -26.06
C MET A 5 -0.22 -24.40 -25.86
N ILE A 6 -0.02 -23.49 -26.81
CA ILE A 6 1.05 -22.51 -26.75
C ILE A 6 0.53 -21.09 -26.65
N GLN A 7 -0.80 -20.89 -26.66
CA GLN A 7 -1.37 -19.55 -26.58
C GLN A 7 -1.66 -19.19 -25.13
N SER A 8 -1.33 -17.94 -24.75
CA SER A 8 -1.51 -17.53 -23.36
C SER A 8 -2.02 -16.09 -23.27
N GLN A 9 -2.57 -15.77 -22.11
CA GLN A 9 -3.16 -14.47 -21.84
C GLN A 9 -2.24 -13.62 -20.98
N ILE A 10 -2.42 -12.29 -21.06
CA ILE A 10 -1.63 -11.40 -20.22
C ILE A 10 -2.48 -10.43 -19.41
N ASN A 11 -3.78 -10.41 -19.65
CA ASN A 11 -4.68 -9.53 -18.93
C ASN A 11 -5.81 -10.36 -18.35
N ARG A 12 -5.84 -10.50 -17.02
CA ARG A 12 -6.80 -11.42 -16.40
C ARG A 12 -8.25 -11.02 -16.60
N ASN A 13 -8.53 -9.74 -16.92
CA ASN A 13 -9.92 -9.29 -17.01
C ASN A 13 -10.69 -9.99 -18.13
N ILE A 14 -10.01 -10.41 -19.19
CA ILE A 14 -10.71 -11.10 -20.28
C ILE A 14 -11.33 -12.42 -19.78
N ARG A 15 -10.53 -13.27 -19.15
CA ARG A 15 -11.08 -14.53 -18.65
C ARG A 15 -11.98 -14.33 -17.44
N LEU A 16 -11.74 -13.28 -16.63
CA LEU A 16 -12.64 -13.06 -15.50
C LEU A 16 -13.99 -12.50 -15.95
N ASP A 17 -14.02 -11.68 -17.01
CA ASP A 17 -15.30 -11.27 -17.57
C ASP A 17 -16.05 -12.47 -18.12
N LEU A 18 -15.33 -13.39 -18.78
CA LEU A 18 -15.97 -14.61 -19.25
C LEU A 18 -16.50 -15.43 -18.08
N ALA A 19 -15.77 -15.47 -16.96
CA ALA A 19 -16.26 -16.22 -15.82
C ALA A 19 -17.61 -15.68 -15.34
N ASP A 20 -17.75 -14.36 -15.31
CA ASP A 20 -19.01 -13.74 -14.91
C ASP A 20 -20.15 -14.20 -15.82
N ALA A 21 -19.90 -14.24 -17.13
CA ALA A 21 -20.94 -14.68 -18.06
C ALA A 21 -21.25 -16.16 -17.87
N ILE A 22 -20.23 -16.98 -17.62
CA ILE A 22 -20.44 -18.38 -17.32
C ILE A 22 -21.32 -18.53 -16.09
N LEU A 23 -21.05 -17.73 -15.05
CA LEU A 23 -21.82 -17.87 -13.81
C LEU A 23 -23.28 -17.48 -14.01
N LEU A 24 -23.55 -16.48 -14.85
CA LEU A 24 -24.93 -16.12 -15.14
C LEU A 24 -25.64 -17.24 -15.90
N SER A 25 -25.00 -17.76 -16.95
CA SER A 25 -25.59 -18.88 -17.71
C SER A 25 -25.82 -20.07 -16.80
N LYS A 26 -24.83 -20.41 -15.97
CA LYS A 26 -24.95 -21.50 -15.02
C LYS A 26 -26.15 -21.30 -14.08
N ALA A 27 -26.33 -20.08 -13.58
CA ALA A 27 -27.44 -19.83 -12.67
C ALA A 27 -28.79 -19.94 -13.39
N LYS A 28 -28.88 -19.38 -14.59
CA LYS A 28 -30.14 -19.47 -15.34
C LYS A 28 -30.52 -20.91 -15.62
N LYS A 29 -29.54 -21.79 -15.81
CA LYS A 29 -29.77 -23.19 -16.15
C LYS A 29 -29.82 -24.10 -14.94
N ASP A 30 -29.61 -23.55 -13.73
CA ASP A 30 -29.71 -24.32 -12.49
C ASP A 30 -28.70 -25.45 -12.47
N LEU A 31 -27.48 -25.18 -12.95
CA LEU A 31 -26.43 -26.19 -13.03
C LEU A 31 -25.45 -26.07 -11.87
N SER A 32 -24.90 -27.20 -11.46
CA SER A 32 -23.84 -27.24 -10.48
C SER A 32 -22.49 -27.42 -11.19
N PHE A 33 -21.42 -27.08 -10.47
CA PHE A 33 -20.07 -27.31 -10.98
C PHE A 33 -19.80 -28.81 -11.14
N ALA A 34 -20.32 -29.62 -10.23
CA ALA A 34 -20.18 -31.07 -10.37
C ALA A 34 -20.83 -31.56 -11.65
N GLU A 35 -22.04 -31.07 -11.97
CA GLU A 35 -22.70 -31.48 -13.23
C GLU A 35 -21.92 -31.00 -14.46
N ILE A 36 -21.40 -29.77 -14.42
CA ILE A 36 -20.67 -29.24 -15.56
C ILE A 36 -19.41 -30.07 -15.83
N ALA A 37 -18.72 -30.49 -14.76
CA ALA A 37 -17.50 -31.26 -14.91
C ALA A 37 -17.78 -32.73 -15.23
N ASP A 38 -19.01 -33.18 -15.02
CA ASP A 38 -19.34 -34.59 -15.27
C ASP A 38 -19.14 -34.90 -16.75
N GLY A 39 -18.42 -35.98 -17.03
CA GLY A 39 -18.17 -36.39 -18.39
C GLY A 39 -16.92 -35.82 -19.02
N THR A 40 -16.24 -34.90 -18.34
CA THR A 40 -14.98 -34.36 -18.86
C THR A 40 -13.79 -35.26 -18.55
N GLY A 41 -13.94 -36.19 -17.61
CA GLY A 41 -12.81 -36.95 -17.12
C GLY A 41 -11.89 -36.17 -16.22
N LEU A 42 -12.25 -34.93 -15.86
CA LEU A 42 -11.41 -34.06 -15.07
C LEU A 42 -12.06 -33.77 -13.72
N ALA A 43 -11.21 -33.53 -12.71
CA ALA A 43 -11.67 -33.25 -11.36
C ALA A 43 -12.47 -31.95 -11.31
N GLU A 44 -13.49 -31.94 -10.44
CA GLU A 44 -14.34 -30.76 -10.33
C GLU A 44 -13.55 -29.52 -9.93
N ALA A 45 -12.50 -29.66 -9.12
CA ALA A 45 -11.76 -28.46 -8.75
C ALA A 45 -10.97 -27.92 -9.94
N PHE A 46 -10.48 -28.79 -10.81
CA PHE A 46 -9.75 -28.32 -11.98
C PHE A 46 -10.69 -27.65 -12.98
N VAL A 47 -11.84 -28.28 -13.27
CA VAL A 47 -12.76 -27.70 -14.24
C VAL A 47 -13.34 -26.40 -13.72
N THR A 48 -13.73 -26.38 -12.43
CA THR A 48 -14.25 -25.15 -11.85
C THR A 48 -13.21 -24.04 -11.94
N ALA A 49 -11.96 -24.34 -11.60
CA ALA A 49 -10.91 -23.31 -11.67
C ALA A 49 -10.77 -22.77 -13.09
N ALA A 50 -10.85 -23.64 -14.11
CA ALA A 50 -10.80 -23.20 -15.49
C ALA A 50 -11.95 -22.25 -15.82
N LEU A 51 -13.19 -22.62 -15.44
CA LEU A 51 -14.32 -21.73 -15.67
C LEU A 51 -14.08 -20.36 -15.04
N LEU A 52 -13.45 -20.32 -13.87
CA LEU A 52 -13.21 -19.10 -13.13
C LEU A 52 -11.90 -18.43 -13.52
N GLY A 53 -11.29 -18.85 -14.64
CA GLY A 53 -10.17 -18.13 -15.20
C GLY A 53 -8.79 -18.56 -14.75
N GLN A 54 -8.66 -19.68 -14.03
CA GLN A 54 -7.41 -20.02 -13.35
C GLN A 54 -6.75 -21.29 -13.86
N GLN A 55 -7.32 -21.94 -14.87
CA GLN A 55 -6.72 -23.09 -15.52
C GLN A 55 -7.15 -23.06 -16.98
N ALA A 56 -6.50 -23.88 -17.80
CA ALA A 56 -6.82 -24.03 -19.22
C ALA A 56 -7.51 -25.37 -19.44
N LEU A 57 -8.66 -25.36 -20.10
CA LEU A 57 -9.27 -26.65 -20.42
C LEU A 57 -8.70 -27.24 -21.71
N PRO A 58 -8.46 -28.55 -21.72
CA PRO A 58 -8.24 -29.22 -23.00
C PRO A 58 -9.45 -29.04 -23.90
N ALA A 59 -9.21 -29.18 -25.21
CA ALA A 59 -10.22 -28.80 -26.20
C ALA A 59 -11.51 -29.58 -26.02
N ASP A 60 -11.43 -30.90 -25.82
CA ASP A 60 -12.66 -31.69 -25.71
C ASP A 60 -13.47 -31.25 -24.49
N ALA A 61 -12.80 -30.96 -23.37
CA ALA A 61 -13.52 -30.52 -22.19
C ALA A 61 -14.12 -29.14 -22.39
N ALA A 62 -13.39 -28.22 -23.02
CA ALA A 62 -13.93 -26.89 -23.30
C ALA A 62 -15.17 -26.98 -24.16
N ARG A 63 -15.19 -27.89 -25.13
CA ARG A 63 -16.36 -27.99 -25.99
C ARG A 63 -17.53 -28.59 -25.24
N LEU A 64 -17.25 -29.55 -24.35
CA LEU A 64 -18.31 -30.15 -23.56
C LEU A 64 -18.96 -29.15 -22.60
N VAL A 65 -18.14 -28.44 -21.82
CA VAL A 65 -18.73 -27.46 -20.91
C VAL A 65 -19.33 -26.31 -21.70
N GLY A 66 -18.77 -25.98 -22.87
CA GLY A 66 -19.34 -24.93 -23.68
C GLY A 66 -20.74 -25.28 -24.17
N ALA A 67 -20.95 -26.54 -24.54
CA ALA A 67 -22.29 -26.97 -24.95
C ALA A 67 -23.27 -26.87 -23.79
N LYS A 68 -22.84 -27.30 -22.59
CA LYS A 68 -23.73 -27.29 -21.43
C LYS A 68 -24.15 -25.88 -21.06
N LEU A 69 -23.23 -24.92 -21.19
CA LEU A 69 -23.46 -23.55 -20.78
C LEU A 69 -23.85 -22.64 -21.94
N ASP A 70 -23.95 -23.18 -23.16
CA ASP A 70 -24.35 -22.45 -24.36
C ASP A 70 -23.42 -21.27 -24.62
N LEU A 71 -22.12 -21.55 -24.59
CA LEU A 71 -21.11 -20.53 -24.84
C LEU A 71 -20.85 -20.41 -26.33
N ASP A 72 -20.50 -19.20 -26.77
CA ASP A 72 -20.13 -18.96 -28.15
C ASP A 72 -18.70 -19.45 -28.43
N GLU A 73 -18.30 -19.38 -29.71
CA GLU A 73 -17.04 -20.00 -30.11
C GLU A 73 -15.84 -19.25 -29.57
N ASP A 74 -15.92 -17.92 -29.49
CA ASP A 74 -14.83 -17.16 -28.91
C ASP A 74 -14.62 -17.56 -27.44
N SER A 75 -15.71 -17.86 -26.73
CA SER A 75 -15.60 -18.25 -25.31
C SER A 75 -15.02 -19.65 -25.15
N ILE A 76 -15.40 -20.58 -26.03
CA ILE A 76 -14.85 -21.92 -25.97
C ILE A 76 -13.35 -21.89 -26.26
N LEU A 77 -12.92 -21.01 -27.18
CA LEU A 77 -11.49 -20.85 -27.44
C LEU A 77 -10.80 -20.23 -26.24
N LEU A 78 -11.41 -19.20 -25.63
CA LEU A 78 -10.78 -18.53 -24.48
C LEU A 78 -10.53 -19.49 -23.33
N LEU A 79 -11.46 -20.41 -23.09
CA LEU A 79 -11.27 -21.38 -22.01
C LEU A 79 -10.07 -22.28 -22.22
N GLN A 80 -9.57 -22.41 -23.46
CA GLN A 80 -8.43 -23.25 -23.77
C GLN A 80 -7.10 -22.51 -23.66
N MET A 81 -7.13 -21.19 -23.58
CA MET A 81 -5.91 -20.38 -23.46
C MET A 81 -5.32 -20.52 -22.06
N ILE A 82 -4.00 -20.47 -22.00
CA ILE A 82 -3.32 -20.47 -20.70
C ILE A 82 -3.57 -19.12 -20.04
N PRO A 83 -4.08 -19.09 -18.82
CA PRO A 83 -4.53 -17.83 -18.23
C PRO A 83 -3.39 -17.03 -17.59
N LEU A 84 -3.71 -15.75 -17.36
CA LEU A 84 -2.97 -14.89 -16.45
C LEU A 84 -3.62 -15.10 -15.10
N ARG A 85 -3.00 -15.94 -14.27
CA ARG A 85 -3.65 -16.40 -13.04
C ARG A 85 -3.59 -15.37 -11.93
N GLY A 86 -4.58 -15.44 -11.05
CA GLY A 86 -4.69 -14.57 -9.90
C GLY A 86 -6.14 -14.19 -9.71
N CYS A 87 -6.84 -14.88 -8.81
CA CYS A 87 -8.28 -14.71 -8.67
C CYS A 87 -8.67 -13.66 -7.63
N ILE A 88 -7.74 -13.23 -6.79
CA ILE A 88 -8.04 -12.28 -5.73
C ILE A 88 -8.00 -10.87 -6.31
N ASP A 89 -9.06 -10.09 -6.04
CA ASP A 89 -9.17 -8.74 -6.59
C ASP A 89 -7.95 -7.90 -6.24
N ASP A 90 -7.64 -7.78 -4.94
CA ASP A 90 -6.56 -6.92 -4.46
C ASP A 90 -5.85 -7.58 -3.28
N ARG A 91 -5.16 -8.69 -3.58
CA ARG A 91 -4.16 -9.33 -2.73
C ARG A 91 -4.72 -10.05 -1.50
N ILE A 92 -5.65 -9.42 -0.77
CA ILE A 92 -6.24 -10.01 0.43
C ILE A 92 -7.74 -10.09 0.18
N PRO A 93 -8.36 -11.26 0.29
CA PRO A 93 -9.80 -11.34 0.02
C PRO A 93 -10.61 -10.52 1.00
N THR A 94 -11.69 -9.91 0.51
CA THR A 94 -12.70 -9.32 1.38
C THR A 94 -13.80 -10.30 1.73
N ASP A 95 -14.05 -11.28 0.87
CA ASP A 95 -15.16 -12.19 1.07
C ASP A 95 -14.88 -13.12 2.25
N PRO A 96 -15.81 -13.25 3.20
CA PRO A 96 -15.55 -14.11 4.38
C PRO A 96 -15.15 -15.53 4.02
N THR A 97 -15.84 -16.15 3.06
CA THR A 97 -15.54 -17.55 2.73
C THR A 97 -14.11 -17.71 2.23
N MET A 98 -13.68 -16.80 1.37
CA MET A 98 -12.33 -16.82 0.84
C MET A 98 -11.34 -16.38 1.93
N TYR A 99 -11.74 -15.41 2.76
CA TYR A 99 -10.83 -14.89 3.77
C TYR A 99 -10.38 -15.97 4.75
N ARG A 100 -11.27 -16.92 5.11
CA ARG A 100 -10.85 -17.91 6.10
C ARG A 100 -9.63 -18.70 5.64
N PHE A 101 -9.47 -18.92 4.33
CA PHE A 101 -8.30 -19.64 3.86
C PHE A 101 -7.03 -18.78 3.95
N TYR A 102 -7.17 -17.46 3.79
CA TYR A 102 -6.05 -16.56 4.06
C TYR A 102 -5.74 -16.54 5.55
N GLU A 103 -6.76 -16.53 6.42
CA GLU A 103 -6.49 -16.54 7.85
C GLU A 103 -5.74 -17.80 8.27
N MET A 104 -6.06 -18.94 7.66
CA MET A 104 -5.31 -20.17 7.96
C MET A 104 -3.83 -19.96 7.71
N LEU A 105 -3.48 -19.18 6.68
CA LEU A 105 -2.07 -18.85 6.42
C LEU A 105 -1.51 -17.89 7.48
N GLN A 106 -2.30 -16.92 7.93
CA GLN A 106 -1.82 -16.02 8.97
C GLN A 106 -1.58 -16.75 10.29
N VAL A 107 -2.34 -17.80 10.56
CA VAL A 107 -2.19 -18.53 11.82
C VAL A 107 -1.15 -19.63 11.70
N TYR A 108 -1.19 -20.39 10.60
CA TYR A 108 -0.37 -21.59 10.47
C TYR A 108 0.74 -21.49 9.43
N GLY A 109 0.93 -20.34 8.79
CA GLY A 109 1.93 -20.25 7.72
C GLY A 109 3.33 -20.64 8.16
N THR A 110 3.78 -20.11 9.31
CA THR A 110 5.12 -20.46 9.77
C THR A 110 5.19 -21.87 10.31
N THR A 111 4.05 -22.41 10.80
CA THR A 111 4.00 -23.81 11.19
C THR A 111 4.11 -24.74 9.99
N LEU A 112 3.43 -24.40 8.90
CA LEU A 112 3.59 -25.18 7.68
C LEU A 112 5.04 -25.15 7.21
N LYS A 113 5.67 -23.96 7.22
CA LYS A 113 7.07 -23.88 6.83
C LYS A 113 7.92 -24.79 7.72
N ALA A 114 7.77 -24.66 9.05
CA ALA A 114 8.60 -25.40 9.98
C ALA A 114 8.44 -26.89 9.83
N LEU A 115 7.18 -27.36 9.74
CA LEU A 115 6.94 -28.79 9.60
C LEU A 115 7.36 -29.33 8.24
N VAL A 116 7.23 -28.52 7.18
CA VAL A 116 7.74 -28.97 5.88
C VAL A 116 9.25 -29.15 5.93
N HIS A 117 9.97 -28.19 6.55
CA HIS A 117 11.42 -28.36 6.61
C HIS A 117 11.82 -29.52 7.52
N GLU A 118 11.01 -29.81 8.55
CA GLU A 118 11.33 -30.93 9.42
C GLU A 118 11.12 -32.27 8.73
N LYS A 119 10.01 -32.43 8.00
CA LYS A 119 9.67 -33.73 7.43
C LYS A 119 10.34 -33.99 6.10
N PHE A 120 10.63 -32.94 5.34
CA PHE A 120 11.16 -33.07 3.99
C PHE A 120 12.56 -32.48 3.85
N GLY A 121 12.80 -31.30 4.39
CA GLY A 121 14.05 -30.60 4.24
C GLY A 121 13.83 -29.21 3.67
N ASP A 122 14.93 -28.55 3.34
CA ASP A 122 14.85 -27.23 2.70
C ASP A 122 14.19 -27.39 1.32
N GLY A 123 13.44 -26.36 0.93
CA GLY A 123 12.72 -26.40 -0.32
C GLY A 123 11.28 -25.99 -0.12
N ILE A 124 10.40 -26.48 -0.99
CA ILE A 124 9.00 -26.08 -1.00
C ILE A 124 8.11 -27.29 -1.21
N ILE A 125 6.84 -27.13 -0.85
CA ILE A 125 5.76 -27.95 -1.38
C ILE A 125 5.20 -27.23 -2.60
N SER A 126 5.19 -27.92 -3.74
CA SER A 126 4.82 -27.31 -5.02
C SER A 126 3.36 -26.88 -5.08
N ALA A 127 3.12 -25.70 -5.68
CA ALA A 127 1.77 -25.29 -6.04
C ALA A 127 1.48 -25.58 -7.51
N ILE A 128 2.37 -26.30 -8.18
CA ILE A 128 2.27 -26.59 -9.61
C ILE A 128 2.06 -28.08 -9.86
N ASN A 129 2.98 -28.90 -9.34
CA ASN A 129 2.76 -30.34 -9.26
C ASN A 129 1.89 -30.55 -8.02
N PHE A 130 0.58 -30.36 -8.21
CA PHE A 130 -0.29 -30.02 -7.10
C PHE A 130 -1.73 -30.35 -7.47
N LYS A 131 -2.45 -30.98 -6.53
CA LYS A 131 -3.87 -31.24 -6.67
C LYS A 131 -4.56 -30.75 -5.40
N LEU A 132 -5.77 -30.23 -5.54
CA LEU A 132 -6.59 -30.07 -4.34
C LEU A 132 -7.99 -30.61 -4.59
N ASP A 133 -8.64 -30.98 -3.50
CA ASP A 133 -10.03 -31.36 -3.58
C ASP A 133 -10.74 -30.98 -2.30
N VAL A 134 -12.06 -30.88 -2.42
CA VAL A 134 -12.93 -30.47 -1.33
C VAL A 134 -13.92 -31.60 -1.10
N LYS A 135 -13.97 -32.10 0.13
CA LYS A 135 -14.84 -33.20 0.53
C LYS A 135 -15.79 -32.74 1.63
N LYS A 136 -17.08 -33.00 1.46
CA LYS A 136 -18.06 -32.78 2.53
C LYS A 136 -18.22 -34.04 3.37
N VAL A 137 -18.05 -33.91 4.69
CA VAL A 137 -18.22 -35.03 5.61
C VAL A 137 -19.07 -34.64 6.80
N ALA A 138 -19.55 -35.64 7.51
CA ALA A 138 -20.23 -35.42 8.77
C ALA A 138 -19.25 -34.91 9.82
N ASP A 139 -19.69 -33.94 10.60
CA ASP A 139 -18.99 -33.61 11.84
C ASP A 139 -19.41 -34.61 12.92
N PRO A 140 -18.49 -35.37 13.51
CA PRO A 140 -18.90 -36.37 14.50
C PRO A 140 -19.63 -35.80 15.71
N GLU A 141 -19.63 -34.49 15.93
CA GLU A 141 -20.44 -33.92 17.00
C GLU A 141 -21.78 -33.39 16.52
N GLY A 142 -22.02 -33.37 15.23
CA GLY A 142 -23.22 -32.69 14.82
C GLY A 142 -22.76 -31.67 13.79
N GLY A 143 -23.43 -31.71 12.65
CA GLY A 143 -23.15 -30.78 11.59
C GLY A 143 -22.29 -31.40 10.50
N GLU A 144 -21.72 -30.52 9.68
CA GLU A 144 -20.93 -30.93 8.54
C GLU A 144 -19.59 -30.22 8.56
N ARG A 145 -18.59 -30.87 7.96
CA ARG A 145 -17.25 -30.31 7.85
C ARG A 145 -16.77 -30.41 6.41
N ALA A 146 -15.84 -29.54 6.06
CA ALA A 146 -15.13 -29.65 4.80
C ALA A 146 -13.72 -30.14 5.10
N VAL A 147 -13.30 -31.20 4.39
CA VAL A 147 -11.94 -31.71 4.43
C VAL A 147 -11.32 -31.31 3.10
N ILE A 148 -10.38 -30.37 3.16
CA ILE A 148 -9.75 -29.83 1.96
C ILE A 148 -8.32 -30.33 1.95
N THR A 149 -7.97 -31.06 0.89
CA THR A 149 -6.69 -31.74 0.77
C THR A 149 -5.84 -30.99 -0.24
N LEU A 150 -4.70 -30.49 0.23
CA LEU A 150 -3.64 -29.89 -0.60
C LEU A 150 -2.55 -30.93 -0.78
N ASP A 151 -2.31 -31.34 -2.03
CA ASP A 151 -1.41 -32.47 -2.34
C ASP A 151 -0.34 -31.98 -3.32
N GLY A 152 0.86 -31.72 -2.81
CA GLY A 152 1.90 -31.12 -3.61
C GLY A 152 3.22 -31.86 -3.51
N LYS A 153 3.92 -31.93 -4.63
CA LYS A 153 5.26 -32.53 -4.65
C LYS A 153 6.23 -31.72 -3.80
N TYR A 154 7.07 -32.42 -3.04
CA TYR A 154 8.20 -31.77 -2.38
C TYR A 154 9.33 -31.54 -3.39
N LEU A 155 9.73 -30.28 -3.54
CA LEU A 155 10.87 -29.91 -4.36
C LEU A 155 12.00 -29.41 -3.46
N PRO A 156 13.13 -30.11 -3.39
CA PRO A 156 14.16 -29.73 -2.43
C PRO A 156 15.02 -28.56 -2.90
N THR A 157 15.55 -27.84 -1.93
CA THR A 157 16.58 -26.83 -2.14
C THR A 157 17.91 -27.40 -1.66
N LYS A 158 18.86 -27.53 -2.57
CA LYS A 158 20.17 -28.10 -2.29
C LYS A 158 21.24 -27.16 -2.77
N PRO A 159 22.46 -27.27 -2.22
CA PRO A 159 23.56 -26.45 -2.73
C PRO A 159 23.90 -26.76 -4.18
N PHE A 160 24.51 -25.78 -4.83
N PHE A 160 24.49 -25.76 -4.83
CA PHE A 160 25.10 -26.00 -6.15
CA PHE A 160 25.12 -25.98 -6.14
C PHE A 160 26.45 -25.30 -6.25
C PHE A 160 26.45 -25.25 -6.14
N MET B 5 -29.77 -22.79 -2.25
CA MET B 5 -29.02 -21.95 -3.18
C MET B 5 -27.59 -22.46 -3.29
N ILE B 6 -27.19 -22.87 -4.50
CA ILE B 6 -25.84 -23.34 -4.76
C ILE B 6 -25.06 -22.43 -5.69
N GLN B 7 -25.68 -21.34 -6.18
CA GLN B 7 -25.04 -20.43 -7.13
C GLN B 7 -24.37 -19.29 -6.38
N SER B 8 -23.15 -18.94 -6.81
CA SER B 8 -22.41 -17.88 -6.14
C SER B 8 -21.65 -17.03 -7.16
N GLN B 9 -21.31 -15.82 -6.72
CA GLN B 9 -20.63 -14.78 -7.47
C GLN B 9 -19.15 -14.73 -7.10
N ILE B 10 -18.32 -14.23 -8.02
CA ILE B 10 -16.89 -14.07 -7.71
C ILE B 10 -16.39 -12.65 -7.96
N ASN B 11 -17.23 -11.79 -8.55
CA ASN B 11 -16.86 -10.41 -8.85
C ASN B 11 -17.91 -9.50 -8.23
N ARG B 12 -17.53 -8.77 -7.17
CA ARG B 12 -18.52 -7.99 -6.45
C ARG B 12 -19.16 -6.90 -7.30
N ASN B 13 -18.53 -6.50 -8.41
CA ASN B 13 -19.05 -5.37 -9.18
C ASN B 13 -20.41 -5.66 -9.81
N ILE B 14 -20.71 -6.93 -10.09
CA ILE B 14 -22.02 -7.25 -10.67
C ILE B 14 -23.14 -6.88 -9.70
N ARG B 15 -23.04 -7.36 -8.45
CA ARG B 15 -24.09 -7.06 -7.48
C ARG B 15 -24.02 -5.63 -6.98
N LEU B 16 -22.84 -5.00 -7.01
CA LEU B 16 -22.77 -3.61 -6.58
C LEU B 16 -23.32 -2.66 -7.64
N ASP B 17 -23.16 -2.98 -8.92
CA ASP B 17 -23.83 -2.21 -9.96
C ASP B 17 -25.34 -2.36 -9.82
N LEU B 18 -25.82 -3.57 -9.52
CA LEU B 18 -27.25 -3.73 -9.28
C LEU B 18 -27.71 -2.89 -8.10
N ALA B 19 -26.90 -2.84 -7.04
CA ALA B 19 -27.27 -2.03 -5.89
C ALA B 19 -27.49 -0.57 -6.28
N ASP B 20 -26.60 -0.01 -7.10
CA ASP B 20 -26.76 1.37 -7.55
C ASP B 20 -28.08 1.55 -8.28
N ALA B 21 -28.43 0.59 -9.14
CA ALA B 21 -29.69 0.67 -9.87
C ALA B 21 -30.87 0.56 -8.91
N ILE B 22 -30.78 -0.35 -7.93
CA ILE B 22 -31.81 -0.46 -6.91
C ILE B 22 -31.98 0.87 -6.17
N LEU B 23 -30.85 1.52 -5.83
CA LEU B 23 -30.94 2.75 -5.06
C LEU B 23 -31.59 3.87 -5.86
N LEU B 24 -31.34 3.92 -7.17
CA LEU B 24 -31.99 4.96 -7.97
C LEU B 24 -33.48 4.72 -8.08
N SER B 25 -33.89 3.47 -8.35
CA SER B 25 -35.31 3.13 -8.37
C SER B 25 -35.96 3.42 -7.04
N LYS B 26 -35.29 3.04 -5.95
CA LYS B 26 -35.80 3.29 -4.61
C LYS B 26 -36.02 4.78 -4.35
N ALA B 27 -35.07 5.62 -4.80
CA ALA B 27 -35.20 7.06 -4.61
C ALA B 27 -36.35 7.62 -5.45
N LYS B 28 -36.48 7.16 -6.69
CA LYS B 28 -37.57 7.63 -7.54
C LYS B 28 -38.93 7.27 -6.96
N LYS B 29 -39.02 6.12 -6.31
CA LYS B 29 -40.26 5.65 -5.71
C LYS B 29 -40.48 6.14 -4.28
N ASP B 30 -39.54 6.91 -3.72
CA ASP B 30 -39.67 7.44 -2.37
C ASP B 30 -39.88 6.34 -1.33
N LEU B 31 -39.14 5.25 -1.47
CA LEU B 31 -39.27 4.08 -0.59
C LEU B 31 -38.18 4.10 0.47
N SER B 32 -38.51 3.60 1.66
CA SER B 32 -37.53 3.33 2.70
C SER B 32 -37.13 1.86 2.69
N PHE B 33 -36.01 1.56 3.37
CA PHE B 33 -35.61 0.17 3.51
C PHE B 33 -36.56 -0.61 4.40
N ALA B 34 -37.16 0.06 5.39
CA ALA B 34 -38.14 -0.61 6.24
C ALA B 34 -39.36 -1.06 5.44
N GLU B 35 -39.86 -0.22 4.54
CA GLU B 35 -41.02 -0.67 3.80
C GLU B 35 -40.66 -1.69 2.72
N ILE B 36 -39.46 -1.61 2.14
CA ILE B 36 -39.05 -2.65 1.20
C ILE B 36 -38.99 -4.00 1.90
N ALA B 37 -38.45 -4.03 3.13
CA ALA B 37 -38.34 -5.29 3.87
C ALA B 37 -39.68 -5.73 4.46
N ASP B 38 -40.66 -4.83 4.52
CA ASP B 38 -41.95 -5.17 5.09
C ASP B 38 -42.65 -6.25 4.27
N GLY B 39 -43.12 -7.29 4.96
CA GLY B 39 -43.78 -8.41 4.33
C GLY B 39 -42.87 -9.54 3.93
N THR B 40 -41.55 -9.37 4.04
CA THR B 40 -40.63 -10.45 3.72
C THR B 40 -40.46 -11.44 4.87
N GLY B 41 -40.84 -11.05 6.09
CA GLY B 41 -40.51 -11.86 7.24
C GLY B 41 -39.06 -11.81 7.65
N LEU B 42 -38.27 -10.91 7.06
CA LEU B 42 -36.85 -10.83 7.30
C LEU B 42 -36.50 -9.45 7.86
N ALA B 43 -35.48 -9.41 8.71
CA ALA B 43 -35.07 -8.18 9.38
C ALA B 43 -34.59 -7.14 8.36
N GLU B 44 -34.83 -5.86 8.68
CA GLU B 44 -34.42 -4.80 7.76
C GLU B 44 -32.91 -4.82 7.52
N ALA B 45 -32.10 -5.19 8.53
CA ALA B 45 -30.66 -5.20 8.31
C ALA B 45 -30.27 -6.27 7.30
N PHE B 46 -30.95 -7.41 7.34
CA PHE B 46 -30.62 -8.49 6.41
C PHE B 46 -31.07 -8.17 4.99
N VAL B 47 -32.30 -7.67 4.84
CA VAL B 47 -32.81 -7.35 3.52
C VAL B 47 -32.01 -6.21 2.90
N THR B 48 -31.75 -5.17 3.69
CA THR B 48 -30.97 -4.04 3.19
C THR B 48 -29.59 -4.52 2.73
N ALA B 49 -28.92 -5.36 3.54
CA ALA B 49 -27.61 -5.87 3.16
C ALA B 49 -27.68 -6.62 1.83
N ALA B 50 -28.73 -7.42 1.64
CA ALA B 50 -28.90 -8.13 0.37
C ALA B 50 -29.03 -7.17 -0.80
N LEU B 51 -29.88 -6.15 -0.66
CA LEU B 51 -30.00 -5.16 -1.73
C LEU B 51 -28.66 -4.55 -2.07
N LEU B 52 -27.83 -4.31 -1.05
CA LEU B 52 -26.53 -3.68 -1.22
C LEU B 52 -25.44 -4.69 -1.52
N GLY B 53 -25.81 -5.93 -1.86
CA GLY B 53 -24.86 -6.89 -2.40
C GLY B 53 -24.16 -7.77 -1.39
N GLN B 54 -24.60 -7.81 -0.13
CA GLN B 54 -23.85 -8.46 0.93
C GLN B 54 -24.56 -9.64 1.57
N GLN B 55 -25.75 -10.00 1.07
CA GLN B 55 -26.45 -11.20 1.49
C GLN B 55 -27.23 -11.72 0.28
N ALA B 56 -27.74 -12.93 0.42
CA ALA B 56 -28.56 -13.56 -0.61
C ALA B 56 -30.00 -13.60 -0.13
N LEU B 57 -30.93 -13.16 -0.98
CA LEU B 57 -32.33 -13.26 -0.60
C LEU B 57 -32.90 -14.63 -0.98
N PRO B 58 -33.71 -15.23 -0.12
CA PRO B 58 -34.50 -16.38 -0.57
C PRO B 58 -35.45 -15.96 -1.68
N ALA B 59 -35.88 -16.94 -2.47
CA ALA B 59 -36.57 -16.65 -3.71
C ALA B 59 -37.84 -15.83 -3.49
N ASP B 60 -38.61 -16.15 -2.44
CA ASP B 60 -39.86 -15.43 -2.22
C ASP B 60 -39.60 -13.96 -1.91
N ALA B 61 -38.63 -13.68 -1.04
CA ALA B 61 -38.32 -12.29 -0.72
C ALA B 61 -37.74 -11.56 -1.92
N ALA B 62 -36.95 -12.24 -2.75
CA ALA B 62 -36.39 -11.61 -3.95
C ALA B 62 -37.50 -11.19 -4.91
N ARG B 63 -38.49 -12.05 -5.11
CA ARG B 63 -39.60 -11.69 -5.99
C ARG B 63 -40.42 -10.56 -5.39
N LEU B 64 -40.56 -10.53 -4.07
CA LEU B 64 -41.32 -9.46 -3.43
C LEU B 64 -40.63 -8.11 -3.58
N VAL B 65 -39.35 -8.03 -3.23
CA VAL B 65 -38.67 -6.73 -3.33
C VAL B 65 -38.46 -6.36 -4.80
N GLY B 66 -38.31 -7.34 -5.68
CA GLY B 66 -38.16 -7.03 -7.09
C GLY B 66 -39.42 -6.41 -7.67
N ALA B 67 -40.58 -6.86 -7.21
CA ALA B 67 -41.83 -6.23 -7.65
C ALA B 67 -41.92 -4.80 -7.13
N LYS B 68 -41.50 -4.57 -5.89
CA LYS B 68 -41.59 -3.24 -5.31
C LYS B 68 -40.70 -2.24 -6.03
N LEU B 69 -39.58 -2.70 -6.58
CA LEU B 69 -38.57 -1.84 -7.18
C LEU B 69 -38.53 -1.91 -8.70
N ASP B 70 -39.43 -2.68 -9.32
CA ASP B 70 -39.49 -2.80 -10.79
C ASP B 70 -38.21 -3.39 -11.37
N LEU B 71 -37.67 -4.41 -10.70
CA LEU B 71 -36.45 -5.05 -11.19
C LEU B 71 -36.80 -6.07 -12.26
N ASP B 72 -35.90 -6.23 -13.21
CA ASP B 72 -36.09 -7.24 -14.25
C ASP B 72 -35.74 -8.63 -13.71
N GLU B 73 -35.98 -9.66 -14.53
CA GLU B 73 -35.82 -11.02 -14.02
C GLU B 73 -34.37 -11.38 -13.76
N ASP B 74 -33.45 -10.88 -14.59
CA ASP B 74 -32.03 -11.10 -14.32
C ASP B 74 -31.65 -10.56 -12.94
N SER B 75 -32.20 -9.41 -12.57
CA SER B 75 -31.84 -8.78 -11.29
C SER B 75 -32.46 -9.50 -10.11
N ILE B 76 -33.70 -9.97 -10.28
CA ILE B 76 -34.32 -10.79 -9.23
C ILE B 76 -33.52 -12.07 -9.01
N LEU B 77 -33.03 -12.68 -10.10
CA LEU B 77 -32.16 -13.84 -9.96
C LEU B 77 -30.85 -13.48 -9.27
N LEU B 78 -30.24 -12.36 -9.67
CA LEU B 78 -28.96 -11.97 -9.08
C LEU B 78 -29.06 -11.77 -7.58
N LEU B 79 -30.18 -11.22 -7.08
CA LEU B 79 -30.36 -11.00 -5.65
C LEU B 79 -30.37 -12.31 -4.86
N GLN B 80 -30.66 -13.43 -5.53
CA GLN B 80 -30.69 -14.74 -4.88
C GLN B 80 -29.34 -15.42 -4.85
N MET B 81 -28.38 -14.92 -5.62
CA MET B 81 -27.05 -15.52 -5.68
C MET B 81 -26.26 -15.20 -4.43
N ILE B 82 -25.42 -16.15 -4.05
CA ILE B 82 -24.54 -15.91 -2.90
C ILE B 82 -23.46 -14.92 -3.31
N PRO B 83 -23.29 -13.81 -2.59
CA PRO B 83 -22.42 -12.75 -3.10
C PRO B 83 -20.94 -12.98 -2.82
N LEU B 84 -20.14 -12.21 -3.54
CA LEU B 84 -18.74 -11.96 -3.22
C LEU B 84 -18.77 -10.75 -2.31
N ARG B 85 -18.68 -10.99 -1.01
CA ARG B 85 -18.92 -9.94 -0.03
C ARG B 85 -17.71 -9.04 0.14
N GLY B 86 -18.00 -7.80 0.53
CA GLY B 86 -17.01 -6.77 0.80
C GLY B 86 -17.53 -5.45 0.26
N CYS B 87 -18.07 -4.60 1.14
CA CYS B 87 -18.73 -3.38 0.71
C CYS B 87 -17.81 -2.17 0.68
N ILE B 88 -16.61 -2.26 1.26
CA ILE B 88 -15.73 -1.09 1.34
C ILE B 88 -14.94 -1.00 0.04
N ASP B 89 -14.94 0.18 -0.58
CA ASP B 89 -14.24 0.34 -1.85
C ASP B 89 -12.78 -0.11 -1.76
N ASP B 90 -12.01 0.45 -0.80
CA ASP B 90 -10.58 0.15 -0.69
C ASP B 90 -10.16 0.10 0.79
N ARG B 91 -10.64 -0.94 1.48
CA ARG B 91 -10.21 -1.40 2.79
C ARG B 91 -10.58 -0.50 3.96
N ILE B 92 -10.32 0.80 3.85
CA ILE B 92 -10.65 1.78 4.88
C ILE B 92 -11.71 2.70 4.30
N PRO B 93 -12.87 2.88 4.95
CA PRO B 93 -13.88 3.76 4.36
C PRO B 93 -13.40 5.19 4.28
N THR B 94 -13.83 5.87 3.21
CA THR B 94 -13.69 7.33 3.15
C THR B 94 -14.91 8.08 3.69
N ASP B 95 -16.09 7.46 3.63
CA ASP B 95 -17.32 8.11 4.03
C ASP B 95 -17.33 8.32 5.54
N PRO B 96 -17.58 9.54 6.03
CA PRO B 96 -17.58 9.76 7.49
C PRO B 96 -18.51 8.83 8.26
N THR B 97 -19.70 8.56 7.72
CA THR B 97 -20.65 7.72 8.45
C THR B 97 -20.12 6.30 8.61
N MET B 98 -19.59 5.72 7.54
CA MET B 98 -18.97 4.42 7.71
C MET B 98 -17.67 4.49 8.49
N TYR B 99 -16.89 5.57 8.33
CA TYR B 99 -15.58 5.62 8.98
C TYR B 99 -15.70 5.53 10.49
N ARG B 100 -16.75 6.12 11.08
CA ARG B 100 -16.84 6.09 12.54
C ARG B 100 -16.84 4.67 13.08
N PHE B 101 -17.42 3.72 12.34
CA PHE B 101 -17.42 2.34 12.80
C PHE B 101 -16.04 1.71 12.69
N TYR B 102 -15.25 2.12 11.69
CA TYR B 102 -13.84 1.74 11.63
C TYR B 102 -13.06 2.36 12.80
N GLU B 103 -13.33 3.64 13.11
CA GLU B 103 -12.63 4.26 14.24
C GLU B 103 -12.93 3.55 15.55
N MET B 104 -14.17 3.08 15.74
CA MET B 104 -14.50 2.30 16.92
C MET B 104 -13.56 1.11 17.06
N LEU B 105 -13.17 0.50 15.93
CA LEU B 105 -12.22 -0.61 15.97
CA LEU B 105 -12.21 -0.61 15.93
C LEU B 105 -10.80 -0.13 16.26
N GLN B 106 -10.41 1.04 15.72
CA GLN B 106 -9.09 1.57 16.06
C GLN B 106 -8.97 1.92 17.54
N VAL B 107 -10.06 2.34 18.19
CA VAL B 107 -10.00 2.68 19.61
C VAL B 107 -10.23 1.46 20.49
N TYR B 108 -11.21 0.62 20.15
CA TYR B 108 -11.64 -0.45 21.06
C TYR B 108 -11.30 -1.85 20.58
N GLY B 109 -10.57 -1.99 19.46
CA GLY B 109 -10.34 -3.33 18.91
C GLY B 109 -9.62 -4.25 19.87
N THR B 110 -8.57 -3.75 20.54
CA THR B 110 -7.85 -4.60 21.48
C THR B 110 -8.63 -4.80 22.78
N THR B 111 -9.50 -3.85 23.15
CA THR B 111 -10.37 -4.03 24.30
C THR B 111 -11.42 -5.10 24.03
N LEU B 112 -11.97 -5.10 22.81
CA LEU B 112 -12.91 -6.17 22.43
C LEU B 112 -12.23 -7.53 22.50
N LYS B 113 -11.02 -7.64 21.95
CA LYS B 113 -10.28 -8.89 22.08
C LYS B 113 -10.07 -9.26 23.54
N ALA B 114 -9.57 -8.31 24.34
CA ALA B 114 -9.26 -8.61 25.74
C ALA B 114 -10.49 -9.08 26.50
N LEU B 115 -11.62 -8.37 26.33
CA LEU B 115 -12.83 -8.71 27.07
C LEU B 115 -13.49 -9.99 26.54
N VAL B 116 -13.35 -10.27 25.24
CA VAL B 116 -13.84 -11.56 24.75
C VAL B 116 -13.06 -12.71 25.37
N HIS B 117 -11.74 -12.60 25.39
CA HIS B 117 -10.96 -13.70 25.97
C HIS B 117 -11.20 -13.81 27.46
N GLU B 118 -11.47 -12.70 28.15
CA GLU B 118 -11.75 -12.74 29.58
C GLU B 118 -13.08 -13.43 29.87
N LYS B 119 -14.13 -13.08 29.13
CA LYS B 119 -15.47 -13.56 29.44
C LYS B 119 -15.73 -14.94 28.86
N PHE B 120 -15.14 -15.25 27.70
CA PHE B 120 -15.42 -16.50 27.00
C PHE B 120 -14.24 -17.44 26.96
N GLY B 121 -13.04 -16.92 26.70
CA GLY B 121 -11.85 -17.71 26.51
C GLY B 121 -11.26 -17.47 25.13
N ASP B 122 -10.25 -18.26 24.80
CA ASP B 122 -9.63 -18.21 23.47
C ASP B 122 -10.66 -18.57 22.40
N GLY B 123 -10.56 -17.92 21.26
CA GLY B 123 -11.52 -18.11 20.19
C GLY B 123 -11.98 -16.78 19.63
N ILE B 124 -13.18 -16.75 19.06
CA ILE B 124 -13.70 -15.56 18.40
C ILE B 124 -15.17 -15.37 18.75
N ILE B 125 -15.65 -14.17 18.52
CA ILE B 125 -17.08 -13.92 18.35
C ILE B 125 -17.37 -13.98 16.85
N SER B 126 -18.29 -14.85 16.48
CA SER B 126 -18.58 -15.13 15.08
C SER B 126 -19.16 -13.91 14.36
N ALA B 127 -18.72 -13.71 13.11
CA ALA B 127 -19.33 -12.76 12.17
C ALA B 127 -20.29 -13.47 11.21
N ILE B 128 -20.53 -14.76 11.45
CA ILE B 128 -21.35 -15.61 10.59
C ILE B 128 -22.61 -16.05 11.32
N ASN B 129 -22.46 -16.69 12.47
CA ASN B 129 -23.58 -16.91 13.39
C ASN B 129 -23.77 -15.60 14.16
N PHE B 130 -24.48 -14.68 13.51
CA PHE B 130 -24.34 -13.28 13.83
C PHE B 130 -25.55 -12.53 13.32
N LYS B 131 -26.06 -11.61 14.13
CA LYS B 131 -27.04 -10.66 13.65
C LYS B 131 -26.73 -9.29 14.24
N LEU B 132 -27.14 -8.26 13.51
CA LEU B 132 -27.08 -6.93 14.10
C LEU B 132 -28.38 -6.18 13.84
N ASP B 133 -28.60 -5.18 14.67
CA ASP B 133 -29.72 -4.29 14.43
C ASP B 133 -29.33 -2.90 14.86
N VAL B 134 -30.09 -1.93 14.35
CA VAL B 134 -29.90 -0.53 14.64
C VAL B 134 -31.21 0.00 15.21
N LYS B 135 -31.15 0.62 16.39
CA LYS B 135 -32.31 1.20 17.04
C LYS B 135 -32.06 2.67 17.35
N LYS B 136 -33.09 3.49 17.19
CA LYS B 136 -33.01 4.89 17.57
C LYS B 136 -33.62 5.07 18.96
N VAL B 137 -32.88 5.74 19.84
CA VAL B 137 -33.37 6.07 21.18
C VAL B 137 -33.17 7.55 21.45
N ALA B 138 -34.04 8.11 22.29
CA ALA B 138 -33.84 9.49 22.71
C ALA B 138 -32.67 9.59 23.66
N ASP B 139 -31.91 10.69 23.53
CA ASP B 139 -30.85 11.00 24.47
C ASP B 139 -31.42 11.85 25.60
N PRO B 140 -31.26 11.45 26.86
CA PRO B 140 -31.81 12.26 27.96
C PRO B 140 -31.28 13.68 27.99
N GLU B 141 -30.09 13.92 27.46
CA GLU B 141 -29.51 15.25 27.46
C GLU B 141 -29.90 16.05 26.23
N GLY B 142 -30.73 15.48 25.36
CA GLY B 142 -31.14 16.16 24.14
C GLY B 142 -30.67 15.41 22.91
N GLY B 143 -31.50 15.37 21.88
CA GLY B 143 -31.12 14.71 20.66
C GLY B 143 -31.43 13.23 20.72
N GLU B 144 -30.79 12.50 19.79
CA GLU B 144 -31.08 11.09 19.56
C GLU B 144 -29.75 10.33 19.55
N ARG B 145 -29.84 9.04 19.85
CA ARG B 145 -28.70 8.12 19.83
C ARG B 145 -29.06 6.90 19.00
N ALA B 146 -28.04 6.29 18.40
CA ALA B 146 -28.20 4.98 17.79
C ALA B 146 -27.62 3.93 18.72
N VAL B 147 -28.41 2.88 18.97
CA VAL B 147 -27.95 1.72 19.72
C VAL B 147 -27.81 0.60 18.70
N ILE B 148 -26.57 0.23 18.42
CA ILE B 148 -26.28 -0.80 17.41
C ILE B 148 -25.80 -2.03 18.15
N THR B 149 -26.54 -3.13 17.97
CA THR B 149 -26.31 -4.36 18.70
C THR B 149 -25.66 -5.37 17.77
N LEU B 150 -24.49 -5.85 18.16
CA LEU B 150 -23.77 -6.90 17.47
C LEU B 150 -23.90 -8.18 18.30
N ASP B 151 -24.48 -9.22 17.72
CA ASP B 151 -24.85 -10.41 18.48
C ASP B 151 -24.25 -11.63 17.78
N GLY B 152 -23.13 -12.13 18.29
CA GLY B 152 -22.43 -13.23 17.66
C GLY B 152 -22.16 -14.39 18.60
N LYS B 153 -22.18 -15.59 18.03
CA LYS B 153 -21.85 -16.79 18.81
C LYS B 153 -20.35 -16.83 19.14
N TYR B 154 -20.04 -17.25 20.37
CA TYR B 154 -18.65 -17.53 20.74
C TYR B 154 -18.24 -18.89 20.20
N LEU B 155 -17.15 -18.92 19.43
CA LEU B 155 -16.56 -20.15 18.93
C LEU B 155 -15.21 -20.34 19.62
N PRO B 156 -15.04 -21.38 20.43
CA PRO B 156 -13.78 -21.53 21.17
C PRO B 156 -12.63 -22.05 20.32
N THR B 157 -11.43 -21.65 20.73
CA THR B 157 -10.16 -22.20 20.24
C THR B 157 -9.59 -23.09 21.34
N LYS B 158 -9.44 -24.38 21.04
CA LYS B 158 -9.05 -25.43 21.96
C LYS B 158 -7.85 -26.17 21.38
N PRO B 159 -7.00 -26.77 22.21
CA PRO B 159 -5.92 -27.60 21.67
C PRO B 159 -6.46 -28.82 20.92
N PHE B 160 -5.62 -29.33 20.02
N PHE B 160 -5.60 -29.38 20.07
CA PHE B 160 -5.88 -30.62 19.38
CA PHE B 160 -5.88 -30.65 19.41
C PHE B 160 -4.55 -31.36 19.26
C PHE B 160 -4.60 -31.47 19.24
N MET C 5 37.12 -0.58 -5.17
CA MET C 5 36.29 -0.89 -4.02
C MET C 5 35.34 -2.03 -4.43
N ILE C 6 35.37 -3.14 -3.70
CA ILE C 6 34.53 -4.29 -4.00
C ILE C 6 33.60 -4.64 -2.85
N GLN C 7 33.62 -3.89 -1.75
CA GLN C 7 32.76 -4.13 -0.61
C GLN C 7 31.48 -3.33 -0.74
N SER C 8 30.36 -3.95 -0.42
CA SER C 8 29.07 -3.28 -0.54
C SER C 8 28.16 -3.64 0.62
N GLN C 9 27.16 -2.78 0.83
CA GLN C 9 26.16 -2.89 1.90
C GLN C 9 24.85 -3.44 1.36
N ILE C 10 24.05 -4.03 2.26
CA ILE C 10 22.73 -4.52 1.85
C ILE C 10 21.61 -3.98 2.74
N ASN C 11 21.96 -3.28 3.81
CA ASN C 11 20.99 -2.72 4.76
C ASN C 11 21.28 -1.24 4.92
N ARG C 12 20.42 -0.39 4.33
CA ARG C 12 20.69 1.04 4.34
C ARG C 12 20.76 1.66 5.73
N ASN C 13 20.19 1.01 6.76
CA ASN C 13 20.15 1.64 8.08
C ASN C 13 21.53 1.84 8.67
N ILE C 14 22.51 1.00 8.30
CA ILE C 14 23.86 1.18 8.84
C ILE C 14 24.45 2.52 8.40
N ARG C 15 24.43 2.79 7.09
CA ARG C 15 24.97 4.07 6.62
C ARG C 15 24.05 5.23 6.96
N LEU C 16 22.75 5.01 7.13
CA LEU C 16 21.88 6.13 7.51
C LEU C 16 22.07 6.49 8.98
N ASP C 17 22.32 5.50 9.85
CA ASP C 17 22.66 5.80 11.24
C ASP C 17 23.96 6.60 11.31
N LEU C 18 24.95 6.22 10.49
CA LEU C 18 26.19 7.00 10.43
C LEU C 18 25.92 8.43 9.97
N ALA C 19 25.02 8.60 8.99
CA ALA C 19 24.66 9.94 8.54
C ALA C 19 24.14 10.80 9.69
N ASP C 20 23.26 10.23 10.53
CA ASP C 20 22.74 10.97 11.68
C ASP C 20 23.88 11.41 12.59
N ALA C 21 24.85 10.51 12.86
CA ALA C 21 25.98 10.88 13.70
C ALA C 21 26.84 11.95 13.03
N ILE C 22 27.02 11.84 11.71
CA ILE C 22 27.76 12.85 10.97
C ILE C 22 27.08 14.21 11.10
N LEU C 23 25.76 14.23 10.95
CA LEU C 23 25.03 15.49 11.02
C LEU C 23 25.14 16.14 12.39
N LEU C 24 25.18 15.32 13.45
CA LEU C 24 25.33 15.89 14.80
C LEU C 24 26.71 16.50 14.97
N SER C 25 27.75 15.77 14.60
CA SER C 25 29.11 16.30 14.66
C SER C 25 29.24 17.56 13.83
N LYS C 26 28.65 17.55 12.63
CA LYS C 26 28.68 18.72 11.76
C LYS C 26 28.01 19.92 12.41
N ALA C 27 26.85 19.70 13.05
CA ALA C 27 26.16 20.81 13.71
C ALA C 27 26.99 21.36 14.87
N LYS C 28 27.57 20.48 15.69
CA LYS C 28 28.36 20.97 16.81
C LYS C 28 29.57 21.77 16.34
N LYS C 29 30.18 21.37 15.24
CA LYS C 29 31.34 22.06 14.72
C LYS C 29 30.99 23.24 13.81
N ASP C 30 29.71 23.53 13.62
CA ASP C 30 29.28 24.65 12.78
C ASP C 30 29.89 24.57 11.38
N LEU C 31 29.86 23.38 10.79
CA LEU C 31 30.42 23.15 9.48
C LEU C 31 29.34 23.14 8.40
N SER C 32 29.71 23.58 7.21
CA SER C 32 28.86 23.48 6.03
C SER C 32 29.31 22.30 5.18
N PHE C 33 28.39 21.84 4.30
CA PHE C 33 28.76 20.79 3.36
C PHE C 33 29.80 21.28 2.35
N ALA C 34 29.70 22.54 1.93
CA ALA C 34 30.70 23.09 1.04
C ALA C 34 32.09 23.05 1.66
N GLU C 35 32.20 23.39 2.94
CA GLU C 35 33.53 23.37 3.53
C GLU C 35 34.00 21.95 3.84
N ILE C 36 33.09 21.01 4.12
CA ILE C 36 33.50 19.62 4.29
C ILE C 36 34.06 19.06 2.98
N ALA C 37 33.47 19.43 1.85
CA ALA C 37 33.94 18.94 0.56
C ALA C 37 35.16 19.71 0.04
N ASP C 38 35.50 20.84 0.66
CA ASP C 38 36.65 21.60 0.21
C ASP C 38 37.93 20.80 0.45
N GLY C 39 38.85 20.85 -0.52
CA GLY C 39 40.09 20.11 -0.46
C GLY C 39 39.99 18.67 -0.92
N THR C 40 38.80 18.23 -1.27
CA THR C 40 38.51 16.85 -1.59
C THR C 40 38.61 16.54 -3.08
N GLY C 41 38.56 17.56 -3.93
CA GLY C 41 38.56 17.37 -5.38
C GLY C 41 37.24 16.91 -5.95
N LEU C 42 36.20 16.74 -5.12
CA LEU C 42 34.91 16.22 -5.55
C LEU C 42 33.83 17.26 -5.36
N ALA C 43 32.82 17.21 -6.23
CA ALA C 43 31.71 18.15 -6.18
C ALA C 43 30.96 18.05 -4.85
N GLU C 44 30.43 19.19 -4.40
CA GLU C 44 29.72 19.19 -3.12
C GLU C 44 28.53 18.25 -3.13
N ALA C 45 27.86 18.08 -4.27
CA ALA C 45 26.70 17.19 -4.31
C ALA C 45 27.13 15.74 -4.12
N PHE C 46 28.29 15.36 -4.65
CA PHE C 46 28.75 13.99 -4.52
C PHE C 46 29.19 13.69 -3.09
N VAL C 47 30.00 14.58 -2.50
CA VAL C 47 30.47 14.36 -1.14
C VAL C 47 29.30 14.37 -0.16
N THR C 48 28.38 15.32 -0.32
CA THR C 48 27.22 15.37 0.56
C THR C 48 26.40 14.09 0.46
N ALA C 49 26.17 13.62 -0.77
CA ALA C 49 25.43 12.37 -0.92
C ALA C 49 26.12 11.21 -0.22
N ALA C 50 27.45 11.14 -0.32
CA ALA C 50 28.18 10.08 0.37
C ALA C 50 27.98 10.16 1.88
N LEU C 51 28.10 11.36 2.47
CA LEU C 51 27.87 11.51 3.90
C LEU C 51 26.49 11.03 4.28
N LEU C 52 25.50 11.26 3.40
CA LEU C 52 24.12 10.89 3.65
C LEU C 52 23.79 9.47 3.19
N GLY C 53 24.81 8.67 2.88
CA GLY C 53 24.62 7.25 2.65
C GLY C 53 24.35 6.83 1.22
N GLN C 54 24.52 7.74 0.26
CA GLN C 54 24.06 7.48 -1.11
C GLN C 54 25.19 7.40 -2.14
N GLN C 55 26.44 7.56 -1.72
CA GLN C 55 27.60 7.36 -2.58
C GLN C 55 28.72 6.78 -1.74
N ALA C 56 29.78 6.32 -2.43
CA ALA C 56 30.98 5.83 -1.76
C ALA C 56 32.11 6.83 -1.94
N LEU C 57 32.78 7.19 -0.84
CA LEU C 57 33.93 8.06 -1.00
C LEU C 57 35.19 7.26 -1.28
N PRO C 58 36.04 7.72 -2.19
CA PRO C 58 37.39 7.15 -2.29
C PRO C 58 38.13 7.34 -0.97
N ALA C 59 39.14 6.50 -0.76
CA ALA C 59 39.81 6.45 0.54
C ALA C 59 40.36 7.81 0.94
N ASP C 60 40.97 8.54 0.00
CA ASP C 60 41.60 9.81 0.35
C ASP C 60 40.56 10.81 0.84
N ALA C 61 39.42 10.90 0.14
CA ALA C 61 38.37 11.82 0.57
C ALA C 61 37.74 11.38 1.88
N ALA C 62 37.58 10.06 2.08
CA ALA C 62 37.00 9.58 3.33
C ALA C 62 37.87 9.94 4.53
N ARG C 63 39.20 9.84 4.37
CA ARG C 63 40.07 10.23 5.46
C ARG C 63 40.00 11.74 5.73
N LEU C 64 39.90 12.54 4.66
CA LEU C 64 39.85 13.99 4.83
C LEU C 64 38.59 14.44 5.55
N VAL C 65 37.42 14.02 5.06
CA VAL C 65 36.18 14.43 5.74
C VAL C 65 36.08 13.79 7.12
N GLY C 66 36.66 12.61 7.30
CA GLY C 66 36.62 11.97 8.61
C GLY C 66 37.40 12.76 9.66
N ALA C 67 38.52 13.35 9.25
CA ALA C 67 39.28 14.20 10.16
C ALA C 67 38.50 15.47 10.49
N LYS C 68 37.87 16.08 9.47
CA LYS C 68 37.10 17.30 9.69
C LYS C 68 35.97 17.06 10.68
N LEU C 69 35.34 15.89 10.62
CA LEU C 69 34.18 15.57 11.44
C LEU C 69 34.52 14.74 12.67
N ASP C 70 35.80 14.42 12.88
CA ASP C 70 36.26 13.63 14.02
C ASP C 70 35.57 12.26 14.06
N LEU C 71 35.57 11.58 12.92
CA LEU C 71 34.97 10.26 12.82
C LEU C 71 35.97 9.18 13.19
N ASP C 72 35.46 8.09 13.78
CA ASP C 72 36.32 6.97 14.15
C ASP C 72 36.66 6.13 12.91
N GLU C 73 37.53 5.13 13.12
CA GLU C 73 38.05 4.36 12.00
C GLU C 73 36.96 3.55 11.31
N ASP C 74 36.05 2.95 12.08
CA ASP C 74 34.98 2.17 11.47
C ASP C 74 34.10 3.05 10.61
N SER C 75 33.85 4.28 11.04
CA SER C 75 33.01 5.21 10.28
C SER C 75 33.68 5.62 8.99
N ILE C 76 35.00 5.88 9.03
CA ILE C 76 35.72 6.25 7.82
C ILE C 76 35.74 5.08 6.83
N LEU C 77 35.82 3.85 7.35
CA LEU C 77 35.69 2.68 6.49
C LEU C 77 34.30 2.59 5.87
N LEU C 78 33.26 2.79 6.68
CA LEU C 78 31.89 2.68 6.17
C LEU C 78 31.64 3.66 5.02
N LEU C 79 32.18 4.87 5.12
CA LEU C 79 31.98 5.86 4.05
C LEU C 79 32.54 5.40 2.72
N GLN C 80 33.49 4.46 2.73
CA GLN C 80 34.09 3.94 1.51
C GLN C 80 33.33 2.77 0.91
N MET C 81 32.42 2.15 1.65
CA MET C 81 31.66 1.03 1.13
C MET C 81 30.62 1.50 0.14
N ILE C 82 30.33 0.63 -0.83
CA ILE C 82 29.27 0.88 -1.80
C ILE C 82 27.93 0.74 -1.07
N PRO C 83 27.08 1.75 -1.09
CA PRO C 83 25.87 1.74 -0.28
C PRO C 83 24.72 0.95 -0.91
N LEU C 84 23.76 0.62 -0.05
CA LEU C 84 22.42 0.23 -0.45
C LEU C 84 21.65 1.54 -0.54
N ARG C 85 21.46 2.03 -1.76
CA ARG C 85 20.97 3.38 -1.98
C ARG C 85 19.45 3.44 -1.86
N GLY C 86 18.97 4.62 -1.49
CA GLY C 86 17.55 4.90 -1.31
C GLY C 86 17.36 5.74 -0.08
N CYS C 87 17.23 7.05 -0.25
CA CYS C 87 17.17 7.97 0.88
C CYS C 87 15.77 8.27 1.37
N ILE C 88 14.73 7.89 0.63
CA ILE C 88 13.37 8.22 1.03
C ILE C 88 12.88 7.17 2.00
N ASP C 89 12.35 7.61 3.14
CA ASP C 89 11.88 6.68 4.16
C ASP C 89 10.90 5.65 3.61
N ASP C 90 9.81 6.13 2.99
CA ASP C 90 8.76 5.24 2.50
C ASP C 90 8.23 5.78 1.17
N ARG C 91 9.07 5.72 0.14
CA ARG C 91 8.71 5.88 -1.27
C ARG C 91 8.33 7.29 -1.69
N ILE C 92 7.45 7.97 -0.94
CA ILE C 92 7.03 9.34 -1.24
C ILE C 92 7.49 10.20 -0.08
N PRO C 93 8.24 11.28 -0.32
CA PRO C 93 8.73 12.08 0.82
C PRO C 93 7.57 12.74 1.55
N THR C 94 7.72 12.83 2.89
CA THR C 94 6.83 13.67 3.67
C THR C 94 7.37 15.10 3.81
N ASP C 95 8.67 15.28 3.69
CA ASP C 95 9.26 16.58 3.97
C ASP C 95 8.93 17.56 2.84
N PRO C 96 8.42 18.75 3.14
CA PRO C 96 8.05 19.68 2.04
C PRO C 96 9.19 19.95 1.07
N THR C 97 10.41 20.16 1.56
CA THR C 97 11.52 20.50 0.68
C THR C 97 11.81 19.38 -0.32
N MET C 98 11.85 18.14 0.16
CA MET C 98 12.00 16.98 -0.70
C MET C 98 10.76 16.76 -1.56
N TYR C 99 9.57 16.96 -0.99
CA TYR C 99 8.34 16.67 -1.73
C TYR C 99 8.24 17.49 -3.03
N ARG C 100 8.69 18.75 -3.02
CA ARG C 100 8.55 19.56 -4.23
C ARG C 100 9.24 18.91 -5.43
N PHE C 101 10.34 18.19 -5.22
CA PHE C 101 11.00 17.53 -6.33
C PHE C 101 10.22 16.33 -6.82
N TYR C 102 9.50 15.65 -5.92
CA TYR C 102 8.55 14.63 -6.34
C TYR C 102 7.38 15.24 -7.11
N GLU C 103 6.86 16.38 -6.66
CA GLU C 103 5.75 17.02 -7.35
C GLU C 103 6.14 17.42 -8.77
N MET C 104 7.39 17.85 -8.96
CA MET C 104 7.86 18.17 -10.31
C MET C 104 7.71 16.95 -11.21
N LEU C 105 7.93 15.75 -10.65
CA LEU C 105 7.71 14.53 -11.42
CA LEU C 105 7.72 14.53 -11.42
C LEU C 105 6.24 14.27 -11.67
N GLN C 106 5.39 14.51 -10.67
CA GLN C 106 3.95 14.34 -10.89
C GLN C 106 3.41 15.29 -11.94
N VAL C 107 3.98 16.49 -12.06
CA VAL C 107 3.48 17.45 -13.04
C VAL C 107 4.17 17.27 -14.39
N TYR C 108 5.49 17.07 -14.39
CA TYR C 108 6.24 17.08 -15.64
C TYR C 108 6.81 15.72 -16.05
N GLY C 109 6.53 14.65 -15.31
CA GLY C 109 7.16 13.37 -15.63
C GLY C 109 6.89 12.89 -17.05
N THR C 110 5.63 12.96 -17.49
CA THR C 110 5.30 12.56 -18.85
C THR C 110 5.86 13.53 -19.88
N THR C 111 6.03 14.81 -19.53
CA THR C 111 6.63 15.78 -20.45
C THR C 111 8.12 15.49 -20.62
N LEU C 112 8.80 15.15 -19.54
CA LEU C 112 10.20 14.74 -19.62
C LEU C 112 10.35 13.52 -20.52
N LYS C 113 9.50 12.50 -20.31
CA LYS C 113 9.52 11.34 -21.20
C LYS C 113 9.33 11.78 -22.65
N ALA C 114 8.28 12.57 -22.91
CA ALA C 114 7.97 12.92 -24.29
C ALA C 114 9.10 13.71 -24.95
N LEU C 115 9.68 14.68 -24.23
CA LEU C 115 10.72 15.48 -24.83
C LEU C 115 12.02 14.72 -24.97
N VAL C 116 12.31 13.80 -24.04
CA VAL C 116 13.49 12.95 -24.20
C VAL C 116 13.37 12.09 -25.47
N HIS C 117 12.22 11.46 -25.66
CA HIS C 117 12.08 10.64 -26.87
C HIS C 117 12.11 11.51 -28.12
N GLU C 118 11.60 12.74 -28.04
CA GLU C 118 11.62 13.62 -29.21
C GLU C 118 13.04 14.03 -29.59
N LYS C 119 13.86 14.41 -28.59
CA LYS C 119 15.18 14.95 -28.88
C LYS C 119 16.23 13.87 -29.08
N PHE C 120 16.07 12.72 -28.44
CA PHE C 120 17.08 11.68 -28.44
C PHE C 120 16.62 10.38 -29.07
N GLY C 121 15.35 10.01 -28.87
CA GLY C 121 14.82 8.74 -29.33
C GLY C 121 14.45 7.85 -28.16
N ASP C 122 14.17 6.59 -28.49
CA ASP C 122 13.80 5.62 -27.46
C ASP C 122 15.01 5.36 -26.55
N GLY C 123 14.75 5.19 -25.27
CA GLY C 123 15.80 4.97 -24.31
C GLY C 123 15.56 5.81 -23.07
N ILE C 124 16.66 6.11 -22.39
CA ILE C 124 16.60 6.81 -21.11
C ILE C 124 17.66 7.89 -21.04
N ILE C 125 17.44 8.83 -20.14
CA ILE C 125 18.51 9.68 -19.61
C ILE C 125 19.02 8.98 -18.36
N SER C 126 20.31 8.64 -18.35
CA SER C 126 20.92 7.87 -17.27
C SER C 126 20.87 8.59 -15.94
N ALA C 127 20.54 7.84 -14.89
CA ALA C 127 20.75 8.29 -13.52
C ALA C 127 22.08 7.82 -12.94
N ILE C 128 22.92 7.21 -13.77
CA ILE C 128 24.19 6.64 -13.36
C ILE C 128 25.36 7.41 -13.96
N ASN C 129 25.39 7.53 -15.29
CA ASN C 129 26.30 8.47 -15.96
C ASN C 129 25.63 9.83 -15.84
N PHE C 130 25.86 10.46 -14.71
CA PHE C 130 24.94 11.49 -14.25
C PHE C 130 25.63 12.39 -13.24
N LYS C 131 25.42 13.70 -13.38
CA LYS C 131 25.84 14.63 -12.34
C LYS C 131 24.72 15.61 -12.07
N LEU C 132 24.71 16.16 -10.86
CA LEU C 132 23.79 17.26 -10.61
C LEU C 132 24.47 18.31 -9.74
N ASP C 133 23.94 19.51 -9.82
CA ASP C 133 24.44 20.59 -8.99
C ASP C 133 23.32 21.56 -8.73
N VAL C 134 23.50 22.31 -7.64
CA VAL C 134 22.53 23.27 -7.15
C VAL C 134 23.21 24.61 -7.11
N LYS C 135 22.64 25.59 -7.81
CA LYS C 135 23.16 26.95 -7.84
C LYS C 135 22.13 27.93 -7.31
N LYS C 136 22.59 28.86 -6.45
CA LYS C 136 21.80 29.98 -5.97
C LYS C 136 22.00 31.18 -6.87
N VAL C 137 20.89 31.77 -7.34
CA VAL C 137 20.94 32.95 -8.18
C VAL C 137 19.86 33.93 -7.75
N ALA C 138 19.99 35.17 -8.23
CA ALA C 138 18.95 36.17 -7.99
C ALA C 138 17.68 35.82 -8.77
N ASP C 139 16.53 36.08 -8.16
CA ASP C 139 15.31 36.14 -8.94
C ASP C 139 15.19 37.54 -9.52
N PRO C 140 15.16 37.71 -10.85
CA PRO C 140 15.13 39.06 -11.42
C PRO C 140 13.93 39.88 -10.98
N GLU C 141 12.93 39.24 -10.37
CA GLU C 141 11.77 39.97 -9.91
C GLU C 141 11.73 40.14 -8.41
N GLY C 142 12.81 39.76 -7.73
CA GLY C 142 12.86 39.94 -6.31
C GLY C 142 12.99 38.56 -5.68
N GLY C 143 13.96 38.44 -4.80
CA GLY C 143 14.21 37.20 -4.10
C GLY C 143 15.33 36.40 -4.73
N GLU C 144 15.30 35.10 -4.44
CA GLU C 144 16.34 34.17 -4.83
C GLU C 144 15.70 32.95 -5.48
N ARG C 145 16.45 32.31 -6.38
CA ARG C 145 16.00 31.08 -7.03
C ARG C 145 17.10 30.02 -6.96
N ALA C 146 16.68 28.76 -7.05
CA ALA C 146 17.62 27.67 -7.23
C ALA C 146 17.56 27.19 -8.67
N VAL C 147 18.73 27.05 -9.29
CA VAL C 147 18.86 26.42 -10.59
C VAL C 147 19.52 25.07 -10.36
N ILE C 148 18.77 24.00 -10.58
CA ILE C 148 19.22 22.66 -10.32
C ILE C 148 19.38 21.97 -11.66
N THR C 149 20.61 21.52 -11.94
CA THR C 149 20.96 20.98 -13.23
C THR C 149 21.11 19.47 -13.14
N LEU C 150 20.33 18.75 -13.93
CA LEU C 150 20.39 17.30 -14.04
C LEU C 150 21.04 16.98 -15.38
N ASP C 151 22.19 16.32 -15.34
CA ASP C 151 23.05 16.15 -16.50
C ASP C 151 23.33 14.66 -16.67
N GLY C 152 22.59 14.01 -17.55
CA GLY C 152 22.67 12.57 -17.71
C GLY C 152 22.90 12.15 -19.15
N LYS C 153 23.67 11.08 -19.32
CA LYS C 153 23.89 10.55 -20.65
C LYS C 153 22.62 9.93 -21.23
N TYR C 154 22.40 10.13 -22.52
CA TYR C 154 21.36 9.41 -23.23
C TYR C 154 21.85 8.01 -23.55
N LEU C 155 21.07 7.00 -23.14
CA LEU C 155 21.34 5.61 -23.49
C LEU C 155 20.20 5.12 -24.37
N PRO C 156 20.47 4.74 -25.61
CA PRO C 156 19.37 4.35 -26.51
C PRO C 156 18.86 2.93 -26.26
N THR C 157 17.56 2.79 -26.50
CA THR C 157 16.89 1.50 -26.59
C THR C 157 16.78 1.17 -28.07
N LYS C 158 17.50 0.15 -28.50
CA LYS C 158 17.57 -0.29 -29.88
C LYS C 158 17.04 -1.71 -30.02
N PRO C 159 16.49 -2.07 -31.18
CA PRO C 159 16.11 -3.45 -31.40
C PRO C 159 17.32 -4.36 -31.39
N PHE C 160 17.08 -5.63 -31.06
N PHE C 160 17.08 -5.64 -31.11
CA PHE C 160 18.10 -6.66 -31.20
CA PHE C 160 18.12 -6.66 -31.23
C PHE C 160 17.44 -7.94 -31.74
C PHE C 160 17.55 -7.96 -31.77
N MET D 5 -7.81 -19.89 30.97
CA MET D 5 -6.94 -18.81 30.50
C MET D 5 -7.74 -17.59 30.08
N ILE D 6 -7.58 -16.51 30.85
CA ILE D 6 -8.24 -15.25 30.56
C ILE D 6 -7.26 -14.16 30.16
N GLN D 7 -5.95 -14.46 30.15
CA GLN D 7 -4.91 -13.48 29.82
C GLN D 7 -4.60 -13.51 28.33
N SER D 8 -4.45 -12.32 27.74
CA SER D 8 -4.22 -12.24 26.31
C SER D 8 -3.23 -11.11 25.98
N GLN D 9 -2.60 -11.25 24.82
CA GLN D 9 -1.61 -10.32 24.29
C GLN D 9 -2.22 -9.37 23.26
N ILE D 10 -1.59 -8.20 23.08
CA ILE D 10 -2.07 -7.27 22.07
C ILE D 10 -0.98 -6.87 21.07
N ASN D 11 0.26 -7.28 21.32
CA ASN D 11 1.39 -6.94 20.46
C ASN D 11 2.13 -8.22 20.11
N ARG D 12 2.05 -8.63 18.83
CA ARG D 12 2.62 -9.92 18.45
C ARG D 12 4.13 -10.00 18.66
N ASN D 13 4.82 -8.87 18.75
CA ASN D 13 6.28 -8.91 18.80
C ASN D 13 6.80 -9.58 20.08
N ILE D 14 6.05 -9.51 21.18
CA ILE D 14 6.47 -10.16 22.41
C ILE D 14 6.63 -11.67 22.20
N ARG D 15 5.57 -12.31 21.71
CA ARG D 15 5.64 -13.75 21.48
C ARG D 15 6.51 -14.10 20.29
N LEU D 16 6.61 -13.22 19.29
CA LEU D 16 7.47 -13.53 18.16
C LEU D 16 8.95 -13.42 18.52
N ASP D 17 9.30 -12.47 19.40
CA ASP D 17 10.66 -12.45 19.93
C ASP D 17 10.96 -13.70 20.75
N LEU D 18 9.98 -14.16 21.54
CA LEU D 18 10.16 -15.41 22.26
C LEU D 18 10.33 -16.58 21.29
N ALA D 19 9.58 -16.57 20.18
CA ALA D 19 9.74 -17.64 19.20
C ALA D 19 11.18 -17.71 18.67
N ASP D 20 11.80 -16.55 18.40
CA ASP D 20 13.18 -16.57 17.93
C ASP D 20 14.11 -17.20 18.96
N ALA D 21 13.93 -16.85 20.24
CA ALA D 21 14.75 -17.45 21.29
C ALA D 21 14.53 -18.96 21.37
N ILE D 22 13.26 -19.38 21.29
CA ILE D 22 12.93 -20.82 21.27
C ILE D 22 13.66 -21.51 20.12
N LEU D 23 13.65 -20.89 18.94
CA LEU D 23 14.24 -21.54 17.77
C LEU D 23 15.75 -21.69 17.92
N LEU D 24 16.41 -20.72 18.56
CA LEU D 24 17.84 -20.84 18.79
C LEU D 24 18.13 -21.97 19.78
N SER D 25 17.38 -22.00 20.88
CA SER D 25 17.56 -23.07 21.86
C SER D 25 17.31 -24.43 21.23
N LYS D 26 16.23 -24.54 20.45
CA LYS D 26 15.90 -25.78 19.75
C LYS D 26 17.03 -26.22 18.81
N ALA D 27 17.66 -25.26 18.12
CA ALA D 27 18.76 -25.57 17.21
C ALA D 27 19.98 -26.06 17.97
N LYS D 28 20.34 -25.37 19.06
CA LYS D 28 21.49 -25.79 19.87
C LYS D 28 21.29 -27.17 20.45
N LYS D 29 20.06 -27.52 20.79
CA LYS D 29 19.75 -28.80 21.40
C LYS D 29 19.46 -29.88 20.36
N ASP D 30 19.48 -29.55 19.08
CA ASP D 30 19.24 -30.51 18.01
C ASP D 30 17.88 -31.19 18.15
N LEU D 31 16.87 -30.41 18.50
CA LEU D 31 15.52 -30.94 18.74
C LEU D 31 14.63 -30.74 17.52
N SER D 32 13.74 -31.68 17.29
CA SER D 32 12.65 -31.53 16.32
C SER D 32 11.37 -31.09 17.01
N PHE D 33 10.46 -30.52 16.22
CA PHE D 33 9.15 -30.18 16.74
C PHE D 33 8.37 -31.41 17.18
N ALA D 34 8.55 -32.55 16.48
CA ALA D 34 7.91 -33.78 16.92
C ALA D 34 8.39 -34.20 18.30
N GLU D 35 9.71 -34.12 18.54
CA GLU D 35 10.26 -34.42 19.86
C GLU D 35 9.71 -33.49 20.92
N ILE D 36 9.60 -32.20 20.61
CA ILE D 36 9.13 -31.24 21.60
C ILE D 36 7.69 -31.53 21.99
N ALA D 37 6.85 -31.86 21.01
CA ALA D 37 5.44 -32.13 21.27
C ALA D 37 5.22 -33.51 21.89
N ASP D 38 6.18 -34.42 21.76
CA ASP D 38 6.03 -35.74 22.34
C ASP D 38 5.87 -35.64 23.86
N GLY D 39 4.83 -36.31 24.37
CA GLY D 39 4.54 -36.25 25.79
C GLY D 39 3.51 -35.22 26.18
N THR D 40 3.14 -34.30 25.29
CA THR D 40 2.13 -33.31 25.63
C THR D 40 0.72 -33.79 25.38
N GLY D 41 0.54 -34.84 24.60
CA GLY D 41 -0.77 -35.25 24.15
C GLY D 41 -1.36 -34.35 23.11
N LEU D 42 -0.60 -33.38 22.61
CA LEU D 42 -1.10 -32.40 21.66
C LEU D 42 -0.43 -32.62 20.31
N ALA D 43 -1.14 -32.24 19.25
CA ALA D 43 -0.66 -32.44 17.88
C ALA D 43 0.57 -31.58 17.59
N GLU D 44 1.44 -32.10 16.71
CA GLU D 44 2.66 -31.34 16.40
C GLU D 44 2.30 -29.99 15.80
N ALA D 45 1.25 -29.94 14.98
CA ALA D 45 0.85 -28.66 14.37
C ALA D 45 0.41 -27.65 15.43
N PHE D 46 -0.26 -28.12 16.48
CA PHE D 46 -0.73 -27.19 17.51
C PHE D 46 0.42 -26.71 18.39
N VAL D 47 1.28 -27.64 18.84
CA VAL D 47 2.40 -27.24 19.69
C VAL D 47 3.37 -26.34 18.94
N THR D 48 3.68 -26.70 17.69
CA THR D 48 4.57 -25.86 16.89
C THR D 48 4.00 -24.47 16.73
N ALA D 49 2.70 -24.38 16.40
CA ALA D 49 2.07 -23.08 16.26
C ALA D 49 2.19 -22.27 17.55
N ALA D 50 2.02 -22.93 18.71
CA ALA D 50 2.14 -22.20 19.96
C ALA D 50 3.56 -21.67 20.16
N LEU D 51 4.57 -22.50 19.90
CA LEU D 51 5.96 -22.04 20.01
C LEU D 51 6.19 -20.84 19.12
N LEU D 52 5.61 -20.85 17.92
CA LEU D 52 5.77 -19.75 16.96
C LEU D 52 4.78 -18.60 17.19
N GLY D 53 4.09 -18.56 18.33
CA GLY D 53 3.31 -17.40 18.72
C GLY D 53 1.87 -17.38 18.28
N GLN D 54 1.33 -18.50 17.78
CA GLN D 54 0.01 -18.49 17.15
C GLN D 54 -1.04 -19.33 17.86
N GLN D 55 -0.69 -19.96 18.99
CA GLN D 55 -1.64 -20.65 19.85
C GLN D 55 -1.17 -20.48 21.28
N ALA D 56 -2.04 -20.84 22.21
CA ALA D 56 -1.75 -20.84 23.64
C ALA D 56 -1.57 -22.28 24.11
N LEU D 57 -0.51 -22.53 24.89
CA LEU D 57 -0.37 -23.85 25.47
C LEU D 57 -1.06 -23.92 26.83
N PRO D 58 -1.70 -25.04 27.14
CA PRO D 58 -2.11 -25.27 28.54
C PRO D 58 -0.88 -25.33 29.44
N ALA D 59 -1.10 -25.10 30.74
CA ALA D 59 0.02 -24.97 31.67
C ALA D 59 0.91 -26.20 31.68
N ASP D 60 0.31 -27.39 31.69
CA ASP D 60 1.12 -28.60 31.78
C ASP D 60 2.02 -28.75 30.56
N ALA D 61 1.49 -28.49 29.36
CA ALA D 61 2.32 -28.56 28.15
C ALA D 61 3.36 -27.45 28.12
N ALA D 62 2.98 -26.24 28.57
CA ALA D 62 3.95 -25.15 28.62
C ALA D 62 5.10 -25.48 29.55
N ARG D 63 4.80 -26.09 30.69
CA ARG D 63 5.87 -26.47 31.62
C ARG D 63 6.74 -27.55 31.01
N LEU D 64 6.13 -28.50 30.30
CA LEU D 64 6.89 -29.58 29.68
C LEU D 64 7.82 -29.07 28.58
N VAL D 65 7.28 -28.28 27.65
CA VAL D 65 8.14 -27.84 26.54
C VAL D 65 9.15 -26.83 27.06
N GLY D 66 8.80 -26.06 28.09
CA GLY D 66 9.74 -25.10 28.63
C GLY D 66 10.93 -25.76 29.29
N ALA D 67 10.71 -26.89 29.94
CA ALA D 67 11.82 -27.67 30.48
C ALA D 67 12.72 -28.21 29.37
N LYS D 68 12.10 -28.73 28.29
CA LYS D 68 12.91 -29.25 27.19
C LYS D 68 13.79 -28.18 26.57
N LEU D 69 13.32 -26.93 26.54
CA LEU D 69 14.00 -25.86 25.84
C LEU D 69 14.72 -24.90 26.78
N ASP D 70 14.74 -25.20 28.08
CA ASP D 70 15.42 -24.37 29.08
C ASP D 70 14.89 -22.95 29.08
N LEU D 71 13.57 -22.81 29.05
CA LEU D 71 12.94 -21.50 29.08
C LEU D 71 12.80 -21.00 30.51
N ASP D 72 12.89 -19.68 30.68
CA ASP D 72 12.69 -19.10 32.00
C ASP D 72 11.20 -19.00 32.30
N GLU D 73 10.88 -18.59 33.54
CA GLU D 73 9.50 -18.68 33.98
C GLU D 73 8.61 -17.65 33.29
N ASP D 74 9.16 -16.47 32.97
CA ASP D 74 8.38 -15.48 32.22
C ASP D 74 7.99 -16.02 30.86
N SER D 75 8.90 -16.76 30.22
CA SER D 75 8.62 -17.34 28.90
C SER D 75 7.59 -18.45 28.99
N ILE D 76 7.71 -19.31 29.99
CA ILE D 76 6.73 -20.39 30.17
C ILE D 76 5.34 -19.80 30.39
N LEU D 77 5.27 -18.70 31.16
CA LEU D 77 4.00 -17.98 31.32
C LEU D 77 3.53 -17.39 29.99
N LEU D 78 4.44 -16.78 29.23
CA LEU D 78 4.06 -16.13 27.97
C LEU D 78 3.46 -17.14 27.00
N LEU D 79 3.98 -18.38 26.99
CA LEU D 79 3.46 -19.40 26.08
C LEU D 79 2.02 -19.77 26.39
N GLN D 80 1.56 -19.51 27.61
CA GLN D 80 0.19 -19.79 28.03
C GLN D 80 -0.77 -18.65 27.72
N MET D 81 -0.25 -17.48 27.33
CA MET D 81 -1.07 -16.32 27.02
C MET D 81 -1.78 -16.53 25.69
N ILE D 82 -3.00 -16.01 25.60
CA ILE D 82 -3.69 -16.05 24.30
C ILE D 82 -3.01 -15.04 23.37
N PRO D 83 -2.56 -15.44 22.18
CA PRO D 83 -1.71 -14.57 21.37
C PRO D 83 -2.51 -13.54 20.55
N LEU D 84 -1.78 -12.52 20.14
CA LEU D 84 -2.21 -11.64 19.05
C LEU D 84 -1.70 -12.34 17.79
N ARG D 85 -2.61 -13.01 17.09
CA ARG D 85 -2.18 -13.91 16.03
C ARG D 85 -1.91 -13.15 14.74
N GLY D 86 -1.05 -13.75 13.91
CA GLY D 86 -0.70 -13.20 12.62
C GLY D 86 0.78 -13.39 12.40
N CYS D 87 1.17 -14.42 11.64
CA CYS D 87 2.57 -14.80 11.53
C CYS D 87 3.27 -14.17 10.34
N ILE D 88 2.53 -13.57 9.41
CA ILE D 88 3.13 -13.05 8.20
C ILE D 88 3.64 -11.64 8.47
N ASP D 89 4.89 -11.38 8.10
CA ASP D 89 5.51 -10.10 8.41
C ASP D 89 4.68 -8.93 7.86
N ASP D 90 4.38 -8.96 6.55
CA ASP D 90 3.66 -7.86 5.90
C ASP D 90 2.70 -8.42 4.85
N ARG D 91 1.66 -9.11 5.32
CA ARG D 91 0.47 -9.52 4.58
C ARG D 91 0.69 -10.59 3.52
N ILE D 92 1.74 -10.47 2.71
CA ILE D 92 2.05 -11.45 1.67
C ILE D 92 3.42 -12.02 2.01
N PRO D 93 3.57 -13.34 2.12
CA PRO D 93 4.89 -13.88 2.48
C PRO D 93 5.91 -13.59 1.40
N THR D 94 7.16 -13.36 1.83
CA THR D 94 8.29 -13.34 0.91
C THR D 94 8.95 -14.71 0.79
N ASP D 95 8.84 -15.52 1.82
CA ASP D 95 9.52 -16.81 1.86
C ASP D 95 8.89 -17.77 0.84
N PRO D 96 9.68 -18.39 -0.02
CA PRO D 96 9.08 -19.30 -1.04
C PRO D 96 8.22 -20.39 -0.45
N THR D 97 8.63 -21.00 0.66
CA THR D 97 7.88 -22.11 1.23
C THR D 97 6.51 -21.64 1.68
N MET D 98 6.46 -20.51 2.39
CA MET D 98 5.17 -19.93 2.76
C MET D 98 4.42 -19.38 1.55
N TYR D 99 5.13 -18.79 0.58
CA TYR D 99 4.43 -18.16 -0.54
C TYR D 99 3.57 -19.17 -1.31
N ARG D 100 4.04 -20.43 -1.44
CA ARG D 100 3.26 -21.37 -2.24
C ARG D 100 1.85 -21.56 -1.70
N PHE D 101 1.67 -21.46 -0.38
CA PHE D 101 0.32 -21.60 0.19
C PHE D 101 -0.53 -20.39 -0.13
N TYR D 102 0.09 -19.19 -0.17
CA TYR D 102 -0.62 -18.02 -0.67
C TYR D 102 -0.95 -18.18 -2.16
N GLU D 103 -0.02 -18.72 -2.97
CA GLU D 103 -0.34 -18.90 -4.38
C GLU D 103 -1.51 -19.84 -4.56
N MET D 104 -1.62 -20.87 -3.71
CA MET D 104 -2.77 -21.76 -3.83
C MET D 104 -4.08 -20.98 -3.66
N LEU D 105 -4.08 -19.93 -2.83
CA LEU D 105 -5.27 -19.10 -2.72
C LEU D 105 -5.47 -18.22 -3.94
N GLN D 106 -4.38 -17.69 -4.52
CA GLN D 106 -4.53 -16.92 -5.74
C GLN D 106 -5.06 -17.76 -6.90
N VAL D 107 -4.75 -19.05 -6.94
CA VAL D 107 -5.22 -19.88 -8.04
C VAL D 107 -6.59 -20.48 -7.74
N TYR D 108 -6.80 -20.96 -6.52
CA TYR D 108 -7.99 -21.73 -6.18
C TYR D 108 -8.95 -21.02 -5.23
N GLY D 109 -8.67 -19.78 -4.84
CA GLY D 109 -9.53 -19.13 -3.84
C GLY D 109 -10.99 -19.07 -4.26
N THR D 110 -11.25 -18.68 -5.51
CA THR D 110 -12.64 -18.60 -5.95
C THR D 110 -13.24 -19.98 -6.19
N THR D 111 -12.41 -20.98 -6.53
CA THR D 111 -12.90 -22.35 -6.63
C THR D 111 -13.27 -22.89 -5.27
N LEU D 112 -12.48 -22.59 -4.24
CA LEU D 112 -12.84 -23.00 -2.89
C LEU D 112 -14.17 -22.39 -2.48
N LYS D 113 -14.35 -21.08 -2.72
CA LYS D 113 -15.63 -20.44 -2.45
C LYS D 113 -16.75 -21.15 -3.19
N ALA D 114 -16.58 -21.36 -4.50
CA ALA D 114 -17.64 -21.91 -5.32
C ALA D 114 -18.04 -23.30 -4.86
N LEU D 115 -17.06 -24.16 -4.61
CA LEU D 115 -17.37 -25.53 -4.19
C LEU D 115 -17.91 -25.60 -2.77
N VAL D 116 -17.48 -24.69 -1.89
CA VAL D 116 -18.06 -24.65 -0.55
C VAL D 116 -19.54 -24.29 -0.63
N HIS D 117 -19.88 -23.27 -1.43
CA HIS D 117 -21.29 -22.91 -1.50
C HIS D 117 -22.12 -23.99 -2.19
N GLU D 118 -21.52 -24.69 -3.16
CA GLU D 118 -22.24 -25.77 -3.83
C GLU D 118 -22.52 -26.93 -2.88
N LYS D 119 -21.53 -27.33 -2.09
CA LYS D 119 -21.68 -28.54 -1.26
C LYS D 119 -22.42 -28.25 0.04
N PHE D 120 -22.24 -27.07 0.60
CA PHE D 120 -22.76 -26.75 1.92
C PHE D 120 -23.83 -25.68 1.91
N GLY D 121 -23.68 -24.65 1.08
CA GLY D 121 -24.57 -23.51 1.07
C GLY D 121 -23.84 -22.23 1.43
N ASP D 122 -24.62 -21.16 1.61
CA ASP D 122 -24.04 -19.90 2.03
C ASP D 122 -23.40 -20.05 3.42
N GLY D 123 -22.28 -19.38 3.62
CA GLY D 123 -21.59 -19.44 4.89
C GLY D 123 -20.10 -19.62 4.68
N ILE D 124 -19.42 -20.22 5.66
CA ILE D 124 -17.97 -20.36 5.62
C ILE D 124 -17.58 -21.76 6.06
N ILE D 125 -16.35 -22.14 5.70
CA ILE D 125 -15.61 -23.18 6.42
C ILE D 125 -14.80 -22.47 7.49
N SER D 126 -15.03 -22.86 8.75
CA SER D 126 -14.44 -22.19 9.90
C SER D 126 -12.91 -22.31 9.90
N ALA D 127 -12.24 -21.22 10.29
CA ALA D 127 -10.82 -21.26 10.60
C ALA D 127 -10.56 -21.40 12.09
N ILE D 128 -11.62 -21.57 12.88
CA ILE D 128 -11.53 -21.66 14.33
C ILE D 128 -11.91 -23.06 14.81
N ASN D 129 -13.09 -23.54 14.42
CA ASN D 129 -13.43 -24.96 14.59
C ASN D 129 -12.73 -25.70 13.45
N PHE D 130 -11.46 -25.99 13.67
CA PHE D 130 -10.52 -26.19 12.57
C PHE D 130 -9.28 -26.91 13.07
N LYS D 131 -8.78 -27.84 12.26
CA LYS D 131 -7.58 -28.60 12.54
C LYS D 131 -6.79 -28.72 11.24
N LEU D 132 -5.48 -28.89 11.36
CA LEU D 132 -4.61 -29.02 10.20
C LEU D 132 -3.57 -30.09 10.49
N ASP D 133 -3.17 -30.82 9.45
CA ASP D 133 -2.03 -31.69 9.61
C ASP D 133 -1.27 -31.81 8.31
N VAL D 134 0.00 -32.18 8.45
CA VAL D 134 0.95 -32.32 7.36
C VAL D 134 1.44 -33.76 7.37
N LYS D 135 1.28 -34.47 6.25
CA LYS D 135 1.75 -35.85 6.12
C LYS D 135 2.64 -35.99 4.90
N LYS D 136 3.69 -36.80 5.04
CA LYS D 136 4.59 -37.11 3.94
C LYS D 136 4.18 -38.45 3.35
N VAL D 137 4.07 -38.50 2.02
CA VAL D 137 3.75 -39.72 1.30
C VAL D 137 4.71 -39.86 0.11
N ALA D 138 4.92 -41.10 -0.31
CA ALA D 138 5.75 -41.34 -1.47
C ALA D 138 5.01 -40.95 -2.74
N ASP D 139 5.73 -40.35 -3.68
CA ASP D 139 5.18 -40.10 -5.01
C ASP D 139 5.45 -41.32 -5.87
N PRO D 140 4.43 -41.95 -6.45
CA PRO D 140 4.68 -43.15 -7.28
C PRO D 140 5.56 -42.89 -8.47
N GLU D 141 5.65 -41.65 -8.95
CA GLU D 141 6.56 -41.29 -10.03
C GLU D 141 7.96 -40.97 -9.53
N GLY D 142 8.22 -41.12 -8.24
CA GLY D 142 9.52 -40.80 -7.69
C GLY D 142 9.41 -39.55 -6.83
N GLY D 143 10.15 -39.56 -5.73
CA GLY D 143 10.14 -38.44 -4.81
C GLY D 143 9.06 -38.57 -3.76
N GLU D 144 8.78 -37.44 -3.11
CA GLU D 144 7.87 -37.39 -1.99
C GLU D 144 6.86 -36.28 -2.21
N ARG D 145 5.71 -36.44 -1.57
CA ARG D 145 4.66 -35.42 -1.59
C ARG D 145 4.27 -35.06 -0.16
N ALA D 146 3.76 -33.85 -0.01
CA ALA D 146 3.10 -33.45 1.22
C ALA D 146 1.60 -33.43 0.99
N VAL D 147 0.87 -34.11 1.86
CA VAL D 147 -0.59 -34.04 1.91
C VAL D 147 -0.94 -33.22 3.13
N ILE D 148 -1.44 -32.01 2.89
CA ILE D 148 -1.82 -31.07 3.93
C ILE D 148 -3.34 -31.03 3.95
N THR D 149 -3.92 -31.43 5.08
CA THR D 149 -5.36 -31.55 5.25
C THR D 149 -5.85 -30.40 6.12
N LEU D 150 -6.75 -29.60 5.55
CA LEU D 150 -7.46 -28.52 6.23
C LEU D 150 -8.84 -29.06 6.56
N ASP D 151 -9.22 -29.03 7.84
CA ASP D 151 -10.45 -29.67 8.29
C ASP D 151 -11.24 -28.68 9.14
N GLY D 152 -12.29 -28.10 8.55
CA GLY D 152 -13.05 -27.05 9.20
C GLY D 152 -14.55 -27.30 9.18
N LYS D 153 -15.21 -26.87 10.25
CA LYS D 153 -16.67 -26.97 10.32
C LYS D 153 -17.33 -25.98 9.38
N TYR D 154 -18.40 -26.43 8.71
CA TYR D 154 -19.24 -25.52 7.94
C TYR D 154 -20.15 -24.75 8.89
N LEU D 155 -20.10 -23.42 8.81
CA LEU D 155 -21.01 -22.56 9.56
C LEU D 155 -21.91 -21.83 8.56
N PRO D 156 -23.22 -22.02 8.63
CA PRO D 156 -24.11 -21.43 7.63
C PRO D 156 -24.40 -19.96 7.89
N THR D 157 -24.60 -19.25 6.79
CA THR D 157 -25.15 -17.90 6.77
C THR D 157 -26.62 -18.04 6.44
N LYS D 158 -27.47 -17.71 7.41
CA LYS D 158 -28.91 -17.85 7.23
C LYS D 158 -29.60 -16.50 7.35
N PRO D 159 -30.74 -16.32 6.69
CA PRO D 159 -31.52 -15.09 6.88
C PRO D 159 -31.99 -14.96 8.32
N PHE D 160 -32.22 -13.72 8.72
N PHE D 160 -32.27 -13.73 8.71
CA PHE D 160 -32.83 -13.44 10.02
CA PHE D 160 -32.85 -13.46 10.03
C PHE D 160 -33.73 -12.22 9.90
C PHE D 160 -33.81 -12.29 10.00
N MET E 5 -34.91 13.88 3.76
CA MET E 5 -34.05 12.98 2.97
C MET E 5 -33.61 11.75 3.73
N ILE E 6 -34.14 10.60 3.30
CA ILE E 6 -33.73 9.30 3.82
C ILE E 6 -32.98 8.47 2.79
N GLN E 7 -32.81 8.98 1.57
CA GLN E 7 -32.14 8.23 0.51
C GLN E 7 -30.64 8.50 0.52
N SER E 8 -29.84 7.46 0.30
CA SER E 8 -28.39 7.61 0.36
C SER E 8 -27.71 6.73 -0.68
N GLN E 9 -26.48 7.10 -1.01
CA GLN E 9 -25.63 6.43 -1.98
C GLN E 9 -24.58 5.56 -1.28
N ILE E 10 -24.07 4.56 -2.01
CA ILE E 10 -23.05 3.67 -1.45
C ILE E 10 -21.80 3.59 -2.33
N ASN E 11 -21.87 4.13 -3.55
CA ASN E 11 -20.76 4.10 -4.51
C ASN E 11 -20.50 5.52 -5.00
N ARG E 12 -19.36 6.11 -4.61
CA ARG E 12 -19.10 7.50 -4.93
C ARG E 12 -19.06 7.78 -6.42
N ASN E 13 -18.81 6.77 -7.27
CA ASN E 13 -18.63 7.04 -8.69
C ASN E 13 -19.90 7.60 -9.34
N ILE E 14 -21.08 7.27 -8.82
CA ILE E 14 -22.31 7.78 -9.42
C ILE E 14 -22.33 9.30 -9.34
N ARG E 15 -22.13 9.84 -8.13
CA ARG E 15 -22.16 11.28 -7.96
C ARG E 15 -20.90 11.94 -8.50
N LEU E 16 -19.76 11.23 -8.53
CA LEU E 16 -18.59 11.85 -9.11
C LEU E 16 -18.68 11.93 -10.63
N ASP E 17 -19.31 10.93 -11.26
CA ASP E 17 -19.59 11.02 -12.69
C ASP E 17 -20.53 12.19 -12.97
N LEU E 18 -21.55 12.37 -12.13
CA LEU E 18 -22.42 13.52 -12.28
C LEU E 18 -21.64 14.83 -12.13
N ALA E 19 -20.70 14.87 -11.17
CA ALA E 19 -19.91 16.08 -10.99
C ALA E 19 -19.16 16.44 -12.28
N ASP E 20 -18.59 15.45 -12.97
CA ASP E 20 -17.88 15.73 -14.22
C ASP E 20 -18.83 16.33 -15.26
N ALA E 21 -20.05 15.80 -15.36
CA ALA E 21 -21.03 16.34 -16.28
C ALA E 21 -21.41 17.77 -15.90
N ILE E 22 -21.55 18.02 -14.59
CA ILE E 22 -21.86 19.35 -14.10
C ILE E 22 -20.73 20.32 -14.46
N LEU E 23 -19.48 19.89 -14.29
CA LEU E 23 -18.36 20.78 -14.58
C LEU E 23 -18.29 21.12 -16.07
N LEU E 24 -18.61 20.15 -16.93
CA LEU E 24 -18.63 20.40 -18.37
C LEU E 24 -19.70 21.41 -18.74
N SER E 25 -20.92 21.21 -18.22
CA SER E 25 -21.99 22.17 -18.46
C SER E 25 -21.63 23.55 -17.94
N LYS E 26 -21.09 23.60 -16.71
CA LYS E 26 -20.67 24.86 -16.11
C LYS E 26 -19.65 25.58 -16.97
N ALA E 27 -18.68 24.84 -17.52
CA ALA E 27 -17.67 25.46 -18.36
C ALA E 27 -18.27 25.96 -19.67
N LYS E 28 -19.16 25.18 -20.26
CA LYS E 28 -19.78 25.59 -21.52
C LYS E 28 -20.62 26.86 -21.33
N LYS E 29 -21.21 27.03 -20.15
CA LYS E 29 -22.05 28.19 -19.88
C LYS E 29 -21.29 29.33 -19.21
N ASP E 30 -19.98 29.17 -18.98
CA ASP E 30 -19.14 30.23 -18.46
C ASP E 30 -19.64 30.69 -17.08
N LEU E 31 -20.03 29.75 -16.24
CA LEU E 31 -20.61 30.00 -14.93
C LEU E 31 -19.57 29.81 -13.84
N SER E 32 -19.71 30.60 -12.77
CA SER E 32 -18.90 30.44 -11.57
C SER E 32 -19.69 29.68 -10.51
N PHE E 33 -18.97 29.14 -9.52
CA PHE E 33 -19.63 28.51 -8.38
C PHE E 33 -20.42 29.54 -7.57
N ALA E 34 -19.87 30.74 -7.41
CA ALA E 34 -20.60 31.79 -6.71
C ALA E 34 -21.94 32.07 -7.39
N GLU E 35 -21.97 32.09 -8.72
CA GLU E 35 -23.23 32.43 -9.36
C GLU E 35 -24.18 31.23 -9.42
N ILE E 36 -23.65 30.01 -9.44
CA ILE E 36 -24.53 28.84 -9.34
C ILE E 36 -25.21 28.82 -7.98
N ALA E 37 -24.50 29.18 -6.91
CA ALA E 37 -25.05 29.18 -5.56
C ALA E 37 -25.98 30.37 -5.31
N ASP E 38 -25.89 31.41 -6.13
CA ASP E 38 -26.70 32.59 -5.94
C ASP E 38 -28.18 32.22 -6.03
N GLY E 39 -28.97 32.72 -5.09
CA GLY E 39 -30.38 32.41 -5.05
C GLY E 39 -30.76 31.18 -4.27
N THR E 40 -29.79 30.36 -3.84
CA THR E 40 -30.13 29.16 -3.09
C THR E 40 -30.31 29.41 -1.60
N GLY E 41 -29.77 30.50 -1.08
CA GLY E 41 -29.70 30.70 0.35
C GLY E 41 -28.64 29.89 1.05
N LEU E 42 -27.77 29.22 0.30
CA LEU E 42 -26.74 28.35 0.87
C LEU E 42 -25.35 28.87 0.51
N ALA E 43 -24.41 28.65 1.43
CA ALA E 43 -23.04 29.13 1.24
C ALA E 43 -22.39 28.47 0.03
N GLU E 44 -21.50 29.23 -0.63
CA GLU E 44 -20.85 28.70 -1.82
C GLU E 44 -20.08 27.42 -1.52
N ALA E 45 -19.43 27.34 -0.35
CA ALA E 45 -18.68 26.12 -0.02
C ALA E 45 -19.61 24.91 0.07
N PHE E 46 -20.82 25.10 0.58
CA PHE E 46 -21.72 23.97 0.73
C PHE E 46 -22.31 23.54 -0.61
N VAL E 47 -22.75 24.52 -1.41
CA VAL E 47 -23.31 24.18 -2.72
C VAL E 47 -22.25 23.57 -3.62
N THR E 48 -21.05 24.16 -3.62
CA THR E 48 -19.97 23.61 -4.45
C THR E 48 -19.67 22.17 -4.04
N ALA E 49 -19.56 21.93 -2.73
CA ALA E 49 -19.31 20.56 -2.28
C ALA E 49 -20.41 19.61 -2.74
N ALA E 50 -21.67 20.05 -2.74
CA ALA E 50 -22.74 19.19 -3.20
C ALA E 50 -22.59 18.89 -4.70
N LEU E 51 -22.31 19.92 -5.51
CA LEU E 51 -22.09 19.66 -6.94
C LEU E 51 -20.98 18.64 -7.15
N LEU E 52 -19.96 18.68 -6.30
CA LEU E 52 -18.79 17.81 -6.41
C LEU E 52 -18.98 16.50 -5.65
N GLY E 53 -20.20 16.19 -5.23
CA GLY E 53 -20.53 14.89 -4.70
C GLY E 53 -20.36 14.72 -3.21
N GLN E 54 -20.18 15.80 -2.44
CA GLN E 54 -19.78 15.69 -1.04
C GLN E 54 -20.82 16.21 -0.07
N GLN E 55 -21.95 16.72 -0.56
CA GLN E 55 -23.07 17.12 0.28
C GLN E 55 -24.35 16.82 -0.47
N ALA E 56 -25.47 16.91 0.24
CA ALA E 56 -26.79 16.74 -0.35
C ALA E 56 -27.47 18.09 -0.46
N LEU E 57 -28.05 18.39 -1.62
CA LEU E 57 -28.79 19.64 -1.71
C LEU E 57 -30.25 19.42 -1.30
N PRO E 58 -30.84 20.37 -0.58
CA PRO E 58 -32.30 20.38 -0.44
C PRO E 58 -32.96 20.53 -1.80
N ALA E 59 -34.23 20.08 -1.86
CA ALA E 59 -34.93 19.95 -3.15
C ALA E 59 -34.98 21.27 -3.90
N ASP E 60 -35.33 22.37 -3.22
CA ASP E 60 -35.45 23.66 -3.89
C ASP E 60 -34.12 24.10 -4.49
N ALA E 61 -33.02 23.91 -3.75
CA ALA E 61 -31.71 24.29 -4.29
C ALA E 61 -31.30 23.37 -5.43
N ALA E 62 -31.62 22.07 -5.31
CA ALA E 62 -31.30 21.13 -6.38
C ALA E 62 -32.02 21.49 -7.67
N ARG E 63 -33.29 21.86 -7.57
CA ARG E 63 -34.02 22.26 -8.76
C ARG E 63 -33.46 23.55 -9.35
N LEU E 64 -33.08 24.50 -8.49
CA LEU E 64 -32.54 25.77 -8.94
C LEU E 64 -31.23 25.56 -9.71
N VAL E 65 -30.25 24.92 -9.08
CA VAL E 65 -28.98 24.71 -9.76
C VAL E 65 -29.15 23.81 -10.97
N GLY E 66 -30.10 22.88 -10.92
CA GLY E 66 -30.34 22.02 -12.07
C GLY E 66 -30.84 22.78 -13.27
N ALA E 67 -31.74 23.74 -13.05
CA ALA E 67 -32.20 24.60 -14.13
C ALA E 67 -31.05 25.42 -14.69
N LYS E 68 -30.20 25.98 -13.82
CA LYS E 68 -29.07 26.78 -14.27
C LYS E 68 -28.13 25.97 -15.16
N LEU E 69 -27.92 24.70 -14.82
CA LEU E 69 -26.93 23.86 -15.50
C LEU E 69 -27.56 22.94 -16.54
N ASP E 70 -28.89 23.03 -16.73
CA ASP E 70 -29.61 22.22 -17.70
C ASP E 70 -29.43 20.72 -17.43
N LEU E 71 -29.65 20.33 -16.17
CA LEU E 71 -29.51 18.93 -15.77
C LEU E 71 -30.83 18.19 -15.96
N ASP E 72 -30.73 16.88 -16.23
CA ASP E 72 -31.96 16.11 -16.38
C ASP E 72 -32.54 15.77 -15.01
N GLU E 73 -33.73 15.15 -15.02
CA GLU E 73 -34.45 14.95 -13.77
C GLU E 73 -33.76 13.92 -12.87
N ASP E 74 -33.14 12.89 -13.45
CA ASP E 74 -32.39 11.95 -12.63
C ASP E 74 -31.22 12.63 -11.94
N SER E 75 -30.55 13.56 -12.63
CA SER E 75 -29.42 14.28 -12.03
C SER E 75 -29.88 15.19 -10.90
N ILE E 76 -31.02 15.88 -11.08
CA ILE E 76 -31.54 16.73 -10.02
C ILE E 76 -31.90 15.89 -8.81
N LEU E 77 -32.40 14.68 -9.04
CA LEU E 77 -32.67 13.79 -7.92
C LEU E 77 -31.38 13.33 -7.26
N LEU E 78 -30.37 12.95 -8.05
CA LEU E 78 -29.12 12.46 -7.47
C LEU E 78 -28.49 13.51 -6.56
N LEU E 79 -28.58 14.79 -6.93
CA LEU E 79 -27.99 15.85 -6.12
C LEU E 79 -28.62 15.94 -4.74
N GLN E 80 -29.83 15.41 -4.57
CA GLN E 80 -30.53 15.43 -3.28
C GLN E 80 -30.19 14.22 -2.42
N MET E 81 -29.58 13.19 -2.98
CA MET E 81 -29.24 12.00 -2.20
C MET E 81 -28.07 12.30 -1.28
N ILE E 82 -28.07 11.63 -0.12
CA ILE E 82 -26.95 11.68 0.81
C ILE E 82 -25.79 10.93 0.19
N PRO E 83 -24.62 11.56 0.05
CA PRO E 83 -23.55 10.93 -0.72
C PRO E 83 -22.73 9.93 0.09
N LEU E 84 -22.01 9.12 -0.68
CA LEU E 84 -20.87 8.34 -0.19
C LEU E 84 -19.67 9.27 -0.32
N ARG E 85 -19.27 9.87 0.78
CA ARG E 85 -18.32 10.97 0.72
C ARG E 85 -16.89 10.45 0.62
N GLY E 86 -16.04 11.30 0.04
CA GLY E 86 -14.62 11.01 -0.14
C GLY E 86 -14.20 11.46 -1.53
N CYS E 87 -13.60 12.64 -1.62
CA CYS E 87 -13.27 13.22 -2.91
C CYS E 87 -11.88 12.88 -3.41
N ILE E 88 -11.01 12.33 -2.57
CA ILE E 88 -9.63 12.09 -2.98
C ILE E 88 -9.58 10.76 -3.72
N ASP E 89 -8.98 10.77 -4.92
CA ASP E 89 -8.90 9.56 -5.73
C ASP E 89 -8.31 8.39 -4.96
N ASP E 90 -7.10 8.54 -4.44
CA ASP E 90 -6.41 7.46 -3.75
C ASP E 90 -5.67 7.99 -2.53
N ARG E 91 -6.44 8.42 -1.52
CA ARG E 91 -6.00 8.71 -0.15
C ARG E 91 -5.13 9.95 0.01
N ILE E 92 -4.11 10.12 -0.83
CA ILE E 92 -3.24 11.29 -0.78
C ILE E 92 -3.40 12.02 -2.11
N PRO E 93 -3.70 13.31 -2.13
CA PRO E 93 -3.87 14.00 -3.41
C PRO E 93 -2.58 14.04 -4.21
N THR E 94 -2.71 13.97 -5.53
CA THR E 94 -1.59 14.28 -6.42
C THR E 94 -1.61 15.72 -6.87
N ASP E 95 -2.78 16.34 -6.88
CA ASP E 95 -2.91 17.69 -7.40
C ASP E 95 -2.22 18.68 -6.45
N PRO E 96 -1.33 19.54 -6.95
CA PRO E 96 -0.61 20.46 -6.04
C PRO E 96 -1.53 21.32 -5.18
N THR E 97 -2.62 21.83 -5.75
CA THR E 97 -3.50 22.71 -4.98
C THR E 97 -4.13 21.95 -3.80
N MET E 98 -4.62 20.73 -4.05
CA MET E 98 -5.14 19.90 -2.97
C MET E 98 -4.04 19.43 -2.03
N TYR E 99 -2.86 19.11 -2.58
CA TYR E 99 -1.80 18.54 -1.77
C TYR E 99 -1.37 19.49 -0.66
N ARG E 100 -1.36 20.80 -0.93
CA ARG E 100 -0.89 21.72 0.12
C ARG E 100 -1.71 21.58 1.40
N PHE E 101 -3.00 21.26 1.29
CA PHE E 101 -3.80 21.12 2.50
C PHE E 101 -3.47 19.82 3.23
N TYR E 102 -3.09 18.77 2.50
CA TYR E 102 -2.55 17.58 3.13
C TYR E 102 -1.22 17.88 3.82
N GLU E 103 -0.36 18.67 3.18
CA GLU E 103 0.94 19.00 3.75
C GLU E 103 0.80 19.77 5.06
N MET E 104 -0.18 20.70 5.13
CA MET E 104 -0.49 21.34 6.41
C MET E 104 -0.77 20.34 7.51
N LEU E 105 -1.41 19.21 7.19
CA LEU E 105 -1.58 18.15 8.18
C LEU E 105 -0.26 17.45 8.52
N GLN E 106 0.58 17.18 7.51
CA GLN E 106 1.87 16.57 7.81
C GLN E 106 2.74 17.47 8.69
N VAL E 107 2.64 18.78 8.55
CA VAL E 107 3.46 19.67 9.35
C VAL E 107 2.80 20.00 10.68
N TYR E 108 1.49 20.30 10.67
CA TYR E 108 0.83 20.80 11.87
C TYR E 108 -0.14 19.82 12.52
N GLY E 109 -0.27 18.60 12.02
CA GLY E 109 -1.28 17.71 12.57
C GLY E 109 -1.14 17.45 14.06
N THR E 110 0.08 17.18 14.53
CA THR E 110 0.27 16.93 15.95
C THR E 110 0.17 18.19 16.77
N THR E 111 0.47 19.35 16.16
CA THR E 111 0.26 20.63 16.85
C THR E 111 -1.22 20.92 17.00
N LEU E 112 -2.02 20.62 15.98
CA LEU E 112 -3.46 20.76 16.12
C LEU E 112 -3.99 19.88 17.24
N LYS E 113 -3.55 18.60 17.27
CA LYS E 113 -3.92 17.72 18.37
C LYS E 113 -3.53 18.31 19.70
N ALA E 114 -2.27 18.75 19.83
CA ALA E 114 -1.75 19.22 21.11
C ALA E 114 -2.50 20.45 21.60
N LEU E 115 -2.76 21.40 20.70
CA LEU E 115 -3.44 22.64 21.11
C LEU E 115 -4.92 22.40 21.35
N VAL E 116 -5.55 21.46 20.63
CA VAL E 116 -6.95 21.15 20.91
C VAL E 116 -7.09 20.56 22.31
N HIS E 117 -6.24 19.60 22.67
CA HIS E 117 -6.33 19.03 24.01
C HIS E 117 -5.99 20.06 25.09
N GLU E 118 -5.06 20.98 24.80
CA GLU E 118 -4.73 22.03 25.77
C GLU E 118 -5.90 22.98 26.01
N LYS E 119 -6.54 23.44 24.94
CA LYS E 119 -7.57 24.46 25.10
C LYS E 119 -8.92 23.88 25.49
N PHE E 120 -9.23 22.68 25.02
CA PHE E 120 -10.55 22.10 25.21
C PHE E 120 -10.57 20.87 26.10
N GLY E 121 -9.57 20.00 25.95
CA GLY E 121 -9.49 18.74 26.68
C GLY E 121 -9.50 17.56 25.73
N ASP E 122 -9.64 16.38 26.31
CA ASP E 122 -9.71 15.17 25.48
C ASP E 122 -10.98 15.20 24.63
N GLY E 123 -10.87 14.67 23.41
CA GLY E 123 -11.98 14.68 22.47
C GLY E 123 -11.53 15.18 21.13
N ILE E 124 -12.44 15.78 20.36
CA ILE E 124 -12.17 16.14 18.97
C ILE E 124 -12.76 17.51 18.69
N ILE E 125 -12.23 18.13 17.63
CA ILE E 125 -12.96 19.16 16.89
C ILE E 125 -13.72 18.46 15.79
N SER E 126 -15.04 18.65 15.80
CA SER E 126 -15.94 17.95 14.90
C SER E 126 -15.70 18.33 13.45
N ALA E 127 -15.77 17.32 12.57
CA ALA E 127 -15.84 17.53 11.13
C ALA E 127 -17.27 17.49 10.60
N ILE E 128 -18.24 17.37 11.50
CA ILE E 128 -19.65 17.26 11.16
C ILE E 128 -20.42 18.50 11.61
N ASN E 129 -20.35 18.82 12.90
CA ASN E 129 -20.80 20.12 13.38
C ASN E 129 -19.65 21.08 13.02
N PHE E 130 -19.70 21.54 11.78
CA PHE E 130 -18.51 22.07 11.14
C PHE E 130 -18.92 22.90 9.94
N LYS E 131 -18.21 24.00 9.74
CA LYS E 131 -18.31 24.72 8.49
C LYS E 131 -16.95 25.28 8.11
N LEU E 132 -16.81 25.59 6.82
CA LEU E 132 -15.58 26.04 6.22
C LEU E 132 -15.88 27.23 5.32
N ASP E 133 -14.93 28.16 5.20
CA ASP E 133 -15.07 29.19 4.17
C ASP E 133 -13.69 29.65 3.72
N VAL E 134 -13.67 30.22 2.51
CA VAL E 134 -12.47 30.69 1.85
C VAL E 134 -12.63 32.18 1.56
N LYS E 135 -11.69 32.99 2.02
CA LYS E 135 -11.69 34.43 1.82
C LYS E 135 -10.38 34.88 1.18
N LYS E 136 -10.48 35.83 0.26
CA LYS E 136 -9.32 36.43 -0.37
C LYS E 136 -9.04 37.78 0.29
N VAL E 137 -7.79 37.98 0.70
CA VAL E 137 -7.35 39.22 1.33
C VAL E 137 -6.08 39.68 0.65
N ALA E 138 -5.84 40.98 0.70
CA ALA E 138 -4.60 41.52 0.17
C ALA E 138 -3.43 41.19 1.09
N ASP E 139 -2.30 40.81 0.48
CA ASP E 139 -1.07 40.66 1.24
C ASP E 139 -0.40 42.03 1.34
N PRO E 140 -0.15 42.53 2.56
CA PRO E 140 0.52 43.84 2.69
C PRO E 140 1.81 43.94 1.93
N GLU E 141 2.56 42.83 1.82
CA GLU E 141 3.82 42.78 1.11
C GLU E 141 3.65 42.65 -0.40
N GLY E 142 2.42 42.61 -0.89
CA GLY E 142 2.14 42.51 -2.31
C GLY E 142 1.56 41.14 -2.64
N GLY E 143 0.57 41.14 -3.52
CA GLY E 143 -0.11 39.90 -3.87
C GLY E 143 -1.34 39.67 -3.00
N GLU E 144 -1.78 38.41 -3.00
CA GLU E 144 -3.04 38.03 -2.39
C GLU E 144 -2.81 36.82 -1.50
N ARG E 145 -3.66 36.69 -0.47
CA ARG E 145 -3.64 35.56 0.44
C ARG E 145 -5.04 34.95 0.52
N ALA E 146 -5.09 33.65 0.77
CA ALA E 146 -6.34 33.00 1.13
C ALA E 146 -6.37 32.79 2.62
N VAL E 147 -7.47 33.20 3.24
CA VAL E 147 -7.73 32.91 4.64
C VAL E 147 -8.84 31.86 4.65
N ILE E 148 -8.47 30.64 5.03
CA ILE E 148 -9.40 29.52 5.04
C ILE E 148 -9.72 29.21 6.50
N THR E 149 -11.00 29.34 6.86
CA THR E 149 -11.41 29.22 8.25
C THR E 149 -12.13 27.89 8.44
N LEU E 150 -11.59 27.06 9.32
CA LEU E 150 -12.20 25.80 9.72
C LEU E 150 -12.84 26.04 11.08
N ASP E 151 -14.13 25.74 11.19
CA ASP E 151 -14.91 26.12 12.38
C ASP E 151 -15.71 24.90 12.82
N GLY E 152 -15.24 24.21 13.88
CA GLY E 152 -15.88 22.99 14.34
C GLY E 152 -16.14 22.99 15.83
N LYS E 153 -17.22 22.31 16.22
CA LYS E 153 -17.55 22.19 17.63
C LYS E 153 -16.61 21.21 18.35
N TYR E 154 -16.22 21.56 19.58
CA TYR E 154 -15.50 20.63 20.43
C TYR E 154 -16.47 19.61 21.01
N LEU E 155 -16.15 18.32 20.81
CA LEU E 155 -16.90 17.21 21.41
C LEU E 155 -15.98 16.48 22.37
N PRO E 156 -16.28 16.47 23.67
CA PRO E 156 -15.36 15.88 24.64
C PRO E 156 -15.41 14.36 24.67
N THR E 157 -14.25 13.78 24.99
CA THR E 157 -14.12 12.36 25.31
C THR E 157 -14.11 12.26 26.83
N LYS E 158 -15.15 11.65 27.40
CA LYS E 158 -15.32 11.54 28.84
C LYS E 158 -15.29 10.10 29.29
N PRO E 159 -14.84 9.84 30.51
CA PRO E 159 -14.96 8.48 31.06
C PRO E 159 -16.42 8.08 31.19
N PHE E 160 -16.66 6.78 31.18
N PHE E 160 -16.67 6.78 31.23
CA PHE E 160 -17.98 6.22 31.46
CA PHE E 160 -18.01 6.28 31.49
C PHE E 160 -17.80 4.91 32.23
C PHE E 160 -17.97 4.95 32.25
N MET F 5 -7.23 17.43 32.23
CA MET F 5 -5.97 16.99 31.66
C MET F 5 -5.69 17.74 30.35
N ILE F 6 -4.52 18.37 30.25
CA ILE F 6 -4.12 19.12 29.07
C ILE F 6 -2.89 18.51 28.40
N GLN F 7 -2.29 17.48 28.99
CA GLN F 7 -1.11 16.84 28.42
C GLN F 7 -1.52 15.73 27.46
N SER F 8 -0.82 15.62 26.34
CA SER F 8 -1.19 14.59 25.35
C SER F 8 0.06 14.01 24.72
N GLN F 9 -0.12 12.83 24.13
CA GLN F 9 0.95 12.07 23.49
C GLN F 9 0.89 12.20 21.97
N ILE F 10 2.01 11.96 21.31
CA ILE F 10 2.03 11.99 19.83
C ILE F 10 2.63 10.73 19.23
N ASN F 11 3.18 9.85 20.05
CA ASN F 11 3.80 8.60 19.58
C ASN F 11 3.15 7.45 20.33
N ARG F 12 2.33 6.66 19.63
CA ARG F 12 1.57 5.62 20.31
C ARG F 12 2.44 4.56 20.95
N ASN F 13 3.72 4.45 20.54
CA ASN F 13 4.53 3.33 21.03
C ASN F 13 4.81 3.43 22.52
N ILE F 14 4.84 4.64 23.08
CA ILE F 14 5.10 4.78 24.51
C ILE F 14 4.00 4.15 25.33
N ARG F 15 2.73 4.49 25.03
CA ARG F 15 1.62 3.89 25.77
C ARG F 15 1.42 2.42 25.41
N LEU F 16 1.77 2.03 24.18
CA LEU F 16 1.62 0.62 23.84
C LEU F 16 2.71 -0.23 24.49
N ASP F 17 3.92 0.31 24.66
CA ASP F 17 4.93 -0.41 25.42
C ASP F 17 4.51 -0.57 26.87
N LEU F 18 3.92 0.50 27.44
CA LEU F 18 3.38 0.40 28.79
C LEU F 18 2.29 -0.67 28.88
N ALA F 19 1.43 -0.76 27.85
CA ALA F 19 0.39 -1.78 27.86
C ALA F 19 0.97 -3.18 27.93
N ASP F 20 2.06 -3.44 27.18
CA ASP F 20 2.72 -4.73 27.23
C ASP F 20 3.21 -5.03 28.64
N ALA F 21 3.78 -4.02 29.31
CA ALA F 21 4.26 -4.21 30.67
C ALA F 21 3.10 -4.47 31.63
N ILE F 22 2.01 -3.72 31.47
CA ILE F 22 0.80 -3.96 32.26
C ILE F 22 0.30 -5.38 32.08
N LEU F 23 0.27 -5.86 30.83
CA LEU F 23 -0.27 -7.19 30.57
C LEU F 23 0.57 -8.27 31.23
N LEU F 24 1.89 -8.10 31.25
CA LEU F 24 2.75 -9.06 31.93
C LEU F 24 2.49 -9.07 33.43
N SER F 25 2.45 -7.89 34.05
CA SER F 25 2.16 -7.81 35.48
C SER F 25 0.79 -8.39 35.80
N LYS F 26 -0.20 -8.07 34.97
CA LYS F 26 -1.55 -8.60 35.14
C LYS F 26 -1.56 -10.12 35.09
N ALA F 27 -0.79 -10.70 34.15
CA ALA F 27 -0.75 -12.16 34.05
C ALA F 27 -0.05 -12.77 35.26
N LYS F 28 1.04 -12.16 35.72
CA LYS F 28 1.73 -12.69 36.90
C LYS F 28 0.84 -12.69 38.12
N LYS F 29 -0.05 -11.72 38.23
CA LYS F 29 -0.91 -11.58 39.40
C LYS F 29 -2.25 -12.27 39.23
N ASP F 30 -2.49 -12.93 38.09
CA ASP F 30 -3.73 -13.67 37.85
C ASP F 30 -4.94 -12.75 38.00
N LEU F 31 -4.84 -11.53 37.48
CA LEU F 31 -5.88 -10.52 37.56
C LEU F 31 -6.72 -10.47 36.30
N SER F 32 -8.00 -10.15 36.46
CA SER F 32 -8.90 -9.89 35.33
C SER F 32 -9.08 -8.39 35.15
N PHE F 33 -9.55 -8.02 33.94
CA PHE F 33 -9.87 -6.62 33.67
C PHE F 33 -11.05 -6.15 34.52
N ALA F 34 -12.02 -7.04 34.73
CA ALA F 34 -13.14 -6.71 35.62
C ALA F 34 -12.67 -6.37 37.03
N GLU F 35 -11.72 -7.14 37.57
CA GLU F 35 -11.34 -6.78 38.94
C GLU F 35 -10.39 -5.58 38.98
N ILE F 36 -9.59 -5.36 37.93
CA ILE F 36 -8.76 -4.16 37.90
C ILE F 36 -9.64 -2.91 37.89
N ALA F 37 -10.73 -2.94 37.15
CA ALA F 37 -11.63 -1.80 37.05
C ALA F 37 -12.55 -1.68 38.25
N ASP F 38 -12.66 -2.73 39.06
CA ASP F 38 -13.54 -2.69 40.23
C ASP F 38 -13.04 -1.65 41.23
N GLY F 39 -13.94 -0.77 41.66
CA GLY F 39 -13.61 0.30 42.58
C GLY F 39 -13.22 1.61 41.92
N THR F 40 -13.07 1.63 40.60
CA THR F 40 -12.78 2.88 39.90
C THR F 40 -14.00 3.73 39.63
N GLY F 41 -15.21 3.15 39.69
CA GLY F 41 -16.40 3.86 39.25
C GLY F 41 -16.55 3.94 37.76
N LEU F 42 -15.67 3.28 37.02
CA LEU F 42 -15.65 3.38 35.56
C LEU F 42 -15.93 2.01 34.94
N ALA F 43 -16.53 2.05 33.74
CA ALA F 43 -16.88 0.84 33.02
C ALA F 43 -15.64 0.06 32.63
N GLU F 44 -15.77 -1.27 32.64
CA GLU F 44 -14.62 -2.11 32.31
C GLU F 44 -14.10 -1.82 30.92
N ALA F 45 -14.98 -1.50 29.97
CA ALA F 45 -14.48 -1.23 28.62
C ALA F 45 -13.64 0.04 28.59
N PHE F 46 -14.02 1.04 29.38
CA PHE F 46 -13.25 2.28 29.41
C PHE F 46 -11.91 2.08 30.12
N VAL F 47 -11.91 1.42 31.29
CA VAL F 47 -10.65 1.19 32.00
C VAL F 47 -9.72 0.31 31.19
N THR F 48 -10.26 -0.77 30.60
CA THR F 48 -9.44 -1.67 29.79
C THR F 48 -8.81 -0.91 28.62
N ALA F 49 -9.61 -0.09 27.95
CA ALA F 49 -9.08 0.70 26.84
C ALA F 49 -7.94 1.59 27.29
N ALA F 50 -8.06 2.17 28.49
CA ALA F 50 -6.98 3.03 28.99
C ALA F 50 -5.70 2.23 29.23
N LEU F 51 -5.81 1.06 29.87
CA LEU F 51 -4.63 0.21 30.05
C LEU F 51 -3.96 -0.10 28.72
N LEU F 52 -4.77 -0.32 27.68
CA LEU F 52 -4.27 -0.69 26.37
C LEU F 52 -3.92 0.53 25.51
N GLY F 53 -3.84 1.71 26.12
CA GLY F 53 -3.33 2.88 25.42
C GLY F 53 -4.35 3.73 24.69
N GLN F 54 -5.65 3.52 24.89
CA GLN F 54 -6.65 4.11 24.02
C GLN F 54 -7.59 5.08 24.74
N GLN F 55 -7.38 5.31 26.03
CA GLN F 55 -8.12 6.30 26.79
C GLN F 55 -7.19 6.84 27.87
N ALA F 56 -7.61 7.93 28.49
CA ALA F 56 -6.88 8.52 29.62
C ALA F 56 -7.64 8.25 30.90
N LEU F 57 -6.96 7.72 31.92
CA LEU F 57 -7.59 7.54 33.22
C LEU F 57 -7.56 8.84 34.03
N PRO F 58 -8.66 9.18 34.70
CA PRO F 58 -8.59 10.19 35.76
C PRO F 58 -7.58 9.75 36.81
N ALA F 59 -7.08 10.73 37.56
CA ALA F 59 -5.94 10.49 38.45
C ALA F 59 -6.23 9.45 39.51
N ASP F 60 -7.42 9.49 40.13
CA ASP F 60 -7.72 8.52 41.18
C ASP F 60 -7.80 7.11 40.62
N ALA F 61 -8.40 6.94 39.44
CA ALA F 61 -8.45 5.62 38.82
C ALA F 61 -7.06 5.13 38.43
N ALA F 62 -6.23 6.03 37.90
CA ALA F 62 -4.87 5.66 37.54
C ALA F 62 -4.09 5.19 38.76
N ARG F 63 -4.25 5.87 39.90
CA ARG F 63 -3.52 5.45 41.07
C ARG F 63 -4.04 4.12 41.61
N LEU F 64 -5.36 3.89 41.52
CA LEU F 64 -5.93 2.63 41.97
C LEU F 64 -5.44 1.45 41.12
N VAL F 65 -5.56 1.55 39.80
CA VAL F 65 -5.07 0.44 38.99
C VAL F 65 -3.56 0.33 39.06
N GLY F 66 -2.86 1.46 39.25
CA GLY F 66 -1.42 1.40 39.41
C GLY F 66 -1.01 0.64 40.66
N ALA F 67 -1.76 0.81 41.75
CA ALA F 67 -1.47 0.03 42.95
C ALA F 67 -1.72 -1.46 42.72
N LYS F 68 -2.83 -1.81 42.07
CA LYS F 68 -3.14 -3.22 41.84
C LYS F 68 -2.09 -3.89 40.97
N LEU F 69 -1.52 -3.17 40.02
CA LEU F 69 -0.57 -3.73 39.07
C LEU F 69 0.89 -3.44 39.41
N ASP F 70 1.13 -2.73 40.52
CA ASP F 70 2.49 -2.40 40.99
C ASP F 70 3.26 -1.58 39.96
N LEU F 71 2.61 -0.58 39.38
CA LEU F 71 3.25 0.26 38.38
C LEU F 71 4.06 1.36 39.05
N ASP F 72 5.12 1.79 38.37
CA ASP F 72 5.94 2.87 38.89
C ASP F 72 5.27 4.23 38.62
N GLU F 73 5.90 5.30 39.10
CA GLU F 73 5.24 6.60 39.09
C GLU F 73 5.11 7.13 37.67
N ASP F 74 6.14 6.93 36.84
CA ASP F 74 6.06 7.37 35.45
C ASP F 74 4.92 6.67 34.72
N SER F 75 4.69 5.39 35.05
CA SER F 75 3.61 4.64 34.41
C SER F 75 2.24 5.17 34.82
N ILE F 76 2.09 5.51 36.11
CA ILE F 76 0.82 6.03 36.60
C ILE F 76 0.54 7.39 35.97
N LEU F 77 1.58 8.21 35.77
CA LEU F 77 1.42 9.47 35.05
C LEU F 77 1.03 9.23 33.59
N LEU F 78 1.71 8.30 32.92
CA LEU F 78 1.45 8.03 31.50
C LEU F 78 0.00 7.63 31.26
N LEU F 79 -0.58 6.82 32.16
CA LEU F 79 -1.98 6.42 32.04
C LEU F 79 -2.94 7.60 32.07
N GLN F 80 -2.52 8.72 32.64
CA GLN F 80 -3.38 9.89 32.71
C GLN F 80 -3.25 10.81 31.51
N MET F 81 -2.28 10.56 30.64
CA MET F 81 -2.06 11.41 29.48
C MET F 81 -3.07 11.06 28.39
N ILE F 82 -3.45 12.07 27.62
CA ILE F 82 -4.34 11.85 26.49
C ILE F 82 -3.55 11.11 25.41
N PRO F 83 -4.02 9.95 24.95
CA PRO F 83 -3.21 9.12 24.05
C PRO F 83 -3.25 9.56 22.60
N LEU F 84 -2.26 9.05 21.86
CA LEU F 84 -2.29 9.00 20.40
C LEU F 84 -2.98 7.68 20.06
N ARG F 85 -4.26 7.76 19.76
CA ARG F 85 -5.10 6.56 19.65
C ARG F 85 -4.89 5.85 18.33
N GLY F 86 -5.12 4.55 18.36
CA GLY F 86 -5.01 3.67 17.19
C GLY F 86 -4.36 2.38 17.63
N CYS F 87 -5.17 1.36 17.87
CA CYS F 87 -4.67 0.11 18.43
C CYS F 87 -4.26 -0.91 17.37
N ILE F 88 -4.62 -0.70 16.11
CA ILE F 88 -4.34 -1.69 15.07
C ILE F 88 -2.93 -1.47 14.54
N ASP F 89 -2.14 -2.54 14.48
CA ASP F 89 -0.75 -2.41 14.05
C ASP F 89 -0.65 -1.73 12.69
N ASP F 90 -1.34 -2.28 11.69
CA ASP F 90 -1.23 -1.81 10.30
C ASP F 90 -2.60 -1.89 9.62
N ARG F 91 -3.52 -1.06 10.10
CA ARG F 91 -4.78 -0.68 9.45
C ARG F 91 -5.81 -1.80 9.45
N ILE F 92 -5.43 -3.02 9.12
CA ILE F 92 -6.37 -4.13 9.07
C ILE F 92 -5.84 -5.17 10.05
N PRO F 93 -6.64 -5.63 11.01
CA PRO F 93 -6.11 -6.60 11.99
C PRO F 93 -5.72 -7.92 11.33
N THR F 94 -4.64 -8.52 11.86
CA THR F 94 -4.31 -9.90 11.55
C THR F 94 -4.94 -10.89 12.50
N ASP F 95 -5.21 -10.46 13.73
CA ASP F 95 -5.69 -11.37 14.75
C ASP F 95 -7.12 -11.78 14.44
N PRO F 96 -7.44 -13.08 14.39
CA PRO F 96 -8.82 -13.51 14.11
C PRO F 96 -9.89 -12.86 14.98
N THR F 97 -9.65 -12.75 16.29
CA THR F 97 -10.68 -12.18 17.16
C THR F 97 -10.97 -10.75 16.78
N MET F 98 -9.93 -9.98 16.51
CA MET F 98 -10.14 -8.58 16.14
C MET F 98 -10.67 -8.50 14.71
N TYR F 99 -10.21 -9.41 13.84
CA TYR F 99 -10.59 -9.33 12.43
C TYR F 99 -12.11 -9.46 12.27
N ARG F 100 -12.76 -10.29 13.09
CA ARG F 100 -14.21 -10.47 12.91
C ARG F 100 -14.96 -9.15 13.01
N PHE F 101 -14.48 -8.21 13.85
CA PHE F 101 -15.16 -6.93 13.93
C PHE F 101 -14.90 -6.07 12.71
N TYR F 102 -13.73 -6.21 12.08
CA TYR F 102 -13.50 -5.59 10.77
C TYR F 102 -14.39 -6.23 9.71
N GLU F 103 -14.56 -7.56 9.75
CA GLU F 103 -15.40 -8.21 8.75
C GLU F 103 -16.85 -7.76 8.85
N MET F 104 -17.37 -7.56 10.07
CA MET F 104 -18.71 -6.97 10.18
C MET F 104 -18.83 -5.65 9.45
N LEU F 105 -17.76 -4.84 9.43
CA LEU F 105 -17.84 -3.61 8.64
C LEU F 105 -17.80 -3.90 7.14
N GLN F 106 -16.98 -4.88 6.71
CA GLN F 106 -16.98 -5.22 5.29
C GLN F 106 -18.32 -5.75 4.82
N VAL F 107 -19.07 -6.42 5.70
CA VAL F 107 -20.35 -6.98 5.28
C VAL F 107 -21.49 -5.98 5.50
N TYR F 108 -21.49 -5.27 6.63
CA TYR F 108 -22.61 -4.45 7.00
C TYR F 108 -22.33 -2.94 6.98
N GLY F 109 -21.13 -2.51 6.57
CA GLY F 109 -20.81 -1.09 6.65
C GLY F 109 -21.78 -0.21 5.88
N THR F 110 -22.12 -0.61 4.64
CA THR F 110 -23.04 0.21 3.86
C THR F 110 -24.47 0.08 4.38
N THR F 111 -24.82 -1.05 5.00
CA THR F 111 -26.14 -1.18 5.61
C THR F 111 -26.26 -0.27 6.83
N LEU F 112 -25.20 -0.19 7.65
CA LEU F 112 -25.19 0.74 8.77
C LEU F 112 -25.36 2.18 8.28
N LYS F 113 -24.63 2.54 7.23
CA LYS F 113 -24.81 3.87 6.64
C LYS F 113 -26.25 4.08 6.21
N ALA F 114 -26.80 3.13 5.45
CA ALA F 114 -28.13 3.31 4.87
C ALA F 114 -29.18 3.42 5.95
N LEU F 115 -29.09 2.58 6.99
CA LEU F 115 -30.11 2.61 8.04
C LEU F 115 -29.93 3.83 8.96
N VAL F 116 -28.70 4.29 9.17
CA VAL F 116 -28.49 5.52 9.93
C VAL F 116 -29.14 6.71 9.21
N HIS F 117 -28.92 6.82 7.90
CA HIS F 117 -29.53 7.95 7.20
C HIS F 117 -31.04 7.81 7.15
N GLU F 118 -31.56 6.57 7.09
CA GLU F 118 -33.00 6.38 7.08
C GLU F 118 -33.64 6.76 8.39
N LYS F 119 -33.05 6.36 9.52
CA LYS F 119 -33.67 6.56 10.81
C LYS F 119 -33.38 7.95 11.38
N PHE F 120 -32.22 8.50 11.09
CA PHE F 120 -31.79 9.77 11.67
C PHE F 120 -31.67 10.90 10.67
N GLY F 121 -31.13 10.63 9.48
CA GLY F 121 -30.87 11.63 8.47
C GLY F 121 -29.40 11.69 8.14
N ASP F 122 -29.03 12.71 7.38
CA ASP F 122 -27.62 12.92 7.04
C ASP F 122 -26.82 13.24 8.29
N GLY F 123 -25.58 12.79 8.30
CA GLY F 123 -24.72 12.96 9.45
C GLY F 123 -24.07 11.66 9.86
N ILE F 124 -23.71 11.53 11.14
CA ILE F 124 -22.96 10.39 11.63
C ILE F 124 -23.55 9.91 12.95
N ILE F 125 -23.23 8.67 13.29
CA ILE F 125 -23.27 8.20 14.68
C ILE F 125 -21.87 8.41 15.26
N SER F 126 -21.80 9.18 16.35
CA SER F 126 -20.53 9.59 16.93
C SER F 126 -19.73 8.41 17.47
N ALA F 127 -18.42 8.44 17.26
CA ALA F 127 -17.49 7.55 17.94
C ALA F 127 -16.86 8.22 19.17
N ILE F 128 -17.33 9.40 19.51
CA ILE F 128 -16.78 10.20 20.60
C ILE F 128 -17.78 10.31 21.75
N ASN F 129 -18.97 10.82 21.47
CA ASN F 129 -20.09 10.72 22.40
C ASN F 129 -20.63 9.31 22.23
N PHE F 130 -19.99 8.39 22.94
CA PHE F 130 -20.03 6.98 22.54
C PHE F 130 -19.68 6.09 23.72
N LYS F 131 -20.45 5.02 23.89
CA LYS F 131 -20.18 4.00 24.89
C LYS F 131 -20.26 2.63 24.26
N LEU F 132 -19.45 1.71 24.79
CA LEU F 132 -19.39 0.34 24.32
C LEU F 132 -19.45 -0.59 25.52
N ASP F 133 -20.16 -1.71 25.36
CA ASP F 133 -20.03 -2.76 26.36
C ASP F 133 -20.21 -4.13 25.73
N VAL F 134 -19.68 -5.13 26.43
CA VAL F 134 -19.69 -6.52 26.00
C VAL F 134 -20.42 -7.33 27.07
N LYS F 135 -21.47 -8.08 26.67
CA LYS F 135 -22.19 -8.95 27.60
C LYS F 135 -22.18 -10.37 27.09
N LYS F 136 -22.05 -11.32 28.01
CA LYS F 136 -22.14 -12.74 27.69
C LYS F 136 -23.56 -13.22 27.99
N VAL F 137 -24.18 -13.90 27.03
CA VAL F 137 -25.51 -14.46 27.19
C VAL F 137 -25.53 -15.90 26.68
N ALA F 138 -26.43 -16.69 27.26
CA ALA F 138 -26.61 -18.06 26.80
C ALA F 138 -27.26 -18.08 25.43
N ASP F 139 -26.78 -18.95 24.57
CA ASP F 139 -27.43 -19.20 23.30
C ASP F 139 -28.52 -20.24 23.52
N PRO F 140 -29.79 -19.92 23.23
CA PRO F 140 -30.86 -20.92 23.43
C PRO F 140 -30.62 -22.22 22.69
N GLU F 141 -29.78 -22.21 21.65
CA GLU F 141 -29.45 -23.41 20.89
C GLU F 141 -28.30 -24.19 21.49
N GLY F 142 -27.66 -23.69 22.54
CA GLY F 142 -26.49 -24.29 23.13
C GLY F 142 -25.28 -23.38 22.92
N GLY F 143 -24.43 -23.31 23.94
CA GLY F 143 -23.25 -22.47 23.87
C GLY F 143 -23.54 -21.07 24.38
N GLU F 144 -22.65 -20.14 24.00
CA GLU F 144 -22.68 -18.78 24.53
C GLU F 144 -22.58 -17.78 23.38
N ARG F 145 -23.07 -16.58 23.62
CA ARG F 145 -23.03 -15.50 22.65
C ARG F 145 -22.50 -14.23 23.31
N ALA F 146 -21.90 -13.37 22.50
CA ALA F 146 -21.52 -12.04 22.94
C ALA F 146 -22.50 -11.04 22.34
N VAL F 147 -23.07 -10.19 23.19
CA VAL F 147 -23.91 -9.09 22.73
C VAL F 147 -23.09 -7.84 22.96
N ILE F 148 -22.69 -7.19 21.88
CA ILE F 148 -21.81 -6.04 21.93
C ILE F 148 -22.64 -4.83 21.51
N THR F 149 -22.75 -3.85 22.41
CA THR F 149 -23.63 -2.70 22.22
C THR F 149 -22.79 -1.46 21.93
N LEU F 150 -23.00 -0.88 20.76
CA LEU F 150 -22.39 0.38 20.37
C LEU F 150 -23.45 1.45 20.51
N ASP F 151 -23.17 2.46 21.34
CA ASP F 151 -24.19 3.45 21.71
C ASP F 151 -23.62 4.84 21.44
N GLY F 152 -24.00 5.44 20.31
CA GLY F 152 -23.43 6.70 19.89
C GLY F 152 -24.49 7.76 19.61
N LYS F 153 -24.13 9.00 19.90
CA LYS F 153 -25.00 10.13 19.61
C LYS F 153 -25.09 10.38 18.10
N TYR F 154 -26.29 10.68 17.61
CA TYR F 154 -26.47 11.13 16.23
C TYR F 154 -26.09 12.60 16.13
N LEU F 155 -25.17 12.91 15.22
CA LEU F 155 -24.81 14.29 14.91
C LEU F 155 -25.22 14.59 13.48
N PRO F 156 -26.16 15.50 13.28
CA PRO F 156 -26.68 15.75 11.93
C PRO F 156 -25.74 16.58 11.08
N THR F 157 -25.87 16.37 9.77
CA THR F 157 -25.26 17.19 8.74
C THR F 157 -26.36 18.03 8.09
N LYS F 158 -26.28 19.34 8.24
CA LYS F 158 -27.24 20.23 7.61
C LYS F 158 -26.54 21.29 6.76
N PRO F 159 -27.26 21.94 5.87
CA PRO F 159 -26.64 22.98 5.06
C PRO F 159 -26.19 24.16 5.91
N PHE F 160 -25.32 24.96 5.32
N PHE F 160 -25.36 24.99 5.30
CA PHE F 160 -24.99 26.28 5.85
CA PHE F 160 -25.00 26.29 5.85
C PHE F 160 -24.82 27.21 4.66
C PHE F 160 -24.80 27.30 4.72
N MET G 5 20.63 29.76 10.09
CA MET G 5 20.74 28.30 10.21
C MET G 5 20.92 27.55 8.90
N ILE G 6 21.99 26.76 8.83
CA ILE G 6 22.30 25.96 7.64
C ILE G 6 22.32 24.47 7.94
N GLN G 7 22.13 24.06 9.19
CA GLN G 7 22.13 22.64 9.57
C GLN G 7 20.73 22.04 9.46
N SER G 8 20.65 20.83 8.90
CA SER G 8 19.35 20.19 8.74
C SER G 8 19.42 18.70 9.04
N GLN G 9 18.25 18.12 9.27
CA GLN G 9 18.06 16.70 9.60
C GLN G 9 17.57 15.93 8.38
N ILE G 10 17.82 14.61 8.37
CA ILE G 10 17.32 13.74 7.29
C ILE G 10 16.51 12.55 7.81
N ASN G 11 16.52 12.32 9.11
CA ASN G 11 15.80 11.21 9.74
C ASN G 11 14.87 11.78 10.81
N ARG G 12 13.56 11.74 10.55
CA ARG G 12 12.63 12.38 11.49
C ARG G 12 12.66 11.77 12.89
N ASN G 13 13.15 10.54 13.05
CA ASN G 13 13.06 9.88 14.35
C ASN G 13 13.88 10.59 15.42
N ILE G 14 14.95 11.28 15.04
CA ILE G 14 15.77 11.95 16.04
C ILE G 14 14.98 13.05 16.74
N ARG G 15 14.35 13.92 15.96
CA ARG G 15 13.56 14.99 16.57
C ARG G 15 12.26 14.48 17.16
N LEU G 16 11.70 13.39 16.62
CA LEU G 16 10.48 12.86 17.21
C LEU G 16 10.75 12.19 18.55
N ASP G 17 11.91 11.54 18.69
CA ASP G 17 12.31 11.02 20.00
C ASP G 17 12.49 12.16 20.99
N LEU G 18 13.11 13.26 20.55
CA LEU G 18 13.23 14.42 21.43
C LEU G 18 11.86 14.96 21.83
N ALA G 19 10.91 14.97 20.89
CA ALA G 19 9.55 15.41 21.21
C ALA G 19 8.95 14.59 22.34
N ASP G 20 9.13 13.26 22.32
CA ASP G 20 8.59 12.44 23.40
C ASP G 20 9.21 12.81 24.74
N ALA G 21 10.52 13.08 24.75
CA ALA G 21 11.19 13.51 25.97
C ALA G 21 10.67 14.86 26.43
N ILE G 22 10.48 15.79 25.49
CA ILE G 22 9.91 17.09 25.84
C ILE G 22 8.54 16.92 26.46
N LEU G 23 7.72 16.03 25.89
CA LEU G 23 6.36 15.83 26.40
C LEU G 23 6.38 15.25 27.80
N LEU G 24 7.34 14.36 28.10
CA LEU G 24 7.42 13.81 29.45
C LEU G 24 7.83 14.89 30.45
N SER G 25 8.84 15.69 30.10
CA SER G 25 9.25 16.79 30.97
C SER G 25 8.12 17.79 31.18
N LYS G 26 7.40 18.12 30.12
CA LYS G 26 6.29 19.05 30.19
C LYS G 26 5.19 18.54 31.11
N ALA G 27 4.88 17.25 31.03
CA ALA G 27 3.86 16.68 31.89
C ALA G 27 4.30 16.68 33.35
N LYS G 28 5.56 16.30 33.60
CA LYS G 28 6.07 16.30 34.97
C LYS G 28 6.07 17.69 35.57
N LYS G 29 6.22 18.73 34.75
CA LYS G 29 6.30 20.09 35.26
C LYS G 29 4.96 20.82 35.19
N ASP G 30 3.90 20.15 34.75
CA ASP G 30 2.56 20.71 34.66
C ASP G 30 2.56 22.01 33.86
N LEU G 31 3.25 21.97 32.72
CA LEU G 31 3.33 23.12 31.82
C LEU G 31 2.42 22.94 30.60
N SER G 32 1.92 24.07 30.11
CA SER G 32 1.17 24.14 28.88
C SER G 32 2.05 24.65 27.74
N PHE G 33 1.60 24.38 26.51
CA PHE G 33 2.29 24.94 25.36
C PHE G 33 2.21 26.46 25.34
N ALA G 34 1.08 27.04 25.74
CA ALA G 34 0.99 28.49 25.86
C ALA G 34 2.03 29.01 26.84
N GLU G 35 2.22 28.33 27.97
CA GLU G 35 3.20 28.78 28.95
C GLU G 35 4.61 28.68 28.39
N ILE G 36 4.91 27.58 27.69
CA ILE G 36 6.25 27.39 27.16
C ILE G 36 6.56 28.45 26.12
N ALA G 37 5.58 28.78 25.26
CA ALA G 37 5.82 29.76 24.21
C ALA G 37 5.86 31.19 24.74
N ASP G 38 5.33 31.43 25.93
CA ASP G 38 5.30 32.79 26.47
C ASP G 38 6.72 33.27 26.73
N GLY G 39 7.05 34.45 26.19
CA GLY G 39 8.36 35.01 26.32
C GLY G 39 9.28 34.76 25.14
N THR G 40 8.93 33.82 24.25
CA THR G 40 9.72 33.57 23.06
C THR G 40 9.53 34.63 21.98
N GLY G 41 8.43 35.38 22.03
CA GLY G 41 8.08 36.28 20.95
C GLY G 41 7.51 35.59 19.74
N LEU G 42 7.20 34.30 19.86
CA LEU G 42 6.73 33.49 18.74
C LEU G 42 5.36 32.91 19.04
N ALA G 43 4.58 32.66 17.97
CA ALA G 43 3.23 32.14 18.12
C ALA G 43 3.23 30.75 18.73
N GLU G 44 2.22 30.45 19.55
CA GLU G 44 2.15 29.12 20.18
C GLU G 44 2.12 28.00 19.14
N ALA G 45 1.50 28.21 17.97
CA ALA G 45 1.48 27.16 16.97
C ALA G 45 2.88 26.89 16.42
N PHE G 46 3.68 27.94 16.27
CA PHE G 46 5.02 27.75 15.75
C PHE G 46 5.92 27.06 16.77
N VAL G 47 5.90 27.53 18.02
CA VAL G 47 6.75 26.93 19.03
C VAL G 47 6.34 25.49 19.29
N THR G 48 5.03 25.24 19.40
CA THR G 48 4.56 23.87 19.62
C THR G 48 5.03 22.97 18.49
N ALA G 49 4.88 23.43 17.25
CA ALA G 49 5.32 22.62 16.11
C ALA G 49 6.82 22.32 16.21
N ALA G 50 7.62 23.29 16.64
CA ALA G 50 9.06 23.04 16.76
C ALA G 50 9.35 21.99 17.84
N LEU G 51 8.68 22.09 18.99
CA LEU G 51 8.86 21.08 20.04
C LEU G 51 8.53 19.68 19.50
N LEU G 52 7.52 19.61 18.63
CA LEU G 52 7.03 18.35 18.07
C LEU G 52 7.78 17.95 16.80
N GLY G 53 8.88 18.63 16.48
CA GLY G 53 9.77 18.19 15.43
C GLY G 53 9.51 18.76 14.06
N GLN G 54 8.64 19.78 13.93
CA GLN G 54 8.17 20.24 12.63
C GLN G 54 8.56 21.66 12.29
N GLN G 55 9.32 22.35 13.15
CA GLN G 55 9.87 23.66 12.86
C GLN G 55 11.22 23.76 13.55
N ALA G 56 11.99 24.80 13.19
CA ALA G 56 13.27 25.08 13.83
C ALA G 56 13.13 26.32 14.71
N LEU G 57 13.63 26.21 15.95
CA LEU G 57 13.62 27.41 16.80
C LEU G 57 14.89 28.23 16.59
N PRO G 58 14.75 29.56 16.55
CA PRO G 58 15.93 30.42 16.66
C PRO G 58 16.62 30.17 17.99
N ALA G 59 17.91 30.53 18.04
CA ALA G 59 18.75 30.16 19.17
C ALA G 59 18.19 30.66 20.50
N ASP G 60 17.78 31.93 20.57
CA ASP G 60 17.30 32.48 21.84
C ASP G 60 16.08 31.73 22.33
N ALA G 61 15.15 31.41 21.43
CA ALA G 61 13.95 30.69 21.83
C ALA G 61 14.26 29.26 22.25
N ALA G 62 15.20 28.61 21.55
CA ALA G 62 15.62 27.27 21.94
C ALA G 62 16.20 27.28 23.34
N ARG G 63 17.03 28.29 23.67
CA ARG G 63 17.60 28.35 25.00
C ARG G 63 16.54 28.59 26.05
N LEU G 64 15.54 29.43 25.73
CA LEU G 64 14.48 29.73 26.68
C LEU G 64 13.60 28.51 26.95
N VAL G 65 13.10 27.85 25.89
CA VAL G 65 12.29 26.67 26.15
C VAL G 65 13.12 25.56 26.78
N GLY G 66 14.42 25.50 26.48
CA GLY G 66 15.27 24.50 27.10
C GLY G 66 15.42 24.72 28.58
N ALA G 67 15.52 25.98 29.01
CA ALA G 67 15.53 26.27 30.44
C ALA G 67 14.19 25.92 31.09
N LYS G 68 13.10 26.26 30.43
CA LYS G 68 11.77 26.00 30.98
C LYS G 68 11.52 24.51 31.15
N LEU G 69 12.04 23.69 30.24
CA LEU G 69 11.80 22.26 30.22
C LEU G 69 12.96 21.44 30.76
N ASP G 70 14.02 22.09 31.25
CA ASP G 70 15.21 21.42 31.79
C ASP G 70 15.82 20.47 30.77
N LEU G 71 16.05 20.97 29.55
CA LEU G 71 16.65 20.19 28.49
C LEU G 71 18.17 20.33 28.48
N ASP G 72 18.84 19.26 28.07
CA ASP G 72 20.30 19.27 27.98
C ASP G 72 20.74 20.02 26.73
N GLU G 73 22.06 20.13 26.54
CA GLU G 73 22.59 21.00 25.49
C GLU G 73 22.41 20.39 24.11
N ASP G 74 22.56 19.07 23.99
CA ASP G 74 22.32 18.41 22.70
C ASP G 74 20.89 18.65 22.24
N SER G 75 19.93 18.61 23.17
CA SER G 75 18.52 18.84 22.83
C SER G 75 18.28 20.29 22.41
N ILE G 76 18.87 21.25 23.12
CA ILE G 76 18.71 22.65 22.74
C ILE G 76 19.27 22.88 21.35
N LEU G 77 20.38 22.23 21.01
CA LEU G 77 20.93 22.32 19.66
C LEU G 77 19.97 21.70 18.65
N LEU G 78 19.45 20.51 18.97
CA LEU G 78 18.59 19.79 18.03
C LEU G 78 17.37 20.61 17.66
N LEU G 79 16.79 21.32 18.63
CA LEU G 79 15.62 22.16 18.39
C LEU G 79 15.89 23.26 17.37
N GLN G 80 17.16 23.61 17.17
CA GLN G 80 17.52 24.65 16.21
C GLN G 80 17.77 24.12 14.82
N MET G 81 17.82 22.80 14.67
CA MET G 81 18.10 22.18 13.38
C MET G 81 16.85 22.26 12.52
N ILE G 82 17.07 22.43 11.22
CA ILE G 82 15.93 22.37 10.28
C ILE G 82 15.47 20.93 10.17
N PRO G 83 14.19 20.64 10.39
CA PRO G 83 13.75 19.26 10.54
C PRO G 83 13.47 18.57 9.21
N LEU G 84 13.43 17.24 9.30
CA LEU G 84 12.82 16.37 8.29
C LEU G 84 11.35 16.30 8.69
N ARG G 85 10.52 17.07 8.02
CA ARG G 85 9.15 17.27 8.46
C ARG G 85 8.27 16.11 8.03
N GLY G 86 7.20 15.91 8.79
CA GLY G 86 6.24 14.86 8.51
C GLY G 86 5.85 14.23 9.83
N CYS G 87 4.72 14.63 10.40
CA CYS G 87 4.36 14.20 11.74
C CYS G 87 3.49 12.96 11.76
N ILE G 88 2.90 12.57 10.63
CA ILE G 88 1.95 11.47 10.61
C ILE G 88 2.74 10.18 10.50
N ASP G 89 2.46 9.23 11.40
CA ASP G 89 3.19 7.96 11.43
C ASP G 89 3.20 7.28 10.06
N ASP G 90 2.02 7.06 9.48
CA ASP G 90 1.92 6.32 8.21
C ASP G 90 0.78 6.90 7.37
N ARG G 91 1.01 8.13 6.89
CA ARG G 91 0.27 8.80 5.83
C ARG G 91 -1.14 9.23 6.22
N ILE G 92 -1.92 8.36 6.87
CA ILE G 92 -3.29 8.66 7.25
C ILE G 92 -3.34 8.55 8.77
N PRO G 93 -3.78 9.56 9.49
CA PRO G 93 -3.76 9.44 10.95
C PRO G 93 -4.72 8.37 11.46
N THR G 94 -4.30 7.70 12.55
CA THR G 94 -5.22 6.82 13.28
C THR G 94 -5.92 7.54 14.41
N ASP G 95 -5.32 8.59 14.91
CA ASP G 95 -5.87 9.26 16.08
C ASP G 95 -7.13 10.02 15.70
N PRO G 96 -8.25 9.86 16.44
CA PRO G 96 -9.48 10.59 16.05
C PRO G 96 -9.29 12.10 15.93
N THR G 97 -8.57 12.72 16.87
CA THR G 97 -8.42 14.17 16.85
C THR G 97 -7.71 14.63 15.57
N MET G 98 -6.62 13.95 15.20
CA MET G 98 -5.94 14.29 13.95
C MET G 98 -6.74 13.89 12.74
N TYR G 99 -7.42 12.74 12.81
CA TYR G 99 -8.14 12.23 11.65
C TYR G 99 -9.21 13.20 11.16
N ARG G 100 -9.88 13.92 12.07
CA ARG G 100 -10.94 14.83 11.63
C ARG G 100 -10.42 15.86 10.63
N PHE G 101 -9.16 16.29 10.77
CA PHE G 101 -8.62 17.25 9.82
C PHE G 101 -8.32 16.60 8.47
N TYR G 102 -7.96 15.32 8.47
CA TYR G 102 -7.89 14.58 7.21
C TYR G 102 -9.27 14.39 6.59
N GLU G 103 -10.29 14.13 7.42
CA GLU G 103 -11.63 13.98 6.87
C GLU G 103 -12.11 15.26 6.22
N MET G 104 -11.77 16.41 6.81
CA MET G 104 -12.09 17.69 6.19
C MET G 104 -11.55 17.77 4.77
N LEU G 105 -10.35 17.19 4.51
CA LEU G 105 -9.84 17.15 3.15
C LEU G 105 -10.63 16.17 2.29
N GLN G 106 -11.00 15.01 2.84
CA GLN G 106 -11.78 14.06 2.04
C GLN G 106 -13.13 14.65 1.65
N VAL G 107 -13.71 15.52 2.47
CA VAL G 107 -15.01 16.10 2.15
C VAL G 107 -14.86 17.36 1.30
N TYR G 108 -13.94 18.24 1.67
CA TYR G 108 -13.86 19.56 1.07
C TYR G 108 -12.64 19.77 0.18
N GLY G 109 -11.81 18.75 -0.05
CA GLY G 109 -10.58 18.97 -0.80
C GLY G 109 -10.83 19.52 -2.19
N THR G 110 -11.77 18.93 -2.94
CA THR G 110 -12.04 19.41 -4.29
C THR G 110 -12.78 20.74 -4.28
N THR G 111 -13.57 21.01 -3.24
CA THR G 111 -14.20 22.31 -3.08
C THR G 111 -13.16 23.40 -2.85
N LEU G 112 -12.16 23.12 -2.00
CA LEU G 112 -11.09 24.06 -1.78
C LEU G 112 -10.34 24.34 -3.08
N LYS G 113 -10.03 23.30 -3.84
CA LYS G 113 -9.40 23.50 -5.14
C LYS G 113 -10.28 24.38 -6.02
N ALA G 114 -11.56 24.02 -6.16
CA ALA G 114 -12.47 24.75 -7.04
C ALA G 114 -12.56 26.22 -6.64
N LEU G 115 -12.70 26.49 -5.34
CA LEU G 115 -12.89 27.86 -4.91
C LEU G 115 -11.60 28.67 -4.96
N VAL G 116 -10.46 28.02 -4.73
CA VAL G 116 -9.18 28.70 -4.92
C VAL G 116 -9.01 29.11 -6.38
N HIS G 117 -9.33 28.22 -7.32
CA HIS G 117 -9.15 28.59 -8.71
C HIS G 117 -10.13 29.66 -9.15
N GLU G 118 -11.33 29.67 -8.56
CA GLU G 118 -12.31 30.70 -8.91
C GLU G 118 -11.93 32.07 -8.35
N LYS G 119 -11.48 32.12 -7.09
CA LYS G 119 -11.20 33.41 -6.47
C LYS G 119 -9.84 33.95 -6.84
N PHE G 120 -8.86 33.08 -7.05
CA PHE G 120 -7.48 33.49 -7.28
C PHE G 120 -7.00 33.16 -8.69
N GLY G 121 -7.30 31.98 -9.19
CA GLY G 121 -6.81 31.52 -10.47
C GLY G 121 -6.01 30.24 -10.32
N ASP G 122 -5.39 29.83 -11.42
CA ASP G 122 -4.53 28.64 -11.38
C ASP G 122 -3.35 28.88 -10.44
N GLY G 123 -2.92 27.81 -9.77
CA GLY G 123 -1.86 27.95 -8.78
C GLY G 123 -2.24 27.24 -7.51
N ILE G 124 -1.61 27.67 -6.40
CA ILE G 124 -1.82 27.06 -5.10
C ILE G 124 -1.99 28.13 -4.03
N ILE G 125 -2.55 27.71 -2.89
CA ILE G 125 -2.37 28.42 -1.63
C ILE G 125 -1.17 27.80 -0.93
N SER G 126 -0.18 28.63 -0.63
CA SER G 126 1.09 28.18 -0.08
C SER G 126 0.93 27.53 1.28
N ALA G 127 1.67 26.43 1.49
CA ALA G 127 1.85 25.85 2.83
C ALA G 127 3.17 26.30 3.48
N ILE G 128 3.89 27.24 2.86
CA ILE G 128 5.19 27.70 3.31
C ILE G 128 5.10 29.16 3.73
N ASN G 129 4.66 30.03 2.81
CA ASN G 129 4.28 31.41 3.17
C ASN G 129 2.89 31.29 3.79
N PHE G 130 2.88 30.93 5.07
CA PHE G 130 1.70 30.31 5.65
C PHE G 130 1.75 30.44 7.17
N LYS G 131 0.62 30.81 7.77
CA LYS G 131 0.46 30.81 9.21
C LYS G 131 -0.81 30.07 9.59
N LEU G 132 -0.78 29.41 10.74
CA LEU G 132 -1.93 28.70 11.27
C LEU G 132 -2.15 29.15 12.71
N ASP G 133 -3.41 29.28 13.11
CA ASP G 133 -3.68 29.51 14.52
C ASP G 133 -4.97 28.80 14.92
N VAL G 134 -5.04 28.47 16.20
CA VAL G 134 -6.17 27.77 16.81
C VAL G 134 -6.75 28.70 17.87
N LYS G 135 -8.03 29.03 17.72
CA LYS G 135 -8.73 29.92 18.63
C LYS G 135 -9.92 29.18 19.23
N LYS G 136 -10.03 29.19 20.55
CA LYS G 136 -11.21 28.70 21.26
C LYS G 136 -12.21 29.83 21.39
N VAL G 137 -13.45 29.57 20.98
CA VAL G 137 -14.54 30.54 21.11
C VAL G 137 -15.75 29.85 21.69
N ALA G 138 -16.69 30.66 22.16
CA ALA G 138 -17.96 30.14 22.62
C ALA G 138 -18.79 29.67 21.44
N ASP G 139 -19.46 28.53 21.59
CA ASP G 139 -20.50 28.17 20.64
C ASP G 139 -21.78 28.88 21.06
N PRO G 140 -22.32 29.76 20.23
CA PRO G 140 -23.54 30.48 20.64
C PRO G 140 -24.71 29.57 20.99
N GLU G 141 -24.73 28.34 20.48
CA GLU G 141 -25.78 27.39 20.87
C GLU G 141 -25.47 26.65 22.15
N GLY G 142 -24.28 26.81 22.71
CA GLY G 142 -23.92 26.08 23.91
C GLY G 142 -22.66 25.30 23.59
N GLY G 143 -21.70 25.38 24.50
CA GLY G 143 -20.44 24.68 24.34
C GLY G 143 -19.35 25.56 23.78
N GLU G 144 -18.37 24.92 23.15
CA GLU G 144 -17.16 25.58 22.67
C GLU G 144 -16.86 25.13 21.25
N ARG G 145 -16.22 26.00 20.49
CA ARG G 145 -15.80 25.70 19.13
C ARG G 145 -14.34 26.07 18.96
N ALA G 146 -13.69 25.41 18.00
CA ALA G 146 -12.36 25.81 17.56
C ALA G 146 -12.49 26.47 16.20
N VAL G 147 -11.93 27.68 16.10
CA VAL G 147 -11.77 28.38 14.84
C VAL G 147 -10.31 28.26 14.46
N ILE G 148 -10.04 27.48 13.41
CA ILE G 148 -8.68 27.22 12.96
C ILE G 148 -8.49 27.99 11.66
N THR G 149 -7.52 28.89 11.64
CA THR G 149 -7.32 29.79 10.51
C THR G 149 -6.07 29.35 9.76
N LEU G 150 -6.25 29.02 8.48
CA LEU G 150 -5.17 28.66 7.56
C LEU G 150 -4.96 29.87 6.65
N ASP G 151 -3.79 30.50 6.74
CA ASP G 151 -3.54 31.79 6.09
C ASP G 151 -2.32 31.65 5.20
N GLY G 152 -2.53 31.43 3.90
CA GLY G 152 -1.42 31.20 2.99
C GLY G 152 -1.45 32.14 1.79
N LYS G 153 -0.26 32.47 1.31
CA LYS G 153 -0.12 33.28 0.09
C LYS G 153 -0.60 32.51 -1.13
N TYR G 154 -1.31 33.21 -2.03
CA TYR G 154 -1.65 32.65 -3.34
C TYR G 154 -0.44 32.75 -4.26
N LEU G 155 0.01 31.61 -4.77
CA LEU G 155 1.11 31.59 -5.74
C LEU G 155 0.54 31.17 -7.08
N PRO G 156 0.55 32.05 -8.08
CA PRO G 156 -0.07 31.70 -9.36
C PRO G 156 0.75 30.75 -10.21
N THR G 157 0.01 29.96 -11.01
CA THR G 157 0.59 29.16 -12.09
C THR G 157 0.29 29.85 -13.41
N LYS G 158 1.35 30.23 -14.12
CA LYS G 158 1.25 30.99 -15.36
C LYS G 158 2.06 30.31 -16.44
N PRO G 159 1.70 30.50 -17.71
CA PRO G 159 2.55 29.96 -18.78
C PRO G 159 3.93 30.61 -18.80
N PHE G 160 4.90 29.86 -19.31
N PHE G 160 4.91 29.85 -19.27
CA PHE G 160 6.24 30.40 -19.56
CA PHE G 160 6.23 30.37 -19.57
C PHE G 160 6.73 29.98 -20.95
C PHE G 160 6.65 29.88 -20.95
N MET H 5 -9.12 32.52 -16.08
CA MET H 5 -9.76 31.23 -16.28
C MET H 5 -10.15 30.77 -14.87
N ILE H 6 -11.43 30.45 -14.64
CA ILE H 6 -11.91 30.05 -13.34
C ILE H 6 -12.46 28.63 -13.32
N GLN H 7 -12.48 27.95 -14.46
CA GLN H 7 -12.99 26.59 -14.56
C GLN H 7 -11.90 25.57 -14.27
N SER H 8 -12.24 24.54 -13.52
CA SER H 8 -11.24 23.55 -13.13
C SER H 8 -11.85 22.16 -13.11
N GLN H 9 -10.97 21.16 -13.21
CA GLN H 9 -11.28 19.74 -13.27
C GLN H 9 -11.04 19.06 -11.94
N ILE H 10 -11.73 17.95 -11.70
CA ILE H 10 -11.51 17.18 -10.46
C ILE H 10 -11.22 15.71 -10.74
N ASN H 11 -11.38 15.29 -11.98
CA ASN H 11 -11.11 13.91 -12.40
C ASN H 11 -10.08 13.93 -13.53
N ARG H 12 -8.86 13.50 -13.22
CA ARG H 12 -7.79 13.59 -14.21
C ARG H 12 -8.06 12.77 -15.47
N ASN H 13 -8.95 11.77 -15.40
CA ASN H 13 -9.10 10.86 -16.52
C ASN H 13 -9.65 11.57 -17.77
N ILE H 14 -10.41 12.65 -17.59
CA ILE H 14 -10.95 13.37 -18.75
C ILE H 14 -9.83 13.96 -19.58
N ARG H 15 -8.93 14.71 -18.94
CA ARG H 15 -7.82 15.30 -19.68
C ARG H 15 -6.79 14.26 -20.10
N LEU H 16 -6.65 13.15 -19.38
CA LEU H 16 -5.71 12.13 -19.80
C LEU H 16 -6.24 11.36 -21.02
N ASP H 17 -7.55 11.15 -21.09
CA ASP H 17 -8.13 10.56 -22.29
C ASP H 17 -7.93 11.48 -23.50
N LEU H 18 -8.16 12.78 -23.31
CA LEU H 18 -7.86 13.74 -24.37
C LEU H 18 -6.41 13.65 -24.79
N ALA H 19 -5.49 13.51 -23.82
CA ALA H 19 -4.08 13.39 -24.15
C ALA H 19 -3.83 12.20 -25.08
N ASP H 20 -4.44 11.06 -24.79
CA ASP H 20 -4.27 9.89 -25.66
C ASP H 20 -4.74 10.20 -27.07
N ALA H 21 -5.88 10.88 -27.19
CA ALA H 21 -6.41 11.24 -28.50
C ALA H 21 -5.45 12.18 -29.22
N ILE H 22 -4.94 13.18 -28.49
CA ILE H 22 -3.96 14.12 -29.06
C ILE H 22 -2.75 13.37 -29.57
N LEU H 23 -2.27 12.39 -28.80
CA LEU H 23 -1.06 11.68 -29.20
C LEU H 23 -1.26 10.85 -30.47
N LEU H 24 -2.45 10.29 -30.65
CA LEU H 24 -2.75 9.57 -31.90
C LEU H 24 -2.78 10.53 -33.07
N SER H 25 -3.48 11.65 -32.94
CA SER H 25 -3.52 12.63 -34.02
C SER H 25 -2.12 13.14 -34.35
N LYS H 26 -1.35 13.44 -33.32
CA LYS H 26 0.03 13.88 -33.49
C LYS H 26 0.85 12.85 -34.27
N ALA H 27 0.68 11.55 -33.94
CA ALA H 27 1.44 10.52 -34.64
C ALA H 27 1.01 10.38 -36.10
N LYS H 28 -0.30 10.44 -36.35
CA LYS H 28 -0.77 10.34 -37.73
C LYS H 28 -0.26 11.49 -38.58
N LYS H 29 -0.13 12.67 -37.98
CA LYS H 29 0.31 13.84 -38.71
C LYS H 29 1.83 14.01 -38.69
N ASP H 30 2.55 13.11 -38.03
CA ASP H 30 4.02 13.13 -38.00
C ASP H 30 4.54 14.44 -37.40
N LEU H 31 3.89 14.90 -36.33
CA LEU H 31 4.18 16.18 -35.70
C LEU H 31 5.08 15.99 -34.48
N SER H 32 5.93 16.96 -34.23
CA SER H 32 6.71 17.02 -32.99
C SER H 32 6.09 18.01 -32.01
N PHE H 33 6.45 17.85 -30.74
CA PHE H 33 6.00 18.81 -29.74
C PHE H 33 6.59 20.18 -30.01
N ALA H 34 7.84 20.25 -30.50
CA ALA H 34 8.41 21.55 -30.84
C ALA H 34 7.60 22.25 -31.92
N GLU H 35 7.22 21.51 -32.97
CA GLU H 35 6.39 22.11 -34.04
C GLU H 35 5.05 22.56 -33.50
N ILE H 36 4.44 21.76 -32.63
CA ILE H 36 3.13 22.11 -32.08
C ILE H 36 3.22 23.39 -31.25
N ALA H 37 4.29 23.54 -30.46
CA ALA H 37 4.43 24.75 -29.65
C ALA H 37 4.87 25.96 -30.46
N ASP H 38 5.42 25.74 -31.65
CA ASP H 38 5.89 26.86 -32.46
C ASP H 38 4.74 27.80 -32.79
N GLY H 39 4.95 29.10 -32.59
CA GLY H 39 3.93 30.07 -32.85
C GLY H 39 3.05 30.44 -31.66
N THR H 40 3.17 29.73 -30.54
CA THR H 40 2.41 30.05 -29.35
C THR H 40 3.09 31.07 -28.44
N GLY H 41 4.39 31.27 -28.56
CA GLY H 41 5.07 32.11 -27.60
C GLY H 41 5.32 31.45 -26.28
N LEU H 42 5.04 30.16 -26.17
CA LEU H 42 5.15 29.42 -24.93
C LEU H 42 6.23 28.36 -25.07
N ALA H 43 6.86 28.03 -23.94
CA ALA H 43 7.94 27.05 -23.92
C ALA H 43 7.42 25.67 -24.28
N GLU H 44 8.28 24.89 -24.96
CA GLU H 44 7.86 23.55 -25.38
C GLU H 44 7.47 22.71 -24.17
N ALA H 45 8.13 22.89 -23.02
CA ALA H 45 7.79 22.08 -21.85
C ALA H 45 6.41 22.44 -21.32
N PHE H 46 6.03 23.71 -21.40
CA PHE H 46 4.72 24.12 -20.90
C PHE H 46 3.61 23.64 -21.82
N VAL H 47 3.79 23.83 -23.13
CA VAL H 47 2.76 23.40 -24.07
C VAL H 47 2.61 21.88 -24.04
N THR H 48 3.73 21.17 -24.03
CA THR H 48 3.67 19.71 -23.95
C THR H 48 2.93 19.27 -22.70
N ALA H 49 3.26 19.88 -21.56
CA ALA H 49 2.58 19.52 -20.32
C ALA H 49 1.08 19.75 -20.43
N ALA H 50 0.66 20.85 -21.08
CA ALA H 50 -0.76 21.11 -21.24
C ALA H 50 -1.42 20.02 -22.07
N LEU H 51 -0.83 19.67 -23.22
CA LEU H 51 -1.38 18.59 -24.04
C LEU H 51 -1.54 17.31 -23.22
N LEU H 52 -0.58 17.04 -22.33
CA LEU H 52 -0.58 15.81 -21.54
C LEU H 52 -1.38 15.97 -20.23
N GLY H 53 -2.16 17.03 -20.11
CA GLY H 53 -3.11 17.18 -19.02
C GLY H 53 -2.62 17.84 -17.76
N GLN H 54 -1.45 18.49 -17.79
CA GLN H 54 -0.81 18.97 -16.56
C GLN H 54 -0.69 20.48 -16.49
N GLN H 55 -1.17 21.19 -17.51
CA GLN H 55 -1.26 22.64 -17.49
C GLN H 55 -2.49 23.05 -18.27
N ALA H 56 -2.85 24.33 -18.14
CA ALA H 56 -3.94 24.94 -18.90
C ALA H 56 -3.37 25.83 -20.00
N LEU H 57 -3.91 25.69 -21.22
CA LEU H 57 -3.45 26.64 -22.23
C LEU H 57 -4.31 27.89 -22.23
N PRO H 58 -3.73 29.07 -22.44
CA PRO H 58 -4.55 30.25 -22.75
C PRO H 58 -5.32 30.03 -24.04
N ALA H 59 -6.38 30.82 -24.23
CA ALA H 59 -7.32 30.57 -25.32
C ALA H 59 -6.62 30.60 -26.69
N ASP H 60 -5.77 31.61 -26.93
CA ASP H 60 -5.13 31.74 -28.23
C ASP H 60 -4.25 30.53 -28.53
N ALA H 61 -3.49 30.06 -27.54
CA ALA H 61 -2.65 28.90 -27.75
C ALA H 61 -3.47 27.63 -27.98
N ALA H 62 -4.59 27.50 -27.24
CA ALA H 62 -5.44 26.33 -27.40
C ALA H 62 -6.03 26.25 -28.79
N ARG H 63 -6.44 27.39 -29.35
CA ARG H 63 -6.95 27.41 -30.71
C ARG H 63 -5.87 27.05 -31.72
N LEU H 64 -4.65 27.55 -31.49
CA LEU H 64 -3.56 27.27 -32.42
C LEU H 64 -3.19 25.79 -32.43
N VAL H 65 -2.89 25.22 -31.26
CA VAL H 65 -2.55 23.80 -31.25
C VAL H 65 -3.75 22.95 -31.66
N GLY H 66 -4.97 23.40 -31.33
CA GLY H 66 -6.15 22.65 -31.74
C GLY H 66 -6.28 22.54 -33.25
N ALA H 67 -6.01 23.64 -33.96
CA ALA H 67 -6.04 23.59 -35.42
C ALA H 67 -4.97 22.66 -35.96
N LYS H 68 -3.77 22.69 -35.38
CA LYS H 68 -2.69 21.84 -35.87
C LYS H 68 -3.03 20.36 -35.70
N LEU H 69 -3.69 20.01 -34.60
CA LEU H 69 -4.02 18.62 -34.32
C LEU H 69 -5.43 18.24 -34.75
N ASP H 70 -6.17 19.16 -35.38
CA ASP H 70 -7.55 18.93 -35.82
C ASP H 70 -8.44 18.48 -34.67
N LEU H 71 -8.40 19.22 -33.56
CA LEU H 71 -9.21 18.90 -32.39
C LEU H 71 -10.59 19.55 -32.52
N ASP H 72 -11.59 18.89 -31.94
CA ASP H 72 -12.94 19.44 -31.95
C ASP H 72 -13.07 20.55 -30.89
N GLU H 73 -14.22 21.22 -30.85
CA GLU H 73 -14.35 22.41 -30.02
C GLU H 73 -14.36 22.06 -28.53
N ASP H 74 -14.97 20.93 -28.16
CA ASP H 74 -14.95 20.55 -26.75
C ASP H 74 -13.52 20.28 -26.29
N SER H 75 -12.69 19.69 -27.16
CA SER H 75 -11.30 19.41 -26.79
C SER H 75 -10.50 20.70 -26.64
N ILE H 76 -10.70 21.67 -27.54
CA ILE H 76 -10.02 22.96 -27.41
C ILE H 76 -10.44 23.66 -26.12
N LEU H 77 -11.73 23.53 -25.75
CA LEU H 77 -12.16 24.05 -24.45
C LEU H 77 -11.49 23.31 -23.31
N LEU H 78 -11.43 21.98 -23.38
CA LEU H 78 -10.84 21.21 -22.28
C LEU H 78 -9.39 21.60 -22.03
N LEU H 79 -8.63 21.88 -23.09
CA LEU H 79 -7.24 22.27 -22.91
C LEU H 79 -7.08 23.55 -22.12
N GLN H 80 -8.13 24.38 -22.07
CA GLN H 80 -8.10 25.63 -21.34
C GLN H 80 -8.51 25.50 -19.88
N MET H 81 -9.06 24.36 -19.48
CA MET H 81 -9.46 24.20 -18.09
C MET H 81 -8.25 23.92 -17.21
N ILE H 82 -8.34 24.39 -15.97
CA ILE H 82 -7.31 24.12 -14.97
C ILE H 82 -7.41 22.64 -14.61
N PRO H 83 -6.32 21.88 -14.74
CA PRO H 83 -6.39 20.43 -14.55
C PRO H 83 -6.33 19.99 -13.10
N LEU H 84 -6.73 18.74 -12.92
CA LEU H 84 -6.42 17.94 -11.72
C LEU H 84 -5.11 17.26 -12.04
N ARG H 85 -4.03 17.79 -11.50
CA ARG H 85 -2.69 17.42 -11.92
C ARG H 85 -2.23 16.15 -11.23
N GLY H 86 -1.34 15.43 -11.93
CA GLY H 86 -0.75 14.19 -11.44
C GLY H 86 -0.68 13.22 -12.58
N CYS H 87 0.51 13.10 -13.18
CA CYS H 87 0.66 12.32 -14.40
C CYS H 87 1.03 10.87 -14.14
N ILE H 88 1.46 10.53 -12.94
CA ILE H 88 1.93 9.18 -12.66
C ILE H 88 0.73 8.29 -12.35
N ASP H 89 0.67 7.12 -12.99
CA ASP H 89 -0.48 6.25 -12.82
C ASP H 89 -0.71 5.89 -11.36
N ASP H 90 0.32 5.37 -10.69
CA ASP H 90 0.19 4.94 -9.31
C ASP H 90 1.49 5.22 -8.56
N ARG H 91 1.74 6.52 -8.35
CA ARG H 91 2.70 7.08 -7.40
C ARG H 91 4.16 6.90 -7.79
N ILE H 92 4.55 5.71 -8.20
CA ILE H 92 5.92 5.42 -8.63
C ILE H 92 5.85 5.02 -10.09
N PRO H 93 6.62 5.63 -10.99
CA PRO H 93 6.51 5.26 -12.40
C PRO H 93 7.01 3.86 -12.64
N THR H 94 6.36 3.17 -13.61
CA THR H 94 6.89 1.90 -14.09
C THR H 94 7.78 2.09 -15.31
N ASP H 95 7.58 3.16 -16.05
CA ASP H 95 8.30 3.36 -17.30
C ASP H 95 9.76 3.69 -17.02
N PRO H 96 10.72 2.99 -17.65
CA PRO H 96 12.13 3.29 -17.34
C PRO H 96 12.53 4.74 -17.52
N THR H 97 12.06 5.39 -18.60
CA THR H 97 12.45 6.77 -18.85
C THR H 97 11.99 7.68 -17.72
N MET H 98 10.73 7.54 -17.30
CA MET H 98 10.27 8.32 -16.16
C MET H 98 10.89 7.87 -14.85
N TYR H 99 11.11 6.57 -14.70
CA TYR H 99 11.64 6.07 -13.43
C TYR H 99 13.01 6.70 -13.10
N ARG H 100 13.87 6.92 -14.10
CA ARG H 100 15.19 7.47 -13.78
C ARG H 100 15.10 8.79 -13.01
N PHE H 101 14.09 9.61 -13.31
CA PHE H 101 13.92 10.86 -12.57
C PHE H 101 13.47 10.62 -11.13
N TYR H 102 12.67 9.57 -10.90
CA TYR H 102 12.36 9.16 -9.54
C TYR H 102 13.61 8.63 -8.85
N GLU H 103 14.44 7.86 -9.56
CA GLU H 103 15.66 7.37 -8.93
C GLU H 103 16.59 8.49 -8.52
N MET H 104 16.69 9.56 -9.32
CA MET H 104 17.51 10.69 -8.90
C MET H 104 17.02 11.25 -7.56
N LEU H 105 15.72 11.17 -7.29
CA LEU H 105 15.20 11.58 -6.00
CA LEU H 105 15.21 11.58 -5.99
C LEU H 105 15.59 10.58 -4.90
N GLN H 106 15.53 9.28 -5.21
CA GLN H 106 15.94 8.29 -4.23
C GLN H 106 17.43 8.41 -3.88
N VAL H 107 18.26 8.87 -4.81
CA VAL H 107 19.69 8.97 -4.53
C VAL H 107 20.06 10.34 -3.99
N TYR H 108 19.51 11.40 -4.57
CA TYR H 108 19.92 12.76 -4.21
C TYR H 108 18.87 13.56 -3.45
N GLY H 109 17.74 12.97 -3.08
CA GLY H 109 16.68 13.76 -2.44
C GLY H 109 17.13 14.43 -1.14
N THR H 110 17.84 13.70 -0.28
CA THR H 110 18.31 14.31 0.95
C THR H 110 19.46 15.28 0.69
N THR H 111 20.25 15.06 -0.37
CA THR H 111 21.30 16.00 -0.73
C THR H 111 20.70 17.31 -1.23
N LEU H 112 19.64 17.24 -2.03
CA LEU H 112 18.92 18.43 -2.46
C LEU H 112 18.39 19.20 -1.26
N LYS H 113 17.77 18.51 -0.31
CA LYS H 113 17.29 19.17 0.89
C LYS H 113 18.45 19.85 1.62
N ALA H 114 19.54 19.12 1.82
CA ALA H 114 20.66 19.65 2.61
C ALA H 114 21.29 20.86 1.95
N LEU H 115 21.54 20.77 0.64
CA LEU H 115 22.15 21.90 -0.07
C LEU H 115 21.19 23.08 -0.19
N VAL H 116 19.89 22.84 -0.29
CA VAL H 116 18.94 23.96 -0.34
C VAL H 116 18.97 24.70 0.99
N HIS H 117 18.92 23.96 2.11
CA HIS H 117 18.96 24.62 3.40
C HIS H 117 20.29 25.32 3.62
N GLU H 118 21.39 24.75 3.12
CA GLU H 118 22.69 25.40 3.29
C GLU H 118 22.78 26.72 2.52
N LYS H 119 22.30 26.74 1.29
CA LYS H 119 22.47 27.92 0.44
C LYS H 119 21.40 28.99 0.71
N PHE H 120 20.19 28.57 1.04
CA PHE H 120 19.05 29.48 1.14
C PHE H 120 18.51 29.63 2.54
N GLY H 121 18.49 28.55 3.32
CA GLY H 121 17.88 28.51 4.62
C GLY H 121 16.68 27.58 4.65
N ASP H 122 15.94 27.66 5.74
CA ASP H 122 14.74 26.85 5.87
C ASP H 122 13.69 27.31 4.86
N GLY H 123 12.94 26.34 4.34
CA GLY H 123 11.92 26.61 3.34
C GLY H 123 12.02 25.63 2.19
N ILE H 124 11.57 26.03 1.02
CA ILE H 124 11.48 25.14 -0.14
C ILE H 124 12.00 25.85 -1.38
N ILE H 125 12.32 25.05 -2.40
CA ILE H 125 12.38 25.50 -3.79
C ILE H 125 11.01 25.20 -4.39
N SER H 126 10.35 26.25 -4.89
CA SER H 126 8.97 26.14 -5.35
C SER H 126 8.85 25.23 -6.56
N ALA H 127 7.77 24.43 -6.59
CA ALA H 127 7.35 23.71 -7.79
C ALA H 127 6.27 24.45 -8.56
N ILE H 128 5.93 25.67 -8.14
CA ILE H 128 4.88 26.48 -8.73
C ILE H 128 5.46 27.72 -9.41
N ASN H 129 6.25 28.50 -8.68
CA ASN H 129 7.05 29.56 -9.29
C ASN H 129 8.29 28.85 -9.84
N PHE H 130 8.12 28.26 -11.02
CA PHE H 130 8.99 27.18 -11.45
C PHE H 130 8.98 27.07 -12.97
N LYS H 131 10.15 26.80 -13.55
CA LYS H 131 10.29 26.59 -14.98
C LYS H 131 11.20 25.40 -15.20
N LEU H 132 10.98 24.69 -16.30
CA LEU H 132 11.74 23.49 -16.63
C LEU H 132 12.14 23.53 -18.09
N ASP H 133 13.33 23.03 -18.40
CA ASP H 133 13.67 22.86 -19.80
C ASP H 133 14.63 21.69 -19.96
N VAL H 134 14.60 21.12 -21.16
CA VAL H 134 15.39 19.95 -21.55
C VAL H 134 16.24 20.35 -22.74
N LYS H 135 17.55 20.15 -22.63
CA LYS H 135 18.48 20.51 -23.69
C LYS H 135 19.37 19.33 -24.04
N LYS H 136 19.63 19.17 -25.33
CA LYS H 136 20.50 18.12 -25.83
C LYS H 136 21.90 18.70 -26.09
N VAL H 137 22.92 18.08 -25.51
CA VAL H 137 24.30 18.50 -25.70
C VAL H 137 25.13 17.30 -26.10
N ALA H 138 26.23 17.56 -26.82
CA ALA H 138 27.15 16.50 -27.16
C ALA H 138 27.95 16.09 -25.94
N ASP H 139 28.20 14.78 -25.80
CA ASP H 139 29.10 14.30 -24.75
C ASP H 139 30.51 14.31 -25.30
N PRO H 140 31.44 15.06 -24.67
CA PRO H 140 32.83 15.07 -25.13
C PRO H 140 33.43 13.69 -25.31
N GLU H 141 32.92 12.71 -24.57
CA GLU H 141 33.44 11.35 -24.56
C GLU H 141 32.79 10.49 -25.63
N GLY H 142 31.86 11.04 -26.39
CA GLY H 142 31.09 10.32 -27.40
C GLY H 142 29.66 10.21 -26.93
N GLY H 143 28.73 10.34 -27.87
CA GLY H 143 27.32 10.26 -27.54
C GLY H 143 26.73 11.62 -27.22
N GLU H 144 25.54 11.58 -26.59
CA GLU H 144 24.76 12.76 -26.29
C GLU H 144 24.33 12.73 -24.83
N ARG H 145 24.07 13.92 -24.29
CA ARG H 145 23.58 14.07 -22.93
C ARG H 145 22.33 14.95 -22.93
N ALA H 146 21.47 14.75 -21.93
CA ALA H 146 20.41 15.70 -21.64
C ALA H 146 20.82 16.54 -20.44
N VAL H 147 20.69 17.85 -20.59
CA VAL H 147 20.83 18.80 -19.49
C VAL H 147 19.43 19.29 -19.18
N ILE H 148 18.90 18.88 -18.03
CA ILE H 148 17.55 19.23 -17.62
C ILE H 148 17.69 20.25 -16.49
N THR H 149 17.12 21.43 -16.68
CA THR H 149 17.25 22.52 -15.72
C THR H 149 15.94 22.70 -14.98
N LEU H 150 16.00 22.59 -13.66
CA LEU H 150 14.89 22.87 -12.76
C LEU H 150 15.15 24.22 -12.13
N ASP H 151 14.21 25.15 -12.29
CA ASP H 151 14.45 26.55 -11.90
C ASP H 151 13.25 27.00 -11.07
N GLY H 152 13.44 27.09 -9.76
CA GLY H 152 12.36 27.42 -8.86
C GLY H 152 12.74 28.50 -7.87
N LYS H 153 11.75 29.32 -7.50
CA LYS H 153 11.98 30.36 -6.50
C LYS H 153 12.15 29.74 -5.12
N TYR H 154 13.07 30.28 -4.34
CA TYR H 154 13.19 29.93 -2.93
C TYR H 154 12.10 30.66 -2.14
N LEU H 155 11.31 29.90 -1.39
CA LEU H 155 10.33 30.45 -0.46
C LEU H 155 10.72 30.08 0.95
N PRO H 156 10.99 31.07 1.80
CA PRO H 156 11.51 30.79 3.13
C PRO H 156 10.43 30.38 4.11
N THR H 157 10.85 29.53 5.05
CA THR H 157 10.07 29.20 6.23
C THR H 157 10.64 30.03 7.37
N LYS H 158 9.84 31.00 7.85
CA LYS H 158 10.28 31.87 8.93
C LYS H 158 9.38 31.70 10.15
N PRO H 159 9.91 31.99 11.33
CA PRO H 159 9.04 32.00 12.52
C PRO H 159 7.94 33.04 12.39
N PHE H 160 6.86 32.81 13.14
N PHE H 160 6.86 32.79 13.13
CA PHE H 160 5.79 33.78 13.26
CA PHE H 160 5.79 33.75 13.28
C PHE H 160 5.19 33.75 14.66
C PHE H 160 5.27 33.66 14.71
N MET I 5 12.14 7.49 -34.80
CA MET I 5 10.85 7.57 -34.14
C MET I 5 10.87 8.55 -32.97
N ILE I 6 10.00 9.56 -33.02
CA ILE I 6 9.89 10.60 -32.00
C ILE I 6 8.54 10.58 -31.29
N GLN I 7 7.62 9.69 -31.69
CA GLN I 7 6.30 9.60 -31.07
C GLN I 7 6.29 8.63 -29.91
N SER I 8 5.64 9.02 -28.81
CA SER I 8 5.63 8.17 -27.62
C SER I 8 4.26 8.21 -26.95
N GLN I 9 4.02 7.19 -26.13
CA GLN I 9 2.79 6.98 -25.37
C GLN I 9 2.99 7.36 -23.91
N ILE I 10 1.89 7.72 -23.25
CA ILE I 10 1.91 8.02 -21.82
C ILE I 10 0.94 7.19 -21.01
N ASN I 11 0.07 6.41 -21.63
CA ASN I 11 -0.91 5.58 -20.94
C ASN I 11 -0.76 4.16 -21.45
N ARG I 12 -0.30 3.25 -20.58
CA ARG I 12 -0.01 1.90 -21.06
C ARG I 12 -1.24 1.16 -21.57
N ASN I 13 -2.45 1.57 -21.17
CA ASN I 13 -3.63 0.78 -21.52
C ASN I 13 -3.89 0.74 -23.02
N ILE I 14 -3.50 1.79 -23.76
CA ILE I 14 -3.70 1.79 -25.20
C ILE I 14 -2.97 0.61 -25.84
N ARG I 15 -1.67 0.48 -25.56
CA ARG I 15 -0.91 -0.62 -26.16
C ARG I 15 -1.23 -1.95 -25.49
N LEU I 16 -1.67 -1.95 -24.23
CA LEU I 16 -2.03 -3.21 -23.62
C LEU I 16 -3.37 -3.72 -24.15
N ASP I 17 -4.29 -2.81 -24.49
CA ASP I 17 -5.51 -3.23 -25.18
C ASP I 17 -5.18 -3.79 -26.56
N LEU I 18 -4.24 -3.16 -27.27
CA LEU I 18 -3.82 -3.71 -28.56
C LEU I 18 -3.18 -5.08 -28.39
N ALA I 19 -2.38 -5.26 -27.33
CA ALA I 19 -1.79 -6.58 -27.11
C ALA I 19 -2.85 -7.65 -26.96
N ASP I 20 -3.96 -7.36 -26.25
CA ASP I 20 -5.02 -8.33 -26.12
C ASP I 20 -5.60 -8.70 -27.49
N ALA I 21 -5.79 -7.69 -28.35
CA ALA I 21 -6.31 -7.94 -29.70
C ALA I 21 -5.33 -8.79 -30.50
N ILE I 22 -4.03 -8.49 -30.39
CA ILE I 22 -3.01 -9.27 -31.07
C ILE I 22 -3.05 -10.73 -30.61
N LEU I 23 -3.20 -10.95 -29.29
CA LEU I 23 -3.22 -12.29 -28.75
C LEU I 23 -4.43 -13.08 -29.26
N LEU I 24 -5.59 -12.41 -29.39
CA LEU I 24 -6.77 -13.07 -29.95
C LEU I 24 -6.55 -13.46 -31.40
N SER I 25 -6.01 -12.55 -32.20
CA SER I 25 -5.77 -12.85 -33.61
C SER I 25 -4.76 -13.99 -33.76
N LYS I 26 -3.72 -13.96 -32.94
CA LYS I 26 -2.68 -14.98 -32.95
C LYS I 26 -3.26 -16.35 -32.60
N ALA I 27 -4.16 -16.41 -31.60
CA ALA I 27 -4.76 -17.68 -31.23
C ALA I 27 -5.68 -18.19 -32.34
N LYS I 28 -6.47 -17.29 -32.94
CA LYS I 28 -7.37 -17.69 -34.02
C LYS I 28 -6.59 -18.26 -35.19
N LYS I 29 -5.38 -17.73 -35.43
CA LYS I 29 -4.58 -18.12 -36.58
C LYS I 29 -3.56 -19.21 -36.26
N ASP I 30 -3.55 -19.70 -35.03
CA ASP I 30 -2.64 -20.78 -34.62
C ASP I 30 -1.19 -20.40 -34.91
N LEU I 31 -0.81 -19.17 -34.56
CA LEU I 31 0.53 -18.65 -34.76
C LEU I 31 1.31 -18.64 -33.46
N SER I 32 2.62 -18.87 -33.56
CA SER I 32 3.54 -18.76 -32.44
C SER I 32 4.30 -17.44 -32.51
N PHE I 33 4.89 -17.06 -31.37
CA PHE I 33 5.71 -15.86 -31.37
C PHE I 33 6.95 -16.04 -32.23
N ALA I 34 7.54 -17.24 -32.24
CA ALA I 34 8.66 -17.51 -33.13
C ALA I 34 8.27 -17.34 -34.60
N GLU I 35 7.09 -17.83 -34.99
CA GLU I 35 6.66 -17.65 -36.37
C GLU I 35 6.46 -16.17 -36.69
N ILE I 36 5.89 -15.41 -35.76
CA ILE I 36 5.61 -14.01 -36.03
C ILE I 36 6.92 -13.23 -36.19
N ALA I 37 7.92 -13.53 -35.35
CA ALA I 37 9.20 -12.82 -35.42
C ALA I 37 10.05 -13.28 -36.60
N ASP I 38 9.78 -14.45 -37.16
CA ASP I 38 10.55 -14.94 -38.30
C ASP I 38 10.41 -14.00 -39.49
N GLY I 39 11.54 -13.57 -40.05
CA GLY I 39 11.55 -12.65 -41.15
C GLY I 39 11.64 -11.19 -40.77
N THR I 40 11.50 -10.84 -39.49
CA THR I 40 11.67 -9.45 -39.08
C THR I 40 13.13 -9.04 -38.97
N GLY I 41 14.05 -9.99 -38.88
CA GLY I 41 15.43 -9.67 -38.57
C GLY I 41 15.67 -9.38 -37.10
N LEU I 42 14.65 -9.52 -36.26
CA LEU I 42 14.72 -9.16 -34.85
C LEU I 42 14.50 -10.38 -33.96
N ALA I 43 15.11 -10.33 -32.78
CA ALA I 43 15.02 -11.43 -31.81
C ALA I 43 13.58 -11.65 -31.34
N GLU I 44 13.23 -12.93 -31.12
CA GLU I 44 11.87 -13.24 -30.68
C GLU I 44 11.51 -12.52 -29.38
N ALA I 45 12.47 -12.38 -28.45
CA ALA I 45 12.14 -11.68 -27.21
C ALA I 45 11.82 -10.21 -27.48
N PHE I 46 12.50 -9.59 -28.44
CA PHE I 46 12.24 -8.19 -28.73
C PHE I 46 10.89 -8.01 -29.42
N VAL I 47 10.62 -8.82 -30.44
CA VAL I 47 9.35 -8.69 -31.15
C VAL I 47 8.18 -9.01 -30.24
N THR I 48 8.31 -10.08 -29.44
CA THR I 48 7.25 -10.45 -28.51
C THR I 48 6.99 -9.31 -27.54
N ALA I 49 8.05 -8.72 -27.00
CA ALA I 49 7.87 -7.60 -26.07
C ALA I 49 7.13 -6.45 -26.74
N ALA I 50 7.41 -6.19 -28.03
CA ALA I 50 6.72 -5.12 -28.73
C ALA I 50 5.23 -5.42 -28.89
N LEU I 51 4.89 -6.64 -29.32
CA LEU I 51 3.49 -7.04 -29.41
C LEU I 51 2.79 -6.85 -28.07
N LEU I 52 3.47 -7.15 -26.97
CA LEU I 52 2.91 -7.06 -25.62
C LEU I 52 3.04 -5.65 -25.01
N GLY I 53 3.43 -4.66 -25.81
CA GLY I 53 3.38 -3.28 -25.38
C GLY I 53 4.63 -2.71 -24.75
N GLN I 54 5.77 -3.41 -24.83
CA GLN I 54 6.96 -3.06 -24.05
C GLN I 54 8.16 -2.66 -24.90
N GLN I 55 8.01 -2.67 -26.23
CA GLN I 55 9.04 -2.17 -27.14
C GLN I 55 8.35 -1.53 -28.33
N ALA I 56 9.11 -0.81 -29.14
CA ALA I 56 8.63 -0.21 -30.37
C ALA I 56 9.19 -0.96 -31.56
N LEU I 57 8.33 -1.31 -32.51
CA LEU I 57 8.85 -1.95 -33.72
C LEU I 57 9.26 -0.92 -34.76
N PRO I 58 10.40 -1.15 -35.44
CA PRO I 58 10.68 -0.40 -36.68
C PRO I 58 9.55 -0.59 -37.68
N ALA I 59 9.43 0.37 -38.60
CA ALA I 59 8.29 0.41 -39.51
C ALA I 59 8.16 -0.87 -40.33
N ASP I 60 9.27 -1.35 -40.91
CA ASP I 60 9.20 -2.57 -41.72
C ASP I 60 8.71 -3.77 -40.92
N ALA I 61 9.21 -3.93 -39.69
CA ALA I 61 8.77 -5.06 -38.88
C ALA I 61 7.31 -4.91 -38.46
N ALA I 62 6.88 -3.68 -38.16
CA ALA I 62 5.49 -3.44 -37.81
C ALA I 62 4.55 -3.79 -38.97
N ARG I 63 4.93 -3.42 -40.20
CA ARG I 63 4.11 -3.78 -41.35
C ARG I 63 4.07 -5.29 -41.54
N LEU I 64 5.20 -5.96 -41.33
CA LEU I 64 5.27 -7.40 -41.53
C LEU I 64 4.41 -8.16 -40.51
N VAL I 65 4.62 -7.90 -39.22
CA VAL I 65 3.78 -8.60 -38.25
C VAL I 65 2.33 -8.18 -38.38
N GLY I 66 2.09 -6.96 -38.88
CA GLY I 66 0.72 -6.52 -39.13
C GLY I 66 0.05 -7.36 -40.20
N ALA I 67 0.77 -7.67 -41.27
CA ALA I 67 0.25 -8.57 -42.30
C ALA I 67 0.03 -9.98 -41.74
N LYS I 68 0.97 -10.49 -40.94
CA LYS I 68 0.83 -11.85 -40.44
C LYS I 68 -0.38 -11.99 -39.54
N LEU I 69 -0.69 -10.95 -38.77
CA LEU I 69 -1.76 -10.97 -37.79
C LEU I 69 -3.02 -10.26 -38.28
N ASP I 70 -3.03 -9.80 -39.52
CA ASP I 70 -4.18 -9.10 -40.10
C ASP I 70 -4.62 -7.91 -39.25
N LEU I 71 -3.66 -7.06 -38.90
CA LEU I 71 -3.91 -5.87 -38.10
C LEU I 71 -4.31 -4.70 -39.00
N ASP I 72 -5.09 -3.77 -38.43
CA ASP I 72 -5.49 -2.58 -39.16
C ASP I 72 -4.37 -1.54 -39.12
N GLU I 73 -4.58 -0.40 -39.79
CA GLU I 73 -3.47 0.54 -39.96
C GLU I 73 -3.17 1.29 -38.67
N ASP I 74 -4.21 1.63 -37.89
CA ASP I 74 -3.96 2.27 -36.60
C ASP I 74 -3.14 1.37 -35.69
N SER I 75 -3.38 0.06 -35.74
CA SER I 75 -2.63 -0.86 -34.88
C SER I 75 -1.18 -0.96 -35.34
N ILE I 76 -0.96 -0.97 -36.65
CA ILE I 76 0.39 -1.03 -37.18
C ILE I 76 1.17 0.23 -36.76
N LEU I 77 0.49 1.39 -36.75
CA LEU I 77 1.15 2.61 -36.32
C LEU I 77 1.42 2.57 -34.82
N LEU I 78 0.46 2.08 -34.04
CA LEU I 78 0.65 2.02 -32.59
C LEU I 78 1.86 1.18 -32.22
N LEU I 79 2.09 0.08 -32.95
CA LEU I 79 3.24 -0.78 -32.64
C LEU I 79 4.56 -0.08 -32.84
N GLN I 80 4.60 1.02 -33.61
CA GLN I 80 5.81 1.78 -33.84
C GLN I 80 6.04 2.87 -32.81
N MET I 81 5.04 3.17 -31.98
CA MET I 81 5.17 4.22 -30.98
C MET I 81 6.04 3.75 -29.83
N ILE I 82 6.79 4.68 -29.25
CA ILE I 82 7.56 4.35 -28.05
C ILE I 82 6.60 4.15 -26.89
N PRO I 83 6.66 3.02 -26.19
CA PRO I 83 5.63 2.69 -25.21
C PRO I 83 5.85 3.34 -23.85
N LEU I 84 4.75 3.39 -23.09
CA LEU I 84 4.78 3.63 -21.65
C LEU I 84 4.95 2.24 -21.04
N ARG I 85 6.18 1.89 -20.70
CA ARG I 85 6.52 0.52 -20.35
C ARG I 85 6.09 0.19 -18.91
N GLY I 86 5.82 -1.08 -18.69
CA GLY I 86 5.44 -1.59 -17.38
C GLY I 86 4.35 -2.62 -17.55
N CYS I 87 4.73 -3.90 -17.56
CA CYS I 87 3.77 -4.94 -17.90
C CYS I 87 3.05 -5.52 -16.71
N ILE I 88 3.52 -5.25 -15.48
CA ILE I 88 2.95 -5.88 -14.30
C ILE I 88 1.73 -5.07 -13.86
N ASP I 89 0.61 -5.75 -13.65
CA ASP I 89 -0.64 -5.06 -13.31
C ASP I 89 -0.46 -4.17 -12.09
N ASP I 90 0.02 -4.72 -10.97
CA ASP I 90 0.12 -3.97 -9.73
C ASP I 90 1.38 -4.42 -8.98
N ARG I 91 2.52 -4.05 -9.57
CA ARG I 91 3.85 -4.08 -8.96
C ARG I 91 4.40 -5.49 -8.70
N ILE I 92 3.62 -6.38 -8.12
CA ILE I 92 4.04 -7.74 -7.83
C ILE I 92 3.14 -8.67 -8.64
N PRO I 93 3.69 -9.56 -9.47
CA PRO I 93 2.81 -10.41 -10.28
C PRO I 93 1.98 -11.34 -9.43
N THR I 94 0.75 -11.63 -9.89
CA THR I 94 -0.02 -12.71 -9.29
C THR I 94 0.15 -14.02 -10.05
N ASP I 95 0.50 -13.93 -11.32
CA ASP I 95 0.60 -15.14 -12.11
C ASP I 95 1.79 -15.97 -11.69
N PRO I 96 1.62 -17.28 -11.45
CA PRO I 96 2.76 -18.11 -11.00
C PRO I 96 3.97 -18.06 -11.92
N THR I 97 3.76 -18.13 -13.23
CA THR I 97 4.90 -18.15 -14.15
C THR I 97 5.71 -16.86 -14.03
N MET I 98 5.02 -15.74 -13.95
CA MET I 98 5.65 -14.44 -13.83
C MET I 98 6.25 -14.27 -12.43
N TYR I 99 5.54 -14.77 -11.41
CA TYR I 99 5.98 -14.58 -10.03
C TYR I 99 7.34 -15.23 -9.77
N ARG I 100 7.62 -16.37 -10.40
CA ARG I 100 8.89 -17.03 -10.12
C ARG I 100 10.07 -16.14 -10.43
N PHE I 101 9.98 -15.27 -11.44
CA PHE I 101 11.10 -14.39 -11.73
C PHE I 101 11.19 -13.27 -10.70
N TYR I 102 10.07 -12.88 -10.09
CA TYR I 102 10.12 -11.96 -8.96
C TYR I 102 10.75 -12.65 -7.75
N GLU I 103 10.41 -13.92 -7.52
CA GLU I 103 10.99 -14.63 -6.38
C GLU I 103 12.50 -14.76 -6.52
N MET I 104 12.98 -14.96 -7.75
CA MET I 104 14.42 -15.00 -8.00
C MET I 104 15.09 -13.73 -7.47
N LEU I 105 14.38 -12.59 -7.58
CA LEU I 105 14.90 -11.33 -7.05
CA LEU I 105 14.89 -11.33 -7.04
C LEU I 105 14.81 -11.30 -5.52
N GLN I 106 13.73 -11.83 -4.96
CA GLN I 106 13.64 -11.88 -3.51
C GLN I 106 14.73 -12.75 -2.90
N VAL I 107 15.18 -13.80 -3.59
CA VAL I 107 16.19 -14.69 -3.05
C VAL I 107 17.59 -14.21 -3.39
N TYR I 108 17.82 -13.80 -4.64
CA TYR I 108 19.17 -13.49 -5.12
C TYR I 108 19.43 -12.02 -5.37
N GLY I 109 18.48 -11.13 -5.06
CA GLY I 109 18.68 -9.71 -5.37
C GLY I 109 19.93 -9.12 -4.74
N THR I 110 20.15 -9.38 -3.45
CA THR I 110 21.33 -8.83 -2.80
C THR I 110 22.59 -9.55 -3.25
N THR I 111 22.48 -10.83 -3.63
CA THR I 111 23.63 -11.55 -4.17
C THR I 111 24.04 -10.98 -5.51
N LEU I 112 23.07 -10.65 -6.35
CA LEU I 112 23.37 -10.01 -7.63
C LEU I 112 24.07 -8.68 -7.40
N LYS I 113 23.58 -7.89 -6.44
CA LYS I 113 24.22 -6.63 -6.14
C LYS I 113 25.66 -6.87 -5.69
N ALA I 114 25.83 -7.75 -4.72
CA ALA I 114 27.15 -8.04 -4.17
C ALA I 114 28.12 -8.48 -5.26
N LEU I 115 27.70 -9.40 -6.12
CA LEU I 115 28.62 -9.94 -7.13
C LEU I 115 28.89 -8.96 -8.25
N VAL I 116 27.91 -8.12 -8.61
CA VAL I 116 28.18 -7.08 -9.59
C VAL I 116 29.23 -6.10 -9.05
N HIS I 117 29.12 -5.70 -7.79
CA HIS I 117 30.10 -4.74 -7.27
C HIS I 117 31.47 -5.39 -7.16
N GLU I 118 31.52 -6.69 -6.84
CA GLU I 118 32.80 -7.38 -6.74
C GLU I 118 33.47 -7.52 -8.11
N LYS I 119 32.70 -7.92 -9.13
CA LYS I 119 33.31 -8.16 -10.43
C LYS I 119 33.54 -6.88 -11.23
N PHE I 120 32.69 -5.87 -11.06
CA PHE I 120 32.72 -4.69 -11.90
C PHE I 120 33.06 -3.41 -11.15
N GLY I 121 32.55 -3.24 -9.94
CA GLY I 121 32.68 -2.03 -9.17
C GLY I 121 31.34 -1.41 -8.91
N ASP I 122 31.36 -0.21 -8.31
CA ASP I 122 30.14 0.57 -8.10
C ASP I 122 29.49 0.89 -9.44
N GLY I 123 28.16 0.87 -9.46
CA GLY I 123 27.40 1.13 -10.67
C GLY I 123 26.29 0.12 -10.82
N ILE I 124 25.88 -0.09 -12.07
CA ILE I 124 24.76 -0.98 -12.36
C ILE I 124 25.10 -1.88 -13.54
N ILE I 125 24.32 -2.95 -13.67
CA ILE I 125 24.15 -3.64 -14.94
C ILE I 125 22.93 -3.04 -15.62
N SER I 126 23.11 -2.53 -16.84
CA SER I 126 22.07 -1.81 -17.56
C SER I 126 20.86 -2.70 -17.89
N ALA I 127 19.66 -2.14 -17.74
CA ALA I 127 18.44 -2.72 -18.28
C ALA I 127 18.06 -2.14 -19.63
N ILE I 128 18.92 -1.28 -20.18
CA ILE I 128 18.66 -0.57 -21.43
C ILE I 128 19.61 -1.04 -22.53
N ASN I 129 20.91 -0.94 -22.28
CA ASN I 129 21.91 -1.61 -23.12
C ASN I 129 21.91 -3.07 -22.69
N PHE I 130 20.95 -3.82 -23.22
CA PHE I 130 20.51 -5.04 -22.56
C PHE I 130 19.82 -5.95 -23.58
N LYS I 131 20.14 -7.25 -23.52
CA LYS I 131 19.48 -8.24 -24.34
C LYS I 131 19.02 -9.39 -23.46
N LEU I 132 17.91 -10.01 -23.85
CA LEU I 132 17.35 -11.13 -23.11
C LEU I 132 17.04 -12.27 -24.07
N ASP I 133 17.30 -13.49 -23.64
CA ASP I 133 17.08 -14.66 -24.46
C ASP I 133 16.55 -15.80 -23.60
N VAL I 134 15.60 -16.57 -24.14
CA VAL I 134 15.05 -17.75 -23.49
C VAL I 134 15.40 -18.95 -24.35
N LYS I 135 16.10 -19.92 -23.77
CA LYS I 135 16.52 -21.14 -24.47
C LYS I 135 15.98 -22.37 -23.75
N LYS I 136 15.35 -23.26 -24.50
CA LYS I 136 14.93 -24.56 -23.97
C LYS I 136 16.05 -25.57 -24.16
N VAL I 137 16.41 -26.27 -23.09
CA VAL I 137 17.41 -27.34 -23.13
C VAL I 137 16.85 -28.55 -22.40
N ALA I 138 17.52 -29.69 -22.60
CA ALA I 138 17.16 -30.89 -21.85
C ALA I 138 17.67 -30.80 -20.43
N ASP I 139 16.89 -31.34 -19.49
CA ASP I 139 17.40 -31.58 -18.16
C ASP I 139 18.07 -32.94 -18.17
N PRO I 140 19.37 -33.02 -17.91
CA PRO I 140 20.04 -34.33 -17.96
C PRO I 140 19.46 -35.35 -16.99
N GLU I 141 18.70 -34.91 -15.99
CA GLU I 141 18.05 -35.85 -15.09
C GLU I 141 16.66 -36.24 -15.52
N GLY I 142 16.18 -35.72 -16.63
CA GLY I 142 14.88 -36.04 -17.20
C GLY I 142 14.08 -34.75 -17.21
N GLY I 143 13.39 -34.51 -18.32
CA GLY I 143 12.60 -33.31 -18.45
C GLY I 143 13.32 -32.22 -19.21
N GLU I 144 12.89 -30.97 -18.96
CA GLU I 144 13.35 -29.83 -19.72
C GLU I 144 13.67 -28.68 -18.77
N ARG I 145 14.59 -27.81 -19.20
CA ARG I 145 14.97 -26.62 -18.45
C ARG I 145 14.93 -25.40 -19.35
N ALA I 146 14.72 -24.23 -18.74
CA ALA I 146 14.90 -22.96 -19.44
C ALA I 146 16.19 -22.32 -18.98
N VAL I 147 17.01 -21.90 -19.94
CA VAL I 147 18.21 -21.12 -19.67
C VAL I 147 17.90 -19.71 -20.16
N ILE I 148 17.72 -18.79 -19.23
CA ILE I 148 17.37 -17.41 -19.54
C ILE I 148 18.60 -16.56 -19.31
N THR I 149 19.05 -15.87 -20.37
CA THR I 149 20.28 -15.08 -20.34
C THR I 149 19.94 -13.60 -20.28
N LEU I 150 20.41 -12.94 -19.22
CA LEU I 150 20.33 -11.49 -19.07
C LEU I 150 21.71 -10.92 -19.37
N ASP I 151 21.81 -10.09 -20.41
CA ASP I 151 23.08 -9.62 -20.94
C ASP I 151 23.06 -8.10 -20.96
N GLY I 152 23.68 -7.47 -19.98
CA GLY I 152 23.63 -6.03 -19.84
C GLY I 152 25.00 -5.40 -19.67
N LYS I 153 25.14 -4.20 -20.23
CA LYS I 153 26.36 -3.41 -20.05
C LYS I 153 26.55 -2.97 -18.61
N TYR I 154 27.78 -3.05 -18.13
CA TYR I 154 28.15 -2.45 -16.85
C TYR I 154 28.35 -0.95 -17.04
N LEU I 155 27.62 -0.15 -16.26
CA LEU I 155 27.77 1.30 -16.25
C LEU I 155 28.33 1.71 -14.90
N PRO I 156 29.52 2.29 -14.82
CA PRO I 156 30.11 2.61 -13.53
C PRO I 156 29.53 3.86 -12.89
N THR I 157 29.50 3.82 -11.57
CA THR I 157 29.22 4.99 -10.75
C THR I 157 30.56 5.53 -10.27
N LYS I 158 30.93 6.70 -10.76
CA LYS I 158 32.20 7.32 -10.41
C LYS I 158 31.99 8.67 -9.74
N PRO I 159 32.92 9.10 -8.90
CA PRO I 159 32.82 10.43 -8.32
C PRO I 159 32.93 11.52 -9.38
N PHE I 160 32.43 12.70 -9.04
N PHE I 160 32.38 12.68 -9.05
CA PHE I 160 32.55 13.85 -9.92
CA PHE I 160 32.53 13.87 -9.87
C PHE I 160 32.76 15.14 -9.13
C PHE I 160 32.67 15.08 -8.96
N MET J 5 19.43 -31.23 7.79
CA MET J 5 19.09 -29.98 8.46
C MET J 5 17.57 -29.89 8.56
N ILE J 6 17.05 -29.87 9.79
CA ILE J 6 15.61 -29.75 10.02
C ILE J 6 15.25 -28.46 10.75
N GLN J 7 16.24 -27.63 11.08
CA GLN J 7 16.00 -26.38 11.80
C GLN J 7 15.76 -25.23 10.84
N SER J 8 14.80 -24.36 11.16
CA SER J 8 14.44 -23.28 10.25
C SER J 8 14.10 -22.01 11.03
N GLN J 9 14.22 -20.87 10.34
CA GLN J 9 13.94 -19.54 10.88
C GLN J 9 12.57 -19.03 10.45
N ILE J 10 12.02 -18.08 11.23
CA ILE J 10 10.72 -17.51 10.87
C ILE J 10 10.78 -15.99 10.80
N ASN J 11 11.89 -15.40 11.24
CA ASN J 11 12.05 -13.95 11.25
C ASN J 11 13.34 -13.60 10.53
N ARG J 12 13.22 -13.02 9.33
CA ARG J 12 14.42 -12.78 8.53
C ARG J 12 15.44 -11.88 9.22
N ASN J 13 15.01 -11.07 10.20
CA ASN J 13 15.91 -10.09 10.78
C ASN J 13 17.10 -10.73 11.49
N ILE J 14 16.94 -11.95 12.01
CA ILE J 14 18.05 -12.62 12.70
C ILE J 14 19.20 -12.87 11.74
N ARG J 15 18.92 -13.50 10.59
CA ARG J 15 19.98 -13.77 9.64
C ARG J 15 20.42 -12.51 8.90
N LEU J 16 19.54 -11.51 8.76
CA LEU J 16 19.97 -10.28 8.10
C LEU J 16 20.88 -9.44 9.00
N ASP J 17 20.63 -9.46 10.32
CA ASP J 17 21.59 -8.83 11.23
C ASP J 17 22.93 -9.53 11.18
N LEU J 18 22.92 -10.87 11.11
CA LEU J 18 24.17 -11.61 10.95
C LEU J 18 24.87 -11.21 9.65
N ALA J 19 24.12 -11.05 8.56
CA ALA J 19 24.72 -10.65 7.29
C ALA J 19 25.44 -9.32 7.43
N ASP J 20 24.86 -8.36 8.16
CA ASP J 20 25.53 -7.08 8.35
C ASP J 20 26.84 -7.26 9.09
N ALA J 21 26.85 -8.09 10.13
CA ALA J 21 28.08 -8.35 10.87
C ALA J 21 29.11 -9.03 9.98
N ILE J 22 28.66 -9.96 9.14
CA ILE J 22 29.54 -10.62 8.18
C ILE J 22 30.15 -9.61 7.22
N LEU J 23 29.34 -8.67 6.73
CA LEU J 23 29.85 -7.70 5.77
C LEU J 23 30.90 -6.80 6.40
N LEU J 24 30.72 -6.44 7.67
CA LEU J 24 31.71 -5.63 8.37
C LEU J 24 33.02 -6.39 8.50
N SER J 25 32.95 -7.63 9.00
CA SER J 25 34.15 -8.45 9.14
C SER J 25 34.84 -8.64 7.79
N LYS J 26 34.05 -8.94 6.75
CA LYS J 26 34.59 -9.09 5.41
C LYS J 26 35.30 -7.81 4.95
N ALA J 27 34.70 -6.65 5.21
CA ALA J 27 35.33 -5.39 4.83
C ALA J 27 36.64 -5.18 5.58
N LYS J 28 36.64 -5.45 6.88
CA LYS J 28 37.85 -5.25 7.68
C LYS J 28 38.96 -6.17 7.23
N LYS J 29 38.62 -7.37 6.78
CA LYS J 29 39.61 -8.34 6.34
C LYS J 29 39.94 -8.22 4.86
N ASP J 30 39.27 -7.31 4.12
CA ASP J 30 39.55 -7.08 2.71
C ASP J 30 39.31 -8.35 1.89
N LEU J 31 38.23 -9.07 2.22
CA LEU J 31 37.93 -10.34 1.57
C LEU J 31 36.87 -10.16 0.49
N SER J 32 36.96 -10.98 -0.54
CA SER J 32 35.97 -11.05 -1.59
C SER J 32 35.05 -12.24 -1.37
N PHE J 33 33.88 -12.19 -1.99
CA PHE J 33 32.96 -13.33 -1.92
C PHE J 33 33.56 -14.55 -2.61
N ALA J 34 34.30 -14.35 -3.70
CA ALA J 34 35.01 -15.45 -4.34
C ALA J 34 36.01 -16.09 -3.39
N GLU J 35 36.76 -15.26 -2.65
CA GLU J 35 37.71 -15.78 -1.67
C GLU J 35 37.02 -16.59 -0.59
N ILE J 36 35.88 -16.09 -0.10
CA ILE J 36 35.20 -16.75 1.01
C ILE J 36 34.66 -18.11 0.57
N ALA J 37 34.15 -18.18 -0.66
CA ALA J 37 33.58 -19.42 -1.17
C ALA J 37 34.64 -20.43 -1.58
N ASP J 38 35.88 -19.98 -1.80
CA ASP J 38 36.94 -20.88 -2.23
C ASP J 38 37.20 -21.93 -1.15
N GLY J 39 37.22 -23.20 -1.57
CA GLY J 39 37.43 -24.28 -0.64
C GLY J 39 36.16 -24.93 -0.12
N THR J 40 34.99 -24.34 -0.36
CA THR J 40 33.75 -24.94 0.07
C THR J 40 33.24 -26.00 -0.90
N GLY J 41 33.67 -25.95 -2.15
CA GLY J 41 33.09 -26.77 -3.19
C GLY J 41 31.73 -26.30 -3.67
N LEU J 42 31.32 -25.09 -3.30
CA LEU J 42 30.02 -24.57 -3.65
C LEU J 42 30.15 -23.32 -4.52
N ALA J 43 29.15 -23.08 -5.36
CA ALA J 43 29.17 -21.94 -6.27
C ALA J 43 29.16 -20.63 -5.48
N GLU J 44 29.87 -19.62 -6.02
CA GLU J 44 29.93 -18.34 -5.34
C GLU J 44 28.53 -17.73 -5.16
N ALA J 45 27.63 -17.94 -6.13
CA ALA J 45 26.28 -17.38 -5.96
C ALA J 45 25.57 -18.02 -4.78
N PHE J 46 25.77 -19.32 -4.56
CA PHE J 46 25.11 -20.00 -3.47
C PHE J 46 25.69 -19.60 -2.12
N VAL J 47 27.03 -19.56 -2.00
CA VAL J 47 27.65 -19.20 -0.74
C VAL J 47 27.33 -17.76 -0.38
N THR J 48 27.43 -16.86 -1.36
CA THR J 48 27.13 -15.46 -1.10
C THR J 48 25.70 -15.31 -0.61
N ALA J 49 24.76 -15.97 -1.28
CA ALA J 49 23.37 -15.88 -0.86
C ALA J 49 23.20 -16.37 0.58
N ALA J 50 23.93 -17.43 0.96
CA ALA J 50 23.84 -17.92 2.33
C ALA J 50 24.35 -16.88 3.32
N LEU J 51 25.51 -16.28 3.03
CA LEU J 51 26.02 -15.21 3.88
C LEU J 51 24.98 -14.10 4.04
N LEU J 52 24.27 -13.78 2.97
CA LEU J 52 23.27 -12.70 2.95
C LEU J 52 21.90 -13.16 3.42
N GLY J 53 21.78 -14.36 3.99
CA GLY J 53 20.56 -14.79 4.65
C GLY J 53 19.58 -15.56 3.81
N GLN J 54 19.95 -15.97 2.60
CA GLN J 54 18.99 -16.49 1.64
C GLN J 54 19.20 -17.96 1.27
N GLN J 55 20.20 -18.62 1.86
CA GLN J 55 20.41 -20.05 1.70
C GLN J 55 20.96 -20.58 3.01
N ALA J 56 20.99 -21.90 3.13
CA ALA J 56 21.56 -22.60 4.27
C ALA J 56 22.90 -23.22 3.86
N LEU J 57 23.92 -23.02 4.69
CA LEU J 57 25.19 -23.70 4.38
C LEU J 57 25.26 -25.06 5.04
N PRO J 58 25.80 -26.07 4.35
CA PRO J 58 26.16 -27.31 5.03
C PRO J 58 27.19 -27.04 6.11
N ALA J 59 27.26 -27.96 7.09
CA ALA J 59 28.05 -27.72 8.29
C ALA J 59 29.52 -27.45 7.97
N ASP J 60 30.09 -28.20 7.03
CA ASP J 60 31.51 -28.02 6.72
C ASP J 60 31.77 -26.66 6.10
N ALA J 61 30.91 -26.23 5.18
CA ALA J 61 31.10 -24.91 4.58
C ALA J 61 30.87 -23.81 5.62
N ALA J 62 29.91 -24.01 6.53
CA ALA J 62 29.66 -23.00 7.55
C ALA J 62 30.86 -22.84 8.47
N ARG J 63 31.51 -23.95 8.83
CA ARG J 63 32.71 -23.87 9.66
C ARG J 63 33.85 -23.21 8.90
N LEU J 64 33.98 -23.51 7.61
CA LEU J 64 35.06 -22.93 6.82
C LEU J 64 34.90 -21.40 6.72
N VAL J 65 33.75 -20.94 6.23
CA VAL J 65 33.57 -19.49 6.07
C VAL J 65 33.58 -18.81 7.43
N GLY J 66 33.11 -19.50 8.48
CA GLY J 66 33.10 -18.90 9.79
C GLY J 66 34.50 -18.66 10.33
N ALA J 67 35.43 -19.58 10.06
CA ALA J 67 36.81 -19.35 10.44
C ALA J 67 37.42 -18.19 9.67
N LYS J 68 37.13 -18.11 8.35
CA LYS J 68 37.68 -17.02 7.55
C LYS J 68 37.22 -15.66 8.06
N LEU J 69 35.98 -15.57 8.53
CA LEU J 69 35.37 -14.32 8.94
C LEU J 69 35.38 -14.11 10.44
N ASP J 70 35.95 -15.06 11.20
CA ASP J 70 36.06 -14.98 12.65
C ASP J 70 34.69 -14.84 13.31
N LEU J 71 33.80 -15.77 12.99
CA LEU J 71 32.45 -15.78 13.53
C LEU J 71 32.38 -16.63 14.79
N ASP J 72 31.50 -16.23 15.71
CA ASP J 72 31.32 -17.00 16.93
C ASP J 72 30.49 -18.26 16.63
N GLU J 73 30.34 -19.11 17.63
CA GLU J 73 29.71 -20.40 17.37
C GLU J 73 28.22 -20.24 17.08
N ASP J 74 27.55 -19.29 17.75
CA ASP J 74 26.13 -19.06 17.47
C ASP J 74 25.91 -18.65 16.03
N SER J 75 26.84 -17.86 15.48
CA SER J 75 26.71 -17.40 14.09
C SER J 75 26.98 -18.53 13.10
N ILE J 76 27.99 -19.37 13.38
CA ILE J 76 28.23 -20.51 12.51
C ILE J 76 27.02 -21.44 12.51
N LEU J 77 26.36 -21.60 13.66
CA LEU J 77 25.13 -22.38 13.69
C LEU J 77 24.03 -21.71 12.87
N LEU J 78 23.87 -20.39 13.04
CA LEU J 78 22.79 -19.69 12.34
C LEU J 78 22.91 -19.84 10.83
N LEU J 79 24.13 -19.84 10.30
CA LEU J 79 24.33 -19.98 8.86
C LEU J 79 23.83 -21.32 8.33
N GLN J 80 23.73 -22.34 9.19
CA GLN J 80 23.26 -23.65 8.76
C GLN J 80 21.74 -23.77 8.82
N MET J 81 21.07 -22.79 9.41
CA MET J 81 19.63 -22.84 9.58
C MET J 81 18.96 -22.54 8.24
N ILE J 82 17.82 -23.19 8.01
CA ILE J 82 17.04 -22.86 6.80
C ILE J 82 16.41 -21.48 6.99
N PRO J 83 16.61 -20.55 6.08
CA PRO J 83 16.21 -19.15 6.32
C PRO J 83 14.74 -18.90 6.03
N LEU J 84 14.28 -17.78 6.59
CA LEU J 84 13.07 -17.10 6.16
C LEU J 84 13.52 -16.16 5.05
N ARG J 85 13.29 -16.58 3.80
CA ARG J 85 13.90 -15.90 2.66
C ARG J 85 13.10 -14.67 2.25
N GLY J 86 13.79 -13.73 1.63
CA GLY J 86 13.22 -12.47 1.17
C GLY J 86 14.20 -11.35 1.46
N CYS J 87 14.98 -10.94 0.48
CA CYS J 87 16.05 -9.98 0.73
C CYS J 87 15.64 -8.54 0.50
N ILE J 88 14.50 -8.29 -0.14
CA ILE J 88 14.10 -6.94 -0.46
C ILE J 88 13.43 -6.33 0.76
N ASP J 89 13.88 -5.12 1.15
CA ASP J 89 13.35 -4.48 2.35
C ASP J 89 11.83 -4.36 2.29
N ASP J 90 11.28 -3.75 1.23
CA ASP J 90 9.84 -3.54 1.16
C ASP J 90 9.40 -3.68 -0.30
N ARG J 91 9.47 -4.93 -0.78
CA ARG J 91 8.84 -5.43 -2.01
C ARG J 91 9.48 -4.96 -3.32
N ILE J 92 9.75 -3.66 -3.46
CA ILE J 92 10.37 -3.11 -4.65
C ILE J 92 11.70 -2.51 -4.22
N PRO J 93 12.83 -2.89 -4.81
CA PRO J 93 14.11 -2.33 -4.36
C PRO J 93 14.19 -0.84 -4.60
N THR J 94 14.85 -0.13 -3.67
CA THR J 94 15.24 1.25 -3.93
C THR J 94 16.62 1.37 -4.55
N ASP J 95 17.49 0.40 -4.28
CA ASP J 95 18.87 0.49 -4.74
C ASP J 95 18.94 0.36 -6.25
N PRO J 96 19.62 1.27 -6.96
CA PRO J 96 19.66 1.19 -8.43
C PRO J 96 20.15 -0.15 -8.98
N THR J 97 21.20 -0.72 -8.39
CA THR J 97 21.75 -1.97 -8.89
C THR J 97 20.73 -3.09 -8.80
N MET J 98 20.03 -3.21 -7.67
CA MET J 98 18.98 -4.22 -7.62
C MET J 98 17.75 -3.82 -8.42
N TYR J 99 17.44 -2.52 -8.49
CA TYR J 99 16.23 -2.12 -9.19
C TYR J 99 16.25 -2.55 -10.65
N ARG J 100 17.42 -2.49 -11.30
CA ARG J 100 17.45 -2.82 -12.74
C ARG J 100 16.92 -4.22 -12.99
N PHE J 101 17.12 -5.15 -12.07
CA PHE J 101 16.62 -6.50 -12.26
C PHE J 101 15.11 -6.56 -12.07
N TYR J 102 14.56 -5.72 -11.19
CA TYR J 102 13.11 -5.55 -11.14
C TYR J 102 12.60 -4.92 -12.43
N GLU J 103 13.33 -3.94 -12.97
CA GLU J 103 12.88 -3.30 -14.20
C GLU J 103 12.82 -4.29 -15.36
N MET J 104 13.81 -5.21 -15.43
CA MET J 104 13.69 -6.23 -16.49
C MET J 104 12.42 -7.06 -16.35
N LEU J 105 11.90 -7.25 -15.14
CA LEU J 105 10.60 -7.90 -14.98
CA LEU J 105 10.60 -7.89 -15.00
C LEU J 105 9.47 -6.99 -15.47
N GLN J 106 9.53 -5.69 -15.18
CA GLN J 106 8.49 -4.80 -15.67
C GLN J 106 8.46 -4.74 -17.19
N VAL J 107 9.61 -4.88 -17.86
CA VAL J 107 9.64 -4.78 -19.32
C VAL J 107 9.37 -6.14 -19.97
N TYR J 108 9.99 -7.20 -19.44
CA TYR J 108 9.97 -8.51 -20.10
C TYR J 108 9.15 -9.56 -19.36
N GLY J 109 8.47 -9.23 -18.27
CA GLY J 109 7.76 -10.24 -17.50
C GLY J 109 6.72 -11.00 -18.31
N THR J 110 5.91 -10.28 -19.10
CA THR J 110 4.91 -10.97 -19.90
C THR J 110 5.54 -11.69 -21.10
N THR J 111 6.68 -11.20 -21.58
CA THR J 111 7.40 -11.91 -22.65
C THR J 111 7.98 -13.21 -22.13
N LEU J 112 8.52 -13.20 -20.92
CA LEU J 112 8.99 -14.44 -20.31
C LEU J 112 7.85 -15.45 -20.16
N LYS J 113 6.70 -15.00 -19.66
CA LYS J 113 5.54 -15.88 -19.57
C LYS J 113 5.18 -16.44 -20.94
N ALA J 114 5.10 -15.58 -21.94
CA ALA J 114 4.62 -15.97 -23.27
C ALA J 114 5.57 -16.97 -23.90
N LEU J 115 6.88 -16.70 -23.82
CA LEU J 115 7.83 -17.62 -24.45
C LEU J 115 7.96 -18.91 -23.66
N VAL J 116 7.82 -18.87 -22.33
CA VAL J 116 7.83 -20.13 -21.57
C VAL J 116 6.66 -21.00 -21.99
N HIS J 117 5.45 -20.43 -22.08
CA HIS J 117 4.32 -21.26 -22.47
C HIS J 117 4.45 -21.75 -23.91
N GLU J 118 5.09 -20.97 -24.78
CA GLU J 118 5.29 -21.39 -26.17
C GLU J 118 6.26 -22.55 -26.27
N LYS J 119 7.40 -22.46 -25.58
CA LYS J 119 8.45 -23.47 -25.73
C LYS J 119 8.18 -24.72 -24.91
N PHE J 120 7.54 -24.57 -23.74
CA PHE J 120 7.37 -25.67 -22.80
C PHE J 120 5.93 -26.08 -22.59
N GLY J 121 5.01 -25.14 -22.54
CA GLY J 121 3.61 -25.38 -22.24
C GLY J 121 3.18 -24.68 -20.96
N ASP J 122 1.98 -25.00 -20.52
CA ASP J 122 1.48 -24.44 -19.26
C ASP J 122 2.34 -24.93 -18.09
N GLY J 123 2.54 -24.05 -17.11
CA GLY J 123 3.36 -24.37 -15.97
C GLY J 123 4.33 -23.24 -15.69
N ILE J 124 5.49 -23.56 -15.11
CA ILE J 124 6.43 -22.55 -14.63
C ILE J 124 7.85 -22.98 -14.96
N ILE J 125 8.75 -22.00 -14.97
CA ILE J 125 10.16 -22.24 -14.76
C ILE J 125 10.43 -22.11 -13.27
N SER J 126 10.98 -23.17 -12.68
CA SER J 126 11.17 -23.26 -11.23
C SER J 126 12.17 -22.23 -10.72
N ALA J 127 11.86 -21.64 -9.57
CA ALA J 127 12.82 -20.86 -8.80
C ALA J 127 13.47 -21.68 -7.69
N ILE J 128 13.17 -22.98 -7.63
CA ILE J 128 13.68 -23.88 -6.61
C ILE J 128 14.66 -24.88 -7.21
N ASN J 129 14.24 -25.61 -8.24
CA ASN J 129 15.13 -26.42 -9.06
C ASN J 129 15.79 -25.44 -10.03
N PHE J 130 16.81 -24.75 -9.53
CA PHE J 130 17.22 -23.48 -10.10
C PHE J 130 18.63 -23.14 -9.66
N LYS J 131 19.41 -22.57 -10.58
CA LYS J 131 20.70 -21.99 -10.25
C LYS J 131 20.90 -20.74 -11.08
N LEU J 132 21.72 -19.84 -10.57
CA LEU J 132 22.14 -18.71 -11.38
C LEU J 132 23.63 -18.48 -11.22
N ASP J 133 24.18 -17.76 -12.19
CA ASP J 133 25.56 -17.35 -12.12
C ASP J 133 25.72 -16.03 -12.85
N VAL J 134 26.78 -15.32 -12.48
CA VAL J 134 27.12 -14.01 -13.00
C VAL J 134 28.51 -14.11 -13.60
N LYS J 135 28.64 -13.72 -14.86
CA LYS J 135 29.91 -13.76 -15.56
C LYS J 135 30.22 -12.38 -16.13
N LYS J 136 31.49 -11.98 -16.05
CA LYS J 136 31.96 -10.77 -16.70
C LYS J 136 32.53 -11.10 -18.07
N VAL J 137 32.09 -10.36 -19.09
CA VAL J 137 32.58 -10.53 -20.46
C VAL J 137 32.93 -9.15 -21.01
N ALA J 138 33.86 -9.14 -21.96
CA ALA J 138 34.21 -7.90 -22.62
C ALA J 138 33.12 -7.51 -23.61
N ASP J 139 32.85 -6.21 -23.70
CA ASP J 139 31.98 -5.69 -24.74
C ASP J 139 32.82 -5.41 -25.97
N PRO J 140 32.50 -5.99 -27.13
CA PRO J 140 33.26 -5.68 -28.36
C PRO J 140 33.30 -4.20 -28.69
N GLU J 141 32.29 -3.42 -28.28
CA GLU J 141 32.25 -1.99 -28.54
C GLU J 141 32.94 -1.18 -27.46
N GLY J 142 33.62 -1.83 -26.52
CA GLY J 142 34.33 -1.16 -25.44
C GLY J 142 33.58 -1.32 -24.14
N GLY J 143 34.32 -1.52 -23.07
CA GLY J 143 33.72 -1.71 -21.75
C GLY J 143 33.48 -3.18 -21.44
N GLU J 144 32.60 -3.39 -20.46
CA GLU J 144 32.35 -4.70 -19.89
C GLU J 144 30.85 -4.95 -19.79
N ARG J 145 30.46 -6.23 -19.84
CA ARG J 145 29.08 -6.65 -19.72
C ARG J 145 28.97 -7.74 -18.65
N ALA J 146 27.81 -7.82 -18.02
CA ALA J 146 27.48 -8.96 -17.17
C ALA J 146 26.53 -9.86 -17.93
N VAL J 147 26.85 -11.15 -17.96
CA VAL J 147 25.96 -12.18 -18.47
C VAL J 147 25.47 -12.96 -17.27
N ILE J 148 24.19 -12.78 -16.95
CA ILE J 148 23.56 -13.42 -15.80
C ILE J 148 22.68 -14.54 -16.34
N THR J 149 22.95 -15.77 -15.94
CA THR J 149 22.24 -16.93 -16.46
C THR J 149 21.29 -17.45 -15.39
N LEU J 150 20.00 -17.45 -15.71
CA LEU J 150 18.97 -18.06 -14.88
C LEU J 150 18.63 -19.42 -15.48
N ASP J 151 18.74 -20.47 -14.68
CA ASP J 151 18.63 -21.84 -15.19
C ASP J 151 17.69 -22.63 -14.29
N GLY J 152 16.46 -22.84 -14.75
CA GLY J 152 15.45 -23.48 -13.94
C GLY J 152 14.70 -24.57 -14.69
N LYS J 153 14.28 -25.59 -13.94
CA LYS J 153 13.53 -26.69 -14.53
C LYS J 153 12.11 -26.26 -14.89
N TYR J 154 11.63 -26.73 -16.03
CA TYR J 154 10.22 -26.55 -16.37
C TYR J 154 9.37 -27.54 -15.59
N LEU J 155 8.36 -27.04 -14.88
CA LEU J 155 7.40 -27.88 -14.18
C LEU J 155 6.04 -27.67 -14.81
N PRO J 156 5.42 -28.69 -15.38
CA PRO J 156 4.18 -28.48 -16.13
C PRO J 156 2.96 -28.38 -15.23
N THR J 157 1.99 -27.60 -15.70
CA THR J 157 0.66 -27.55 -15.14
C THR J 157 -0.23 -28.44 -15.99
N LYS J 158 -0.69 -29.53 -15.41
CA LYS J 158 -1.47 -30.54 -16.10
C LYS J 158 -2.88 -30.63 -15.53
N PRO J 159 -3.86 -30.97 -16.35
CA PRO J 159 -5.19 -31.29 -15.81
C PRO J 159 -5.13 -32.49 -14.87
N PHE J 160 -6.09 -32.55 -13.96
N PHE J 160 -6.07 -32.53 -13.95
CA PHE J 160 -6.23 -33.72 -13.09
CA PHE J 160 -6.26 -33.70 -13.09
C PHE J 160 -7.70 -34.02 -12.79
C PHE J 160 -7.75 -33.89 -12.85
#